data_6NIZ
# 
_entry.id   6NIZ 
# 
_audit_conform.dict_name       mmcif_pdbx.dic 
_audit_conform.dict_version    5.387 
_audit_conform.dict_location   http://mmcif.pdb.org/dictionaries/ascii/mmcif_pdbx.dic 
# 
loop_
_database_2.database_id 
_database_2.database_code 
_database_2.pdbx_database_accession 
_database_2.pdbx_DOI 
PDB   6NIZ         pdb_00006niz 10.2210/pdb6niz/pdb 
WWPDB D_1000238821 ?            ?                   
# 
loop_
_pdbx_audit_revision_history.ordinal 
_pdbx_audit_revision_history.data_content_type 
_pdbx_audit_revision_history.major_revision 
_pdbx_audit_revision_history.minor_revision 
_pdbx_audit_revision_history.revision_date 
1 'Structure model' 1 0 2019-01-16 
2 'Structure model' 1 1 2019-06-26 
3 'Structure model' 1 2 2019-07-31 
4 'Structure model' 1 3 2019-11-27 
5 'Structure model' 1 4 2024-03-13 
# 
_pdbx_audit_revision_details.ordinal             1 
_pdbx_audit_revision_details.revision_ordinal    1 
_pdbx_audit_revision_details.data_content_type   'Structure model' 
_pdbx_audit_revision_details.provider            repository 
_pdbx_audit_revision_details.type                'Initial release' 
_pdbx_audit_revision_details.description         ? 
_pdbx_audit_revision_details.details             ? 
# 
loop_
_pdbx_audit_revision_group.ordinal 
_pdbx_audit_revision_group.revision_ordinal 
_pdbx_audit_revision_group.data_content_type 
_pdbx_audit_revision_group.group 
1 2 'Structure model' 'Data collection'            
2 2 'Structure model' 'Database references'        
3 3 'Structure model' 'Data collection'            
4 3 'Structure model' 'Database references'        
5 4 'Structure model' 'Author supporting evidence' 
6 5 'Structure model' 'Data collection'            
7 5 'Structure model' 'Database references'        
8 5 'Structure model' 'Derived calculations'       
# 
loop_
_pdbx_audit_revision_category.ordinal 
_pdbx_audit_revision_category.revision_ordinal 
_pdbx_audit_revision_category.data_content_type 
_pdbx_audit_revision_category.category 
1 2 'Structure model' citation               
2 3 'Structure model' citation               
3 3 'Structure model' citation_author        
4 4 'Structure model' pdbx_audit_support     
5 5 'Structure model' chem_comp_atom         
6 5 'Structure model' chem_comp_bond         
7 5 'Structure model' database_2             
8 5 'Structure model' pdbx_struct_conn_angle 
9 5 'Structure model' struct_conn            
# 
loop_
_pdbx_audit_revision_item.ordinal 
_pdbx_audit_revision_item.revision_ordinal 
_pdbx_audit_revision_item.data_content_type 
_pdbx_audit_revision_item.item 
1  2 'Structure model' '_citation.journal_abbrev'                    
2  2 'Structure model' '_citation.title'                             
3  2 'Structure model' '_citation.year'                              
4  3 'Structure model' '_citation.journal_volume'                    
5  3 'Structure model' '_citation.page_first'                        
6  3 'Structure model' '_citation.page_last'                         
7  3 'Structure model' '_citation_author.identifier_ORCID'           
8  4 'Structure model' '_pdbx_audit_support.funding_organization'    
9  5 'Structure model' '_database_2.pdbx_DOI'                        
10 5 'Structure model' '_database_2.pdbx_database_accession'         
11 5 'Structure model' '_pdbx_struct_conn_angle.ptnr1_auth_asym_id'  
12 5 'Structure model' '_pdbx_struct_conn_angle.ptnr1_auth_comp_id'  
13 5 'Structure model' '_pdbx_struct_conn_angle.ptnr1_auth_seq_id'   
14 5 'Structure model' '_pdbx_struct_conn_angle.ptnr1_label_asym_id' 
15 5 'Structure model' '_pdbx_struct_conn_angle.ptnr1_label_atom_id' 
16 5 'Structure model' '_pdbx_struct_conn_angle.ptnr1_label_comp_id' 
17 5 'Structure model' '_pdbx_struct_conn_angle.ptnr1_label_seq_id'  
18 5 'Structure model' '_pdbx_struct_conn_angle.ptnr2_auth_asym_id'  
19 5 'Structure model' '_pdbx_struct_conn_angle.ptnr2_auth_seq_id'   
20 5 'Structure model' '_pdbx_struct_conn_angle.ptnr2_label_asym_id' 
21 5 'Structure model' '_pdbx_struct_conn_angle.ptnr2_symmetry'      
22 5 'Structure model' '_pdbx_struct_conn_angle.ptnr3_auth_asym_id'  
23 5 'Structure model' '_pdbx_struct_conn_angle.ptnr3_auth_comp_id'  
24 5 'Structure model' '_pdbx_struct_conn_angle.ptnr3_auth_seq_id'   
25 5 'Structure model' '_pdbx_struct_conn_angle.ptnr3_label_asym_id' 
26 5 'Structure model' '_pdbx_struct_conn_angle.ptnr3_label_atom_id' 
27 5 'Structure model' '_pdbx_struct_conn_angle.ptnr3_label_comp_id' 
28 5 'Structure model' '_pdbx_struct_conn_angle.ptnr3_label_seq_id'  
29 5 'Structure model' '_pdbx_struct_conn_angle.ptnr3_symmetry'      
30 5 'Structure model' '_pdbx_struct_conn_angle.value'               
31 5 'Structure model' '_struct_conn.pdbx_dist_value'                
32 5 'Structure model' '_struct_conn.ptnr1_auth_asym_id'             
33 5 'Structure model' '_struct_conn.ptnr1_auth_comp_id'             
34 5 'Structure model' '_struct_conn.ptnr1_auth_seq_id'              
35 5 'Structure model' '_struct_conn.ptnr1_label_asym_id'            
36 5 'Structure model' '_struct_conn.ptnr1_label_atom_id'            
37 5 'Structure model' '_struct_conn.ptnr1_label_comp_id'            
38 5 'Structure model' '_struct_conn.ptnr1_label_seq_id'             
39 5 'Structure model' '_struct_conn.ptnr1_symmetry'                 
40 5 'Structure model' '_struct_conn.ptnr2_auth_asym_id'             
41 5 'Structure model' '_struct_conn.ptnr2_auth_comp_id'             
42 5 'Structure model' '_struct_conn.ptnr2_auth_seq_id'              
43 5 'Structure model' '_struct_conn.ptnr2_label_asym_id'            
44 5 'Structure model' '_struct_conn.ptnr2_label_atom_id'            
45 5 'Structure model' '_struct_conn.ptnr2_label_comp_id'            
46 5 'Structure model' '_struct_conn.ptnr2_label_seq_id'             
47 5 'Structure model' '_struct_conn.ptnr2_symmetry'                 
# 
_pdbx_database_status.status_code                     REL 
_pdbx_database_status.status_code_sf                  REL 
_pdbx_database_status.status_code_mr                  ? 
_pdbx_database_status.entry_id                        6NIZ 
_pdbx_database_status.recvd_initial_deposition_date   2019-01-02 
_pdbx_database_status.SG_entry                        N 
_pdbx_database_status.deposit_site                    RCSB 
_pdbx_database_status.process_site                    RCSB 
_pdbx_database_status.status_code_cs                  ? 
_pdbx_database_status.methods_development_category    ? 
_pdbx_database_status.pdb_format_compatible           Y 
_pdbx_database_status.status_code_nmr_data            ? 
# 
loop_
_audit_author.name 
_audit_author.pdbx_ordinal 
_audit_author.identifier_ORCID 
'Lieberman, R.L.' 1 0000-0001-9345-3735 
'Huard, D.J.E.'   2 0000-0003-0891-4360 
# 
_citation.abstract                  ? 
_citation.abstract_id_CAS           ? 
_citation.book_id_ISBN              ? 
_citation.book_publisher            ? 
_citation.book_publisher_city       ? 
_citation.book_title                ? 
_citation.coordinate_linkage        ? 
_citation.country                   US 
_citation.database_id_Medline       ? 
_citation.details                   ? 
_citation.id                        primary 
_citation.journal_abbrev            J.Am.Chem.Soc. 
_citation.journal_id_ASTM           JACSAT 
_citation.journal_id_CSD            ? 
_citation.journal_id_ISSN           1520-5126 
_citation.journal_full              ? 
_citation.journal_issue             ? 
_citation.journal_volume            141 
_citation.language                  ? 
_citation.page_first                11465 
_citation.page_last                 11470 
_citation.title                     'Atomic Structure of a Fluorescent Ag8Cluster Templated by a Multistranded DNA Scaffold.' 
_citation.year                      2019 
_citation.database_id_CSD           ? 
_citation.pdbx_database_id_DOI      10.1021/jacs.8b12203 
_citation.pdbx_database_id_PubMed   30562465 
_citation.unpublished_flag          ? 
# 
loop_
_citation_author.citation_id 
_citation_author.name 
_citation_author.ordinal 
_citation_author.identifier_ORCID 
primary 'Huard, D.J.E.'   1 ?                   
primary 'Demissie, A.'    2 ?                   
primary 'Kim, D.'         3 ?                   
primary 'Lewis, D.'       4 ?                   
primary 'Dickson, R.M.'   5 ?                   
primary 'Petty, J.T.'     6 0000-0003-0149-5335 
primary 'Lieberman, R.L.' 7 0000-0001-9345-3735 
# 
loop_
_entity.id 
_entity.type 
_entity.src_method 
_entity.pdbx_description 
_entity.formula_weight 
_entity.pdbx_number_of_molecules 
_entity.pdbx_ec 
_entity.pdbx_mutation 
_entity.pdbx_fragment 
_entity.details 
1 polymer     syn 
;DNA (5'-D(*AP*AP*CP*CP*CP*CP)-3')
;
1738.183 2  ? ? ? ? 
2 non-polymer syn 'SILVER ION'                        107.868  12 ? ? ? ? 
3 water       nat water                               18.015   23 ? ? ? ? 
# 
_entity_poly.entity_id                      1 
_entity_poly.type                           polydeoxyribonucleotide 
_entity_poly.nstd_linkage                   no 
_entity_poly.nstd_monomer                   no 
_entity_poly.pdbx_seq_one_letter_code       '(DA)(DA)(DC)(DC)(DC)(DC)' 
_entity_poly.pdbx_seq_one_letter_code_can   AACCCC 
_entity_poly.pdbx_strand_id                 A,B 
_entity_poly.pdbx_target_identifier         ? 
# 
loop_
_pdbx_entity_nonpoly.entity_id 
_pdbx_entity_nonpoly.name 
_pdbx_entity_nonpoly.comp_id 
2 'SILVER ION' AG  
3 water        HOH 
# 
loop_
_entity_poly_seq.entity_id 
_entity_poly_seq.num 
_entity_poly_seq.mon_id 
_entity_poly_seq.hetero 
1 1 DA n 
1 2 DA n 
1 3 DC n 
1 4 DC n 
1 5 DC n 
1 6 DC n 
# 
_pdbx_entity_src_syn.entity_id              1 
_pdbx_entity_src_syn.pdbx_src_id            1 
_pdbx_entity_src_syn.pdbx_alt_source_flag   sample 
_pdbx_entity_src_syn.pdbx_beg_seq_num       1 
_pdbx_entity_src_syn.pdbx_end_seq_num       6 
_pdbx_entity_src_syn.organism_scientific    'synthetic construct' 
_pdbx_entity_src_syn.organism_common_name   ? 
_pdbx_entity_src_syn.ncbi_taxonomy_id       32630 
_pdbx_entity_src_syn.details                ? 
# 
loop_
_chem_comp.id 
_chem_comp.type 
_chem_comp.mon_nstd_flag 
_chem_comp.name 
_chem_comp.pdbx_synonyms 
_chem_comp.formula 
_chem_comp.formula_weight 
AG  non-polymer   . 'SILVER ION'                         ? 'Ag 1'            107.868 
DA  'DNA linking' y "2'-DEOXYADENOSINE-5'-MONOPHOSPHATE" ? 'C10 H14 N5 O6 P' 331.222 
DC  'DNA linking' y "2'-DEOXYCYTIDINE-5'-MONOPHOSPHATE"  ? 'C9 H14 N3 O7 P'  307.197 
HOH non-polymer   . WATER                                ? 'H2 O'            18.015  
# 
loop_
_pdbx_poly_seq_scheme.asym_id 
_pdbx_poly_seq_scheme.entity_id 
_pdbx_poly_seq_scheme.seq_id 
_pdbx_poly_seq_scheme.mon_id 
_pdbx_poly_seq_scheme.ndb_seq_num 
_pdbx_poly_seq_scheme.pdb_seq_num 
_pdbx_poly_seq_scheme.auth_seq_num 
_pdbx_poly_seq_scheme.pdb_mon_id 
_pdbx_poly_seq_scheme.auth_mon_id 
_pdbx_poly_seq_scheme.pdb_strand_id 
_pdbx_poly_seq_scheme.pdb_ins_code 
_pdbx_poly_seq_scheme.hetero 
A 1 1 DA 1 1 1 DA DA A . n 
A 1 2 DA 2 2 2 DA DA A . n 
A 1 3 DC 3 3 3 DC DC A . n 
A 1 4 DC 4 4 4 DC DC A . n 
A 1 5 DC 5 5 5 DC DC A . n 
A 1 6 DC 6 6 6 DC DC A . n 
B 1 1 DA 1 1 1 DA DA B . n 
B 1 2 DA 2 2 2 DA DA B . n 
B 1 3 DC 3 3 3 DC DC B . n 
B 1 4 DC 4 4 4 DC DC B . n 
B 1 5 DC 5 5 5 DC DC B . n 
B 1 6 DC 6 6 6 DC DC B . n 
# 
loop_
_pdbx_nonpoly_scheme.asym_id 
_pdbx_nonpoly_scheme.entity_id 
_pdbx_nonpoly_scheme.mon_id 
_pdbx_nonpoly_scheme.ndb_seq_num 
_pdbx_nonpoly_scheme.pdb_seq_num 
_pdbx_nonpoly_scheme.auth_seq_num 
_pdbx_nonpoly_scheme.pdb_mon_id 
_pdbx_nonpoly_scheme.auth_mon_id 
_pdbx_nonpoly_scheme.pdb_strand_id 
_pdbx_nonpoly_scheme.pdb_ins_code 
C 2 AG  1  101 7  AG  AG  A . 
D 2 AG  1  102 6  AG  AG  A . 
E 2 AG  1  103 4  AG  AG  A . 
F 2 AG  1  104 11 AG  AG  A . 
G 2 AG  1  105 1  AG  AG  A . 
H 2 AG  1  106 2  AG  AG  A . 
I 2 AG  1  107 10 AG  AG  A . 
J 2 AG  1  101 8  AG  AG  B . 
K 2 AG  1  102 5  AG  AG  B . 
L 2 AG  1  103 3  AG  AG  B . 
M 2 AG  1  104 9  AG  AG  B . 
N 2 AG  1  105 12 AG  AG  B . 
O 3 HOH 1  201 20 HOH HOH A . 
O 3 HOH 2  202 1  HOH HOH A . 
O 3 HOH 3  203 29 HOH HOH A . 
O 3 HOH 4  204 10 HOH HOH A . 
O 3 HOH 5  205 2  HOH HOH A . 
O 3 HOH 6  206 6  HOH HOH A . 
O 3 HOH 7  207 5  HOH HOH A . 
O 3 HOH 8  208 13 HOH HOH A . 
O 3 HOH 9  209 17 HOH HOH A . 
O 3 HOH 10 210 11 HOH HOH A . 
O 3 HOH 11 211 8  HOH HOH A . 
O 3 HOH 12 212 9  HOH HOH A . 
P 3 HOH 1  201 31 HOH HOH B . 
P 3 HOH 2  202 7  HOH HOH B . 
P 3 HOH 3  203 15 HOH HOH B . 
P 3 HOH 4  204 33 HOH HOH B . 
P 3 HOH 5  205 18 HOH HOH B . 
P 3 HOH 6  206 14 HOH HOH B . 
P 3 HOH 7  207 3  HOH HOH B . 
P 3 HOH 8  208 4  HOH HOH B . 
P 3 HOH 9  209 32 HOH HOH B . 
P 3 HOH 10 210 12 HOH HOH B . 
P 3 HOH 11 211 16 HOH HOH B . 
# 
loop_
_software.citation_id 
_software.classification 
_software.compiler_name 
_software.compiler_version 
_software.contact_author 
_software.contact_author_email 
_software.date 
_software.description 
_software.dependencies 
_software.hardware 
_software.language 
_software.location 
_software.mods 
_software.name 
_software.os 
_software.os_version 
_software.type 
_software.version 
_software.pdbx_ordinal 
? refinement       ? ? ? ? ? ? ? ? ? ? ? PHENIX ? ? ? '(1.10.1_2155: ???)' 1 
? 'data reduction' ? ? ? ? ? ? ? ? ? ? ? XDS    ? ? ? .                    2 
? 'data scaling'   ? ? ? ? ? ? ? ? ? ? ? XSCALE ? ? ? .                    3 
? phasing          ? ? ? ? ? ? ? ? ? ? ? PHASER ? ? ? .                    4 
# 
_cell.angle_alpha                  90.00 
_cell.angle_alpha_esd              ? 
_cell.angle_beta                   90.00 
_cell.angle_beta_esd               ? 
_cell.angle_gamma                  90.00 
_cell.angle_gamma_esd              ? 
_cell.entry_id                     6NIZ 
_cell.details                      ? 
_cell.formula_units_Z              ? 
_cell.length_a                     33.290 
_cell.length_a_esd                 ? 
_cell.length_b                     33.290 
_cell.length_b_esd                 ? 
_cell.length_c                     62.010 
_cell.length_c_esd                 ? 
_cell.volume                       ? 
_cell.volume_esd                   ? 
_cell.Z_PDB                        16 
_cell.reciprocal_angle_alpha       ? 
_cell.reciprocal_angle_beta        ? 
_cell.reciprocal_angle_gamma       ? 
_cell.reciprocal_angle_alpha_esd   ? 
_cell.reciprocal_angle_beta_esd    ? 
_cell.reciprocal_angle_gamma_esd   ? 
_cell.reciprocal_length_a          ? 
_cell.reciprocal_length_b          ? 
_cell.reciprocal_length_c          ? 
_cell.reciprocal_length_a_esd      ? 
_cell.reciprocal_length_b_esd      ? 
_cell.reciprocal_length_c_esd      ? 
_cell.pdbx_unique_axis             ? 
# 
_symmetry.entry_id                         6NIZ 
_symmetry.cell_setting                     ? 
_symmetry.Int_Tables_number                92 
_symmetry.space_group_name_Hall            ? 
_symmetry.space_group_name_H-M             'P 41 21 2' 
_symmetry.pdbx_full_space_group_name_H-M   ? 
# 
_exptl.absorpt_coefficient_mu     ? 
_exptl.absorpt_correction_T_max   ? 
_exptl.absorpt_correction_T_min   ? 
_exptl.absorpt_correction_type    ? 
_exptl.absorpt_process_details    ? 
_exptl.entry_id                   6NIZ 
_exptl.crystals_number            1 
_exptl.details                    ? 
_exptl.method                     'X-RAY DIFFRACTION' 
_exptl.method_details             ? 
# 
_exptl_crystal.colour                      ? 
_exptl_crystal.density_diffrn              ? 
_exptl_crystal.density_Matthews            2.47 
_exptl_crystal.density_method              ? 
_exptl_crystal.density_percent_sol         50.22 
_exptl_crystal.description                 ? 
_exptl_crystal.F_000                       ? 
_exptl_crystal.id                          1 
_exptl_crystal.preparation                 ? 
_exptl_crystal.size_max                    ? 
_exptl_crystal.size_mid                    ? 
_exptl_crystal.size_min                    ? 
_exptl_crystal.size_rad                    ? 
_exptl_crystal.colour_lustre               ? 
_exptl_crystal.colour_modifier             ? 
_exptl_crystal.colour_primary              ? 
_exptl_crystal.density_meas                ? 
_exptl_crystal.density_meas_esd            ? 
_exptl_crystal.density_meas_gt             ? 
_exptl_crystal.density_meas_lt             ? 
_exptl_crystal.density_meas_temp           ? 
_exptl_crystal.density_meas_temp_esd       ? 
_exptl_crystal.density_meas_temp_gt        ? 
_exptl_crystal.density_meas_temp_lt        ? 
_exptl_crystal.pdbx_crystal_image_url      ? 
_exptl_crystal.pdbx_crystal_image_format   ? 
_exptl_crystal.pdbx_mosaicity              ? 
_exptl_crystal.pdbx_mosaicity_esd          ? 
# 
_exptl_crystal_grow.apparatus       ? 
_exptl_crystal_grow.atmosphere      ? 
_exptl_crystal_grow.crystal_id      1 
_exptl_crystal_grow.details         ? 
_exptl_crystal_grow.method          'VAPOR DIFFUSION, HANGING DROP' 
_exptl_crystal_grow.method_ref      ? 
_exptl_crystal_grow.pH              ? 
_exptl_crystal_grow.pressure        ? 
_exptl_crystal_grow.pressure_esd    ? 
_exptl_crystal_grow.seeding         ? 
_exptl_crystal_grow.seeding_ref     ? 
_exptl_crystal_grow.temp            298 
_exptl_crystal_grow.temp_details    ? 
_exptl_crystal_grow.temp_esd        ? 
_exptl_crystal_grow.time            ? 
_exptl_crystal_grow.pdbx_details    '1.5 mM DNA, 9 mM silver nitrate, 70 mM sodium cacodylate (pH 6.0)' 
_exptl_crystal_grow.pdbx_pH_range   ? 
# 
_diffrn.ambient_environment              ? 
_diffrn.ambient_temp                     295.15 
_diffrn.ambient_temp_details             ? 
_diffrn.ambient_temp_esd                 ? 
_diffrn.crystal_id                       1 
_diffrn.crystal_support                  ? 
_diffrn.crystal_treatment                ? 
_diffrn.details                          ? 
_diffrn.id                               1 
_diffrn.ambient_pressure                 ? 
_diffrn.ambient_pressure_esd             ? 
_diffrn.ambient_pressure_gt              ? 
_diffrn.ambient_pressure_lt              ? 
_diffrn.ambient_temp_gt                  ? 
_diffrn.ambient_temp_lt                  ? 
_diffrn.pdbx_serial_crystal_experiment   N 
# 
_diffrn_detector.details                      ? 
_diffrn_detector.detector                     PIXEL 
_diffrn_detector.diffrn_id                    1 
_diffrn_detector.type                         'DECTRIS EIGER X 16M' 
_diffrn_detector.area_resol_mean              ? 
_diffrn_detector.dtime                        ? 
_diffrn_detector.pdbx_frames_total            ? 
_diffrn_detector.pdbx_collection_time_total   ? 
_diffrn_detector.pdbx_collection_date         2018-06-29 
_diffrn_detector.pdbx_frequency               ? 
# 
_diffrn_radiation.collimation                      ? 
_diffrn_radiation.diffrn_id                        1 
_diffrn_radiation.filter_edge                      ? 
_diffrn_radiation.inhomogeneity                    ? 
_diffrn_radiation.monochromator                    ? 
_diffrn_radiation.polarisn_norm                    ? 
_diffrn_radiation.polarisn_ratio                   ? 
_diffrn_radiation.probe                            ? 
_diffrn_radiation.type                             ? 
_diffrn_radiation.xray_symbol                      ? 
_diffrn_radiation.wavelength_id                    1 
_diffrn_radiation.pdbx_monochromatic_or_laue_m_l   M 
_diffrn_radiation.pdbx_wavelength_list             ? 
_diffrn_radiation.pdbx_wavelength                  ? 
_diffrn_radiation.pdbx_diffrn_protocol             'SINGLE WAVELENGTH' 
_diffrn_radiation.pdbx_analyzer                    ? 
_diffrn_radiation.pdbx_scattering_type             x-ray 
# 
_diffrn_radiation_wavelength.id           1 
_diffrn_radiation_wavelength.wavelength   0.80 
_diffrn_radiation_wavelength.wt           1.0 
# 
_diffrn_source.current                     ? 
_diffrn_source.details                     ? 
_diffrn_source.diffrn_id                   1 
_diffrn_source.power                       ? 
_diffrn_source.size                        ? 
_diffrn_source.source                      SYNCHROTRON 
_diffrn_source.target                      ? 
_diffrn_source.type                        'APS BEAMLINE 22-ID' 
_diffrn_source.voltage                     ? 
_diffrn_source.take-off_angle              ? 
_diffrn_source.pdbx_wavelength_list        0.80 
_diffrn_source.pdbx_wavelength             ? 
_diffrn_source.pdbx_synchrotron_beamline   22-ID 
_diffrn_source.pdbx_synchrotron_site       APS 
# 
_reflns.B_iso_Wilson_estimate            ? 
_reflns.entry_id                         6NIZ 
_reflns.data_reduction_details           ? 
_reflns.data_reduction_method            ? 
_reflns.d_resolution_high                0.93 
_reflns.d_resolution_low                 23.54 
_reflns.details                          ? 
_reflns.limit_h_max                      ? 
_reflns.limit_h_min                      ? 
_reflns.limit_k_max                      ? 
_reflns.limit_k_min                      ? 
_reflns.limit_l_max                      ? 
_reflns.limit_l_min                      ? 
_reflns.number_all                       ? 
_reflns.number_obs                       24092 
_reflns.observed_criterion               ? 
_reflns.observed_criterion_F_max         ? 
_reflns.observed_criterion_F_min         ? 
_reflns.observed_criterion_I_max         ? 
_reflns.observed_criterion_I_min         ? 
_reflns.observed_criterion_sigma_F       ? 
_reflns.observed_criterion_sigma_I       ? 
_reflns.percent_possible_obs             100.0 
_reflns.R_free_details                   ? 
_reflns.Rmerge_F_all                     ? 
_reflns.Rmerge_F_obs                     ? 
_reflns.Friedel_coverage                 ? 
_reflns.number_gt                        ? 
_reflns.threshold_expression             ? 
_reflns.pdbx_redundancy                  22.6 
_reflns.pdbx_Rmerge_I_obs                0.079 
_reflns.pdbx_Rmerge_I_all                ? 
_reflns.pdbx_Rsym_value                  ? 
_reflns.pdbx_netI_over_av_sigmaI         ? 
_reflns.pdbx_netI_over_sigmaI            23.8 
_reflns.pdbx_res_netI_over_av_sigmaI_2   ? 
_reflns.pdbx_res_netI_over_sigmaI_2      ? 
_reflns.pdbx_chi_squared                 ? 
_reflns.pdbx_scaling_rejects             ? 
_reflns.pdbx_d_res_high_opt              ? 
_reflns.pdbx_d_res_low_opt               ? 
_reflns.pdbx_d_res_opt_method            ? 
_reflns.phase_calculation_details        ? 
_reflns.pdbx_Rrim_I_all                  ? 
_reflns.pdbx_Rpim_I_all                  ? 
_reflns.pdbx_d_opt                       ? 
_reflns.pdbx_number_measured_all         ? 
_reflns.pdbx_diffrn_id                   1 
_reflns.pdbx_ordinal                     1 
_reflns.pdbx_CC_half                     ? 
_reflns.pdbx_R_split                     ? 
# 
_reflns_shell.d_res_high                  0.93 
_reflns_shell.d_res_low                   0.96 
_reflns_shell.meanI_over_sigI_all         ? 
_reflns_shell.meanI_over_sigI_obs         ? 
_reflns_shell.number_measured_all         ? 
_reflns_shell.number_measured_obs         ? 
_reflns_shell.number_possible             ? 
_reflns_shell.number_unique_all           ? 
_reflns_shell.number_unique_obs           ? 
_reflns_shell.percent_possible_all        100.0 
_reflns_shell.percent_possible_obs        ? 
_reflns_shell.Rmerge_F_all                ? 
_reflns_shell.Rmerge_F_obs                ? 
_reflns_shell.Rmerge_I_all                ? 
_reflns_shell.Rmerge_I_obs                0.51 
_reflns_shell.meanI_over_sigI_gt          ? 
_reflns_shell.meanI_over_uI_all           ? 
_reflns_shell.meanI_over_uI_gt            ? 
_reflns_shell.number_measured_gt          ? 
_reflns_shell.number_unique_gt            ? 
_reflns_shell.percent_possible_gt         ? 
_reflns_shell.Rmerge_F_gt                 ? 
_reflns_shell.Rmerge_I_gt                 ? 
_reflns_shell.pdbx_redundancy             12.0 
_reflns_shell.pdbx_Rsym_value             ? 
_reflns_shell.pdbx_chi_squared            ? 
_reflns_shell.pdbx_netI_over_sigmaI_all   ? 
_reflns_shell.pdbx_netI_over_sigmaI_obs   ? 
_reflns_shell.pdbx_Rrim_I_all             ? 
_reflns_shell.pdbx_Rpim_I_all             ? 
_reflns_shell.pdbx_rejects                ? 
_reflns_shell.pdbx_ordinal                1 
_reflns_shell.pdbx_diffrn_id              1 
_reflns_shell.pdbx_CC_half                ? 
_reflns_shell.pdbx_R_split                ? 
# 
_refine.aniso_B[1][1]                            ? 
_refine.aniso_B[1][2]                            ? 
_refine.aniso_B[1][3]                            ? 
_refine.aniso_B[2][2]                            ? 
_refine.aniso_B[2][3]                            ? 
_refine.aniso_B[3][3]                            ? 
_refine.B_iso_max                                ? 
_refine.B_iso_mean                               ? 
_refine.B_iso_min                                ? 
_refine.correlation_coeff_Fo_to_Fc               ? 
_refine.correlation_coeff_Fo_to_Fc_free          ? 
_refine.details                                  ? 
_refine.diff_density_max                         ? 
_refine.diff_density_max_esd                     ? 
_refine.diff_density_min                         ? 
_refine.diff_density_min_esd                     ? 
_refine.diff_density_rms                         ? 
_refine.diff_density_rms_esd                     ? 
_refine.entry_id                                 6NIZ 
_refine.pdbx_refine_id                           'X-RAY DIFFRACTION' 
_refine.ls_abs_structure_details                 ? 
_refine.ls_abs_structure_Flack                   ? 
_refine.ls_abs_structure_Flack_esd               ? 
_refine.ls_abs_structure_Rogers                  ? 
_refine.ls_abs_structure_Rogers_esd              ? 
_refine.ls_d_res_high                            0.930 
_refine.ls_d_res_low                             23.540 
_refine.ls_extinction_coef                       ? 
_refine.ls_extinction_coef_esd                   ? 
_refine.ls_extinction_expression                 ? 
_refine.ls_extinction_method                     ? 
_refine.ls_goodness_of_fit_all                   ? 
_refine.ls_goodness_of_fit_all_esd               ? 
_refine.ls_goodness_of_fit_obs                   ? 
_refine.ls_goodness_of_fit_obs_esd               ? 
_refine.ls_hydrogen_treatment                    ? 
_refine.ls_matrix_type                           ? 
_refine.ls_number_constraints                    ? 
_refine.ls_number_parameters                     ? 
_refine.ls_number_reflns_all                     ? 
_refine.ls_number_reflns_obs                     44381 
_refine.ls_number_reflns_R_free                  3667 
_refine.ls_number_reflns_R_work                  ? 
_refine.ls_number_restraints                     ? 
_refine.ls_percent_reflns_obs                    99.17 
_refine.ls_percent_reflns_R_free                 8.26 
_refine.ls_R_factor_all                          ? 
_refine.ls_R_factor_obs                          0.0827 
_refine.ls_R_factor_R_free                       0.0912 
_refine.ls_R_factor_R_free_error                 ? 
_refine.ls_R_factor_R_free_error_details         ? 
_refine.ls_R_factor_R_work                       0.0819 
_refine.ls_R_Fsqd_factor_obs                     ? 
_refine.ls_R_I_factor_obs                        ? 
_refine.ls_redundancy_reflns_all                 ? 
_refine.ls_redundancy_reflns_obs                 ? 
_refine.ls_restrained_S_all                      ? 
_refine.ls_restrained_S_obs                      ? 
_refine.ls_shift_over_esd_max                    ? 
_refine.ls_shift_over_esd_mean                   ? 
_refine.ls_structure_factor_coef                 ? 
_refine.ls_weighting_details                     ? 
_refine.ls_weighting_scheme                      ? 
_refine.ls_wR_factor_all                         ? 
_refine.ls_wR_factor_obs                         ? 
_refine.ls_wR_factor_R_free                      ? 
_refine.ls_wR_factor_R_work                      ? 
_refine.occupancy_max                            ? 
_refine.occupancy_min                            ? 
_refine.solvent_model_details                    ? 
_refine.solvent_model_param_bsol                 ? 
_refine.solvent_model_param_ksol                 ? 
_refine.ls_R_factor_gt                           ? 
_refine.ls_goodness_of_fit_gt                    ? 
_refine.ls_goodness_of_fit_ref                   ? 
_refine.ls_shift_over_su_max                     ? 
_refine.ls_shift_over_su_max_lt                  ? 
_refine.ls_shift_over_su_mean                    ? 
_refine.ls_shift_over_su_mean_lt                 ? 
_refine.pdbx_ls_sigma_I                          ? 
_refine.pdbx_ls_sigma_F                          1.37 
_refine.pdbx_ls_sigma_Fsqd                       ? 
_refine.pdbx_data_cutoff_high_absF               ? 
_refine.pdbx_data_cutoff_high_rms_absF           ? 
_refine.pdbx_data_cutoff_low_absF                ? 
_refine.pdbx_isotropic_thermal_model             ? 
_refine.pdbx_ls_cross_valid_method               'FREE R-VALUE' 
_refine.pdbx_method_to_determine_struct          'MOLECULAR REPLACEMENT' 
_refine.pdbx_starting_model                      ? 
_refine.pdbx_stereochemistry_target_values       ? 
_refine.pdbx_R_Free_selection_details            ? 
_refine.pdbx_stereochem_target_val_spec_case     ? 
_refine.pdbx_overall_ESU_R                       ? 
_refine.pdbx_overall_ESU_R_Free                  ? 
_refine.pdbx_solvent_vdw_probe_radii             1.11 
_refine.pdbx_solvent_ion_probe_radii             ? 
_refine.pdbx_solvent_shrinkage_radii             0.90 
_refine.pdbx_real_space_R                        ? 
_refine.pdbx_density_correlation                 ? 
_refine.pdbx_pd_number_of_powder_patterns        ? 
_refine.pdbx_pd_number_of_points                 ? 
_refine.pdbx_pd_meas_number_of_points            ? 
_refine.pdbx_pd_proc_ls_prof_R_factor            ? 
_refine.pdbx_pd_proc_ls_prof_wR_factor           ? 
_refine.pdbx_pd_Marquardt_correlation_coeff      ? 
_refine.pdbx_pd_Fsqrd_R_factor                   ? 
_refine.pdbx_pd_ls_matrix_band_width             ? 
_refine.pdbx_overall_phase_error                 7.36 
_refine.pdbx_overall_SU_R_free_Cruickshank_DPI   ? 
_refine.pdbx_overall_SU_R_free_Blow_DPI          ? 
_refine.pdbx_overall_SU_R_Blow_DPI               ? 
_refine.pdbx_TLS_residual_ADP_flag               ? 
_refine.pdbx_diffrn_id                           1 
_refine.overall_SU_B                             ? 
_refine.overall_SU_ML                            0.09 
_refine.overall_SU_R_Cruickshank_DPI             ? 
_refine.overall_SU_R_free                        ? 
_refine.overall_FOM_free_R_set                   ? 
_refine.overall_FOM_work_R_set                   ? 
_refine.pdbx_average_fsc_overall                 ? 
_refine.pdbx_average_fsc_work                    ? 
_refine.pdbx_average_fsc_free                    ? 
# 
_refine_hist.pdbx_refine_id                   'X-RAY DIFFRACTION' 
_refine_hist.cycle_id                         LAST 
_refine_hist.pdbx_number_atoms_protein        0 
_refine_hist.pdbx_number_atoms_nucleic_acid   230 
_refine_hist.pdbx_number_atoms_ligand         12 
_refine_hist.number_atoms_solvent             23 
_refine_hist.number_atoms_total               265 
_refine_hist.d_res_high                       0.930 
_refine_hist.d_res_low                        23.540 
# 
loop_
_refine_ls_restr.pdbx_refine_id 
_refine_ls_restr.criterion 
_refine_ls_restr.dev_ideal 
_refine_ls_restr.dev_ideal_target 
_refine_ls_restr.number 
_refine_ls_restr.rejects 
_refine_ls_restr.type 
_refine_ls_restr.weight 
_refine_ls_restr.pdbx_restraint_function 
'X-RAY DIFFRACTION' ? 0.009  ? 256 ? f_bond_d           ? ? 
'X-RAY DIFFRACTION' ? 1.129  ? 388 ? f_angle_d          ? ? 
'X-RAY DIFFRACTION' ? 28.066 ? 112 ? f_dihedral_angle_d ? ? 
'X-RAY DIFFRACTION' ? 0.069  ? 46  ? f_chiral_restr     ? ? 
'X-RAY DIFFRACTION' ? 0.018  ? 12  ? f_plane_restr      ? ? 
# 
loop_
_refine_ls_shell.pdbx_refine_id 
_refine_ls_shell.d_res_high 
_refine_ls_shell.d_res_low 
_refine_ls_shell.number_reflns_all 
_refine_ls_shell.number_reflns_obs 
_refine_ls_shell.number_reflns_R_free 
_refine_ls_shell.number_reflns_R_work 
_refine_ls_shell.percent_reflns_obs 
_refine_ls_shell.percent_reflns_R_free 
_refine_ls_shell.R_factor_all 
_refine_ls_shell.R_factor_obs 
_refine_ls_shell.R_factor_R_free 
_refine_ls_shell.R_factor_R_free_error 
_refine_ls_shell.R_factor_R_work 
_refine_ls_shell.redundancy_reflns_all 
_refine_ls_shell.redundancy_reflns_obs 
_refine_ls_shell.wR_factor_all 
_refine_ls_shell.wR_factor_obs 
_refine_ls_shell.wR_factor_R_free 
_refine_ls_shell.wR_factor_R_work 
_refine_ls_shell.pdbx_total_number_of_bins_used 
_refine_ls_shell.pdbx_phase_error 
_refine_ls_shell.pdbx_fsc_work 
_refine_ls_shell.pdbx_fsc_free 
'X-RAY DIFFRACTION' 0.9299 0.9422  . . 145 1559 99.00  . . . 0.2599 . 0.2628 . . . . . . . . . . 
'X-RAY DIFFRACTION' 0.9422 0.9551  . . 145 1557 100.00 . . . 0.2624 . 0.2369 . . . . . . . . . . 
'X-RAY DIFFRACTION' 0.9551 0.9687  . . 144 1569 99.00  . . . 0.2274 . 0.2006 . . . . . . . . . . 
'X-RAY DIFFRACTION' 0.9687 0.9832  . . 131 1498 94.00  . . . 0.1731 . 0.1552 . . . . . . . . . . 
'X-RAY DIFFRACTION' 0.9832 0.9986  . . 130 1391 88.00  . . . 0.1438 . 0.1577 . . . . . . . . . . 
'X-RAY DIFFRACTION' 0.9986 1.0149  . . 135 1579 100.00 . . . 0.1101 . 0.0935 . . . . . . . . . . 
'X-RAY DIFFRACTION' 1.0149 1.0324  . . 145 1591 100.00 . . . 0.0815 . 0.0848 . . . . . . . . . . 
'X-RAY DIFFRACTION' 1.0324 1.0512  . . 139 1570 100.00 . . . 0.0801 . 0.0819 . . . . . . . . . . 
'X-RAY DIFFRACTION' 1.0512 1.0714  . . 143 1585 100.00 . . . 0.0827 . 0.0762 . . . . . . . . . . 
'X-RAY DIFFRACTION' 1.0714 1.0933  . . 141 1539 100.00 . . . 0.0659 . 0.0771 . . . . . . . . . . 
'X-RAY DIFFRACTION' 1.0933 1.1171  . . 145 1599 100.00 . . . 0.0719 . 0.0698 . . . . . . . . . . 
'X-RAY DIFFRACTION' 1.1171 1.1430  . . 145 1593 100.00 . . . 0.0681 . 0.0724 . . . . . . . . . . 
'X-RAY DIFFRACTION' 1.1430 1.1716  . . 140 1540 100.00 . . . 0.0938 . 0.0736 . . . . . . . . . . 
'X-RAY DIFFRACTION' 1.1716 1.2033  . . 145 1575 100.00 . . . 0.0750 . 0.0772 . . . . . . . . . . 
'X-RAY DIFFRACTION' 1.2033 1.2387  . . 148 1602 100.00 . . . 0.0690 . 0.0645 . . . . . . . . . . 
'X-RAY DIFFRACTION' 1.2387 1.2787  . . 138 1593 100.00 . . . 0.0628 . 0.0582 . . . . . . . . . . 
'X-RAY DIFFRACTION' 1.2787 1.3244  . . 135 1571 100.00 . . . 0.0579 . 0.0585 . . . . . . . . . . 
'X-RAY DIFFRACTION' 1.3244 1.3774  . . 145 1584 100.00 . . . 0.0545 . 0.0544 . . . . . . . . . . 
'X-RAY DIFFRACTION' 1.3774 1.4401  . . 143 1572 100.00 . . . 0.0696 . 0.0519 . . . . . . . . . . 
'X-RAY DIFFRACTION' 1.4401 1.5160  . . 139 1579 100.00 . . . 0.0563 . 0.0539 . . . . . . . . . . 
'X-RAY DIFFRACTION' 1.5160 1.6110  . . 134 1570 100.00 . . . 0.0588 . 0.0584 . . . . . . . . . . 
'X-RAY DIFFRACTION' 1.6110 1.7353  . . 137 1595 100.00 . . . 0.0707 . 0.0670 . . . . . . . . . . 
'X-RAY DIFFRACTION' 1.7353 1.9099  . . 145 1578 100.00 . . . 0.0744 . 0.0773 . . . . . . . . . . 
'X-RAY DIFFRACTION' 1.9099 2.1861  . . 147 1569 100.00 . . . 0.0943 . 0.0848 . . . . . . . . . . 
'X-RAY DIFFRACTION' 2.1861 2.7535  . . 145 1582 100.00 . . . 0.0921 . 0.0789 . . . . . . . . . . 
'X-RAY DIFFRACTION' 2.7535 23.5471 . . 138 1574 99.00  . . . 0.1449 . 0.1139 . . . . . . . . . . 
# 
_struct.entry_id                     6NIZ 
_struct.title                        'Atomic structure of a fluorescent Ag8 cluster templated by a multistranded DNA scaffold' 
_struct.pdbx_model_details           ? 
_struct.pdbx_formula_weight          ? 
_struct.pdbx_formula_weight_method   ? 
_struct.pdbx_model_type_details      ? 
_struct.pdbx_CASP_flag               N 
# 
_struct_keywords.entry_id        6NIZ 
_struct_keywords.text            'DNA, silver, emissive cluster, nanocluster' 
_struct_keywords.pdbx_keywords   DNA 
# 
loop_
_struct_asym.id 
_struct_asym.pdbx_blank_PDB_chainid_flag 
_struct_asym.pdbx_modified 
_struct_asym.entity_id 
_struct_asym.details 
A N N 1 ? 
B N N 1 ? 
C N N 2 ? 
D N N 2 ? 
E N N 2 ? 
F N N 2 ? 
G N N 2 ? 
H N N 2 ? 
I N N 2 ? 
J N N 2 ? 
K N N 2 ? 
L N N 2 ? 
M N N 2 ? 
N N N 2 ? 
O N N 3 ? 
P N N 3 ? 
# 
_struct_ref.id                         1 
_struct_ref.db_name                    PDB 
_struct_ref.db_code                    6NIZ 
_struct_ref.pdbx_db_accession          6NIZ 
_struct_ref.pdbx_db_isoform            ? 
_struct_ref.entity_id                  1 
_struct_ref.pdbx_seq_one_letter_code   ? 
_struct_ref.pdbx_align_begin           1 
# 
loop_
_struct_ref_seq.align_id 
_struct_ref_seq.ref_id 
_struct_ref_seq.pdbx_PDB_id_code 
_struct_ref_seq.pdbx_strand_id 
_struct_ref_seq.seq_align_beg 
_struct_ref_seq.pdbx_seq_align_beg_ins_code 
_struct_ref_seq.seq_align_end 
_struct_ref_seq.pdbx_seq_align_end_ins_code 
_struct_ref_seq.pdbx_db_accession 
_struct_ref_seq.db_align_beg 
_struct_ref_seq.pdbx_db_align_beg_ins_code 
_struct_ref_seq.db_align_end 
_struct_ref_seq.pdbx_db_align_end_ins_code 
_struct_ref_seq.pdbx_auth_seq_align_beg 
_struct_ref_seq.pdbx_auth_seq_align_end 
1 1 6NIZ A 1 ? 6 ? 6NIZ 1 ? 6 ? 1 6 
2 1 6NIZ B 1 ? 6 ? 6NIZ 1 ? 6 ? 1 6 
# 
_pdbx_struct_assembly.id                   1 
_pdbx_struct_assembly.details              author_and_software_defined_assembly 
_pdbx_struct_assembly.method_details       PISA 
_pdbx_struct_assembly.oligomeric_details   dimeric 
_pdbx_struct_assembly.oligomeric_count     2 
# 
loop_
_pdbx_struct_assembly_prop.biol_id 
_pdbx_struct_assembly_prop.type 
_pdbx_struct_assembly_prop.value 
_pdbx_struct_assembly_prop.details 
1 'ABSA (A^2)' 2390 ? 
1 MORE         -63  ? 
1 'SSA (A^2)'  1980 ? 
# 
_pdbx_struct_assembly_gen.assembly_id       1 
_pdbx_struct_assembly_gen.oper_expression   1 
_pdbx_struct_assembly_gen.asym_id_list      A,B,C,D,E,F,G,H,I,J,K,L,M,N,O,P 
# 
_pdbx_struct_assembly_auth_evidence.id                     1 
_pdbx_struct_assembly_auth_evidence.assembly_id            1 
_pdbx_struct_assembly_auth_evidence.experimental_support   'gel filtration' 
_pdbx_struct_assembly_auth_evidence.details                ? 
# 
_pdbx_struct_oper_list.id                   1 
_pdbx_struct_oper_list.type                 'identity operation' 
_pdbx_struct_oper_list.name                 1_555 
_pdbx_struct_oper_list.symmetry_operation   x,y,z 
_pdbx_struct_oper_list.matrix[1][1]         1.0000000000 
_pdbx_struct_oper_list.matrix[1][2]         0.0000000000 
_pdbx_struct_oper_list.matrix[1][3]         0.0000000000 
_pdbx_struct_oper_list.vector[1]            0.0000000000 
_pdbx_struct_oper_list.matrix[2][1]         0.0000000000 
_pdbx_struct_oper_list.matrix[2][2]         1.0000000000 
_pdbx_struct_oper_list.matrix[2][3]         0.0000000000 
_pdbx_struct_oper_list.vector[2]            0.0000000000 
_pdbx_struct_oper_list.matrix[3][1]         0.0000000000 
_pdbx_struct_oper_list.matrix[3][2]         0.0000000000 
_pdbx_struct_oper_list.matrix[3][3]         1.0000000000 
_pdbx_struct_oper_list.vector[3]            0.0000000000 
# 
loop_
_struct_conn.id 
_struct_conn.conn_type_id 
_struct_conn.pdbx_leaving_atom_flag 
_struct_conn.pdbx_PDB_id 
_struct_conn.ptnr1_label_asym_id 
_struct_conn.ptnr1_label_comp_id 
_struct_conn.ptnr1_label_seq_id 
_struct_conn.ptnr1_label_atom_id 
_struct_conn.pdbx_ptnr1_label_alt_id 
_struct_conn.pdbx_ptnr1_PDB_ins_code 
_struct_conn.pdbx_ptnr1_standard_comp_id 
_struct_conn.ptnr1_symmetry 
_struct_conn.ptnr2_label_asym_id 
_struct_conn.ptnr2_label_comp_id 
_struct_conn.ptnr2_label_seq_id 
_struct_conn.ptnr2_label_atom_id 
_struct_conn.pdbx_ptnr2_label_alt_id 
_struct_conn.pdbx_ptnr2_PDB_ins_code 
_struct_conn.ptnr1_auth_asym_id 
_struct_conn.ptnr1_auth_comp_id 
_struct_conn.ptnr1_auth_seq_id 
_struct_conn.ptnr2_auth_asym_id 
_struct_conn.ptnr2_auth_comp_id 
_struct_conn.ptnr2_auth_seq_id 
_struct_conn.ptnr2_symmetry 
_struct_conn.pdbx_ptnr3_label_atom_id 
_struct_conn.pdbx_ptnr3_label_seq_id 
_struct_conn.pdbx_ptnr3_label_comp_id 
_struct_conn.pdbx_ptnr3_label_asym_id 
_struct_conn.pdbx_ptnr3_label_alt_id 
_struct_conn.pdbx_ptnr3_PDB_ins_code 
_struct_conn.details 
_struct_conn.pdbx_dist_value 
_struct_conn.pdbx_value_order 
_struct_conn.pdbx_role 
metalc1  metalc ? ? A DA 1 N1  ? ? ? 1_555 G AG  . AG ? ? A DA 1   A AG  105 1_555 ? ? ? ? ? ? ?           2.135 ? ? 
metalc2  metalc ? ? A DA 2 N7  ? ? ? 1_555 F AG  . AG ? ? A DA 2   A AG  104 1_555 ? ? ? ? ? ? ?           2.200 ? ? 
metalc3  metalc ? ? A DA 2 N1  ? ? ? 1_555 H AG  . AG ? ? A DA 2   A AG  106 1_555 ? ? ? ? ? ? ?           2.148 ? ? 
metalc4  metalc ? ? A DA 2 N3  ? ? ? 1_555 I AG  . AG ? ? A DA 2   A AG  107 1_555 ? ? ? ? ? ? ?           2.294 ? ? 
metalc5  metalc ? ? A DA 2 N3  ? ? ? 1_555 I AG  . AG ? ? A DA 2   A AG  107 8_555 ? ? ? ? ? ? ?           2.271 ? ? 
metalc6  metalc ? ? A DA 2 N6  ? ? ? 1_555 L AG  . AG ? ? A DA 2   B AG  103 1_555 ? ? ? ? ? ? ?           2.095 ? ? 
metalc7  metalc ? ? A DC 3 N3  ? ? ? 1_555 E AG  . AG ? ? A DC 3   A AG  103 1_555 ? ? ? ? ? ? ?           2.136 ? ? 
metalc8  metalc ? ? A DC 3 N4  ? ? ? 1_555 K AG  . AG ? ? A DC 3   B AG  102 1_555 ? ? ? ? ? ? ?           2.100 ? ? 
metalc9  metalc ? ? A DC 4 N3  ? ? ? 1_555 D AG  . AG ? ? A DC 4   A AG  102 1_555 ? ? ? ? ? ? ?           2.121 ? ? 
metalc10 metalc ? ? A DC 4 OP1 ? ? ? 1_555 J AG  . AG ? ? A DC 4   B AG  101 6_455 ? ? ? ? ? ? ?           2.514 ? ? 
metalc11 metalc ? ? A DC 5 N3  ? ? ? 1_555 C AG  . AG ? ? A DC 5   A AG  101 1_555 ? ? ? ? ? ? ?           2.154 ? ? 
metalc12 metalc ? ? A DC 5 OP1 ? ? ? 1_555 N AG  . AG ? ? A DC 5   B AG  105 1_555 ? ? ? ? ? ? ?           2.693 ? ? 
metalc13 metalc ? ? A DC 6 N3  ? ? ? 1_555 J AG  . AG ? ? A DC 6   B AG  101 1_555 ? ? ? ? ? ? ?           2.136 ? ? 
metalc14 metalc ? ? C AG . AG  ? ? ? 1_555 B DC  5 N3 ? ? A AG 101 B DC  5   1_555 ? ? ? ? ? ? ?           2.150 ? ? 
metalc15 metalc ? ? D AG . AG  ? ? ? 1_555 B DC  4 N3 ? ? A AG 102 B DC  4   1_555 ? ? ? ? ? ? ?           2.121 ? ? 
metalc16 metalc ? ? E AG . AG  ? ? ? 1_555 B DA  2 N6 ? ? A AG 103 B DA  2   1_555 ? ? ? ? ? ? ?           2.102 ? ? 
metalc17 metalc ? ? F AG . AG  ? ? ? 1_555 P HOH . O  ? ? A AG 104 B HOH 210 1_555 ? ? ? ? ? ? ?           2.570 ? ? 
metalc18 metalc ? ? G AG . AG  ? ? ? 8_555 B DA  1 N6 ? ? A AG 105 B DA  1   1_555 ? ? ? ? ? ? ?           2.126 ? ? 
metalc19 metalc ? ? H AG . AG  ? ? ? 8_555 B DA  1 N1 ? ? A AG 106 B DA  1   1_555 ? ? ? ? ? ? ?           2.148 ? ? 
metalc20 metalc ? ? I AG . AG  ? ? ? 1_555 O HOH . O  ? ? A AG 107 A HOH 212 1_555 ? ? ? ? ? ? ?           2.353 ? ? 
metalc21 metalc ? ? I AG . AG  ? ? ? 1_555 O HOH . O  ? ? A AG 107 A HOH 212 8_555 ? ? ? ? ? ? ?           2.353 ? ? 
metalc22 metalc ? ? B DA 1 N3  ? ? ? 1_555 M AG  . AG ? ? B DA 1   B AG  104 1_555 ? ? ? ? ? ? ?           2.535 ? ? 
metalc23 metalc ? ? B DA 1 N3  ? ? ? 1_555 M AG  . AG ? ? B DA 1   B AG  104 8_555 ? ? ? ? ? ? ?           2.335 ? ? 
metalc24 metalc ? ? B DA 1 N7  ? ? ? 1_555 N AG  . AG ? ? B DA 1   B AG  105 1_555 ? ? ? ? ? ? ?           2.239 ? ? 
metalc25 metalc ? ? B DA 2 N1  ? ? ? 1_555 L AG  . AG ? ? B DA 2   B AG  103 1_555 ? ? ? ? ? ? ?           2.111 ? ? 
metalc26 metalc ? ? B DA 2 N7  ? ? ? 1_555 M AG  . AG ? ? B DA 2   B AG  104 1_555 ? ? ? ? ? ? ?           2.238 ? ? 
metalc27 metalc ? ? B DA 2 N7  ? ? ? 1_555 M AG  . AG ? ? B DA 2   B AG  104 8_555 ? ? ? ? ? ? ?           2.464 ? ? 
metalc28 metalc ? ? B DC 3 N3  ? ? ? 1_555 K AG  . AG ? ? B DC 3   B AG  102 1_555 ? ? ? ? ? ? ?           2.111 ? ? 
metalc29 metalc ? ? B DC 6 N3  ? ? ? 1_555 J AG  . AG ? ? B DC 6   B AG  101 1_555 ? ? ? ? ? ? ?           2.144 ? ? 
hydrog1  hydrog ? ? B DA 2 N1  ? ? ? 1_555 B DA  1 N6 ? ? B DA 2   B DA  1   8_555 ? ? ? ? ? ? TYPE_1_PAIR ?     ? ? 
hydrog2  hydrog ? ? B DA 2 N6  ? ? ? 1_555 B DA  1 N1 ? ? B DA 2   B DA  1   8_555 ? ? ? ? ? ? TYPE_1_PAIR ?     ? ? 
# 
loop_
_struct_conn_type.id 
_struct_conn_type.criteria 
_struct_conn_type.reference 
metalc ? ? 
hydrog ? ? 
# 
loop_
_pdbx_struct_conn_angle.id 
_pdbx_struct_conn_angle.ptnr1_label_atom_id 
_pdbx_struct_conn_angle.ptnr1_label_alt_id 
_pdbx_struct_conn_angle.ptnr1_label_asym_id 
_pdbx_struct_conn_angle.ptnr1_label_comp_id 
_pdbx_struct_conn_angle.ptnr1_label_seq_id 
_pdbx_struct_conn_angle.ptnr1_auth_atom_id 
_pdbx_struct_conn_angle.ptnr1_auth_asym_id 
_pdbx_struct_conn_angle.ptnr1_auth_comp_id 
_pdbx_struct_conn_angle.ptnr1_auth_seq_id 
_pdbx_struct_conn_angle.ptnr1_PDB_ins_code 
_pdbx_struct_conn_angle.ptnr1_symmetry 
_pdbx_struct_conn_angle.ptnr2_label_atom_id 
_pdbx_struct_conn_angle.ptnr2_label_alt_id 
_pdbx_struct_conn_angle.ptnr2_label_asym_id 
_pdbx_struct_conn_angle.ptnr2_label_comp_id 
_pdbx_struct_conn_angle.ptnr2_label_seq_id 
_pdbx_struct_conn_angle.ptnr2_auth_atom_id 
_pdbx_struct_conn_angle.ptnr2_auth_asym_id 
_pdbx_struct_conn_angle.ptnr2_auth_comp_id 
_pdbx_struct_conn_angle.ptnr2_auth_seq_id 
_pdbx_struct_conn_angle.ptnr2_PDB_ins_code 
_pdbx_struct_conn_angle.ptnr2_symmetry 
_pdbx_struct_conn_angle.ptnr3_label_atom_id 
_pdbx_struct_conn_angle.ptnr3_label_alt_id 
_pdbx_struct_conn_angle.ptnr3_label_asym_id 
_pdbx_struct_conn_angle.ptnr3_label_comp_id 
_pdbx_struct_conn_angle.ptnr3_label_seq_id 
_pdbx_struct_conn_angle.ptnr3_auth_atom_id 
_pdbx_struct_conn_angle.ptnr3_auth_asym_id 
_pdbx_struct_conn_angle.ptnr3_auth_comp_id 
_pdbx_struct_conn_angle.ptnr3_auth_seq_id 
_pdbx_struct_conn_angle.ptnr3_PDB_ins_code 
_pdbx_struct_conn_angle.ptnr3_symmetry 
_pdbx_struct_conn_angle.value 
_pdbx_struct_conn_angle.value_esd 
1  N1  ? A DA  1 ? A DA  1   ? 1_555 AG ? G AG . ? A AG 105 ? 1_555 N6 ? B DA  1 ? B DA  1   ? 1_555 114.7 ? 
2  N7  ? A DA  2 ? A DA  2   ? 1_555 AG ? F AG . ? A AG 104 ? 1_555 O  ? P HOH . ? B HOH 210 ? 1_555 118.1 ? 
3  N1  ? A DA  2 ? A DA  2   ? 1_555 AG ? H AG . ? A AG 106 ? 1_555 N1 ? B DA  1 ? B DA  1   ? 1_555 100.8 ? 
4  N3  ? A DA  2 ? A DA  2   ? 1_555 AG ? I AG . ? A AG 107 ? 1_555 N3 ? A DA  2 ? A DA  2   ? 1_555 0.0   ? 
5  N3  ? A DA  2 ? A DA  2   ? 1_555 AG ? I AG . ? A AG 107 ? 1_555 O  ? O HOH . ? A HOH 212 ? 1_555 118.4 ? 
6  N3  ? A DA  2 ? A DA  2   ? 1_555 AG ? I AG . ? A AG 107 ? 1_555 O  ? O HOH . ? A HOH 212 ? 1_555 118.4 ? 
7  N3  ? A DA  2 ? A DA  2   ? 1_555 AG ? I AG . ? A AG 107 ? 1_555 O  ? O HOH . ? A HOH 212 ? 8_555 118.4 ? 
8  N3  ? A DA  2 ? A DA  2   ? 1_555 AG ? I AG . ? A AG 107 ? 1_555 O  ? O HOH . ? A HOH 212 ? 8_555 118.4 ? 
9  O   ? O HOH . ? A HOH 212 ? 1_555 AG ? I AG . ? A AG 107 ? 1_555 O  ? O HOH . ? A HOH 212 ? 8_555 0.0   ? 
10 N6  ? A DA  2 ? A DA  2   ? 1_555 AG ? L AG . ? B AG 103 ? 1_555 N1 ? B DA  2 ? B DA  2   ? 1_555 173.5 ? 
11 N3  ? A DC  3 ? A DC  3   ? 1_555 AG ? E AG . ? A AG 103 ? 1_555 N6 ? B DA  2 ? B DA  2   ? 1_555 172.2 ? 
12 N4  ? A DC  3 ? A DC  3   ? 1_555 AG ? K AG . ? B AG 102 ? 1_555 N3 ? B DC  3 ? B DC  3   ? 1_555 176.0 ? 
13 N3  ? A DC  4 ? A DC  4   ? 1_555 AG ? D AG . ? A AG 102 ? 1_555 N3 ? B DC  4 ? B DC  4   ? 1_555 176.0 ? 
14 OP1 ? A DC  4 ? A DC  4   ? 1_555 AG ? J AG . ? B AG 101 ? 6_455 N3 ? A DC  6 ? A DC  6   ? 1_555 9.0   ? 
15 OP1 ? A DC  4 ? A DC  4   ? 1_555 AG ? J AG . ? B AG 101 ? 6_455 N3 ? B DC  6 ? B DC  6   ? 1_555 22.4  ? 
16 N3  ? A DC  6 ? A DC  6   ? 1_555 AG ? J AG . ? B AG 101 ? 6_455 N3 ? B DC  6 ? B DC  6   ? 1_555 13.7  ? 
17 N3  ? A DC  5 ? A DC  5   ? 1_555 AG ? C AG . ? A AG 101 ? 1_555 N3 ? B DC  5 ? B DC  5   ? 1_555 171.0 ? 
18 OP1 ? A DC  5 ? A DC  5   ? 1_555 AG ? N AG . ? B AG 105 ? 1_555 N7 ? B DA  1 ? B DA  1   ? 1_555 110.0 ? 
19 N3  ? B DA  1 ? B DA  1   ? 1_555 AG ? M AG . ? B AG 104 ? 1_555 N3 ? B DA  1 ? B DA  1   ? 1_555 0.0   ? 
20 N3  ? B DA  1 ? B DA  1   ? 1_555 AG ? M AG . ? B AG 104 ? 1_555 N7 ? B DA  2 ? B DA  2   ? 1_555 102.5 ? 
21 N3  ? B DA  1 ? B DA  1   ? 1_555 AG ? M AG . ? B AG 104 ? 1_555 N7 ? B DA  2 ? B DA  2   ? 1_555 102.5 ? 
22 N3  ? B DA  1 ? B DA  1   ? 1_555 AG ? M AG . ? B AG 104 ? 1_555 N7 ? B DA  2 ? B DA  2   ? 1_555 102.5 ? 
23 N3  ? B DA  1 ? B DA  1   ? 1_555 AG ? M AG . ? B AG 104 ? 1_555 N7 ? B DA  2 ? B DA  2   ? 1_555 102.5 ? 
24 N7  ? B DA  2 ? B DA  2   ? 1_555 AG ? M AG . ? B AG 104 ? 1_555 N7 ? B DA  2 ? B DA  2   ? 1_555 0.0   ? 
# 
loop_
_struct_site.id 
_struct_site.pdbx_evidence_code 
_struct_site.pdbx_auth_asym_id 
_struct_site.pdbx_auth_comp_id 
_struct_site.pdbx_auth_seq_id 
_struct_site.pdbx_auth_ins_code 
_struct_site.pdbx_num_residues 
_struct_site.details 
AC1 Software A AG 101 ? 7 'binding site for residue AG A 101' 
AC2 Software A AG 102 ? 8 'binding site for residue AG A 102' 
AC3 Software A AG 103 ? 7 'binding site for residue AG A 103' 
AC4 Software A AG 104 ? 4 'binding site for residue AG A 104' 
AC5 Software A AG 105 ? 6 'binding site for residue AG A 105' 
AC6 Software A AG 106 ? 9 'binding site for residue AG A 106' 
AC7 Software A AG 107 ? 6 'binding site for residue AG A 107' 
AC8 Software B AG 101 ? 7 'binding site for residue AG B 101' 
AC9 Software B AG 102 ? 8 'binding site for residue AG B 102' 
AD1 Software B AG 103 ? 8 'binding site for residue AG B 103' 
AD2 Software B AG 104 ? 4 'binding site for residue AG B 104' 
AD3 Software B AG 105 ? 3 'binding site for residue AG B 105' 
# 
loop_
_struct_site_gen.id 
_struct_site_gen.site_id 
_struct_site_gen.pdbx_num_res 
_struct_site_gen.label_comp_id 
_struct_site_gen.label_asym_id 
_struct_site_gen.label_seq_id 
_struct_site_gen.pdbx_auth_ins_code 
_struct_site_gen.auth_comp_id 
_struct_site_gen.auth_asym_id 
_struct_site_gen.auth_seq_id 
_struct_site_gen.label_atom_id 
_struct_site_gen.label_alt_id 
_struct_site_gen.symmetry 
_struct_site_gen.details 
1  AC1 7 DC  A 5 ? DC  A 5   . ? 1_555 ? 
2  AC1 7 DC  A 6 ? DC  A 6   . ? 1_555 ? 
3  AC1 7 AG  D . ? AG  A 102 . ? 1_555 ? 
4  AC1 7 DC  B 4 ? DC  B 4   . ? 1_555 ? 
5  AC1 7 DC  B 5 ? DC  B 5   . ? 1_555 ? 
6  AC1 7 DC  B 6 ? DC  B 6   . ? 1_555 ? 
7  AC1 7 AG  J . ? AG  B 101 . ? 1_555 ? 
8  AC2 8 DC  A 3 ? DC  A 3   . ? 1_555 ? 
9  AC2 8 DC  A 4 ? DC  A 4   . ? 1_555 ? 
10 AC2 8 DC  A 5 ? DC  A 5   . ? 1_555 ? 
11 AC2 8 AG  C . ? AG  A 101 . ? 1_555 ? 
12 AC2 8 DC  B 3 ? DC  B 3   . ? 1_555 ? 
13 AC2 8 DC  B 4 ? DC  B 4   . ? 1_555 ? 
14 AC2 8 DC  B 5 ? DC  B 5   . ? 1_555 ? 
15 AC2 8 AG  K . ? AG  B 102 . ? 1_555 ? 
16 AC3 7 DA  A 2 ? DA  A 2   . ? 1_555 ? 
17 AC3 7 DC  A 3 ? DC  A 3   . ? 1_555 ? 
18 AC3 7 DC  A 4 ? DC  A 4   . ? 1_555 ? 
19 AC3 7 AG  H . ? AG  A 106 . ? 1_555 ? 
20 AC3 7 DA  B 2 ? DA  B 2   . ? 1_555 ? 
21 AC3 7 AG  K . ? AG  B 102 . ? 1_555 ? 
22 AC3 7 AG  L . ? AG  B 103 . ? 1_555 ? 
23 AC4 4 DA  A 2 ? DA  A 2   . ? 1_555 ? 
24 AC4 4 DC  A 3 ? DC  A 3   . ? 1_555 ? 
25 AC4 4 HOH P . ? HOH B 208 . ? 1_555 ? 
26 AC4 4 HOH P . ? HOH B 210 . ? 1_555 ? 
27 AC5 6 DA  A 1 ? DA  A 1   . ? 1_555 ? 
28 AC5 6 DA  A 2 ? DA  A 2   . ? 1_555 ? 
29 AC5 6 DC  A 4 ? DC  A 4   . ? 8_555 ? 
30 AC5 6 AG  H . ? AG  A 106 . ? 1_555 ? 
31 AC5 6 DA  B 1 ? DA  B 1   . ? 8_555 ? 
32 AC5 6 AG  L . ? AG  B 103 . ? 1_555 ? 
33 AC6 9 DA  A 2 ? DA  A 2   . ? 1_555 ? 
34 AC6 9 DC  A 3 ? DC  A 3   . ? 8_555 ? 
35 AC6 9 AG  E . ? AG  A 103 . ? 1_555 ? 
36 AC6 9 AG  G . ? AG  A 105 . ? 1_555 ? 
37 AC6 9 HOH O . ? HOH A 202 . ? 8_555 ? 
38 AC6 9 HOH O . ? HOH A 202 . ? 1_555 ? 
39 AC6 9 DA  B 1 ? DA  B 1   . ? 8_555 ? 
40 AC6 9 DA  B 2 ? DA  B 2   . ? 1_555 ? 
41 AC6 9 AG  L . ? AG  B 103 . ? 1_555 ? 
42 AC7 6 DA  A 2 ? DA  A 2   . ? 8_555 ? 
43 AC7 6 DA  A 2 ? DA  A 2   . ? 1_555 ? 
44 AC7 6 DC  A 3 ? DC  A 3   . ? 8_555 ? 
45 AC7 6 DC  A 3 ? DC  A 3   . ? 1_555 ? 
46 AC7 6 HOH O . ? HOH A 212 . ? 8_555 ? 
47 AC7 6 HOH O . ? HOH A 212 . ? 1_555 ? 
48 AC8 7 DA  A 1 ? DA  A 1   . ? 3_555 ? 
49 AC8 7 DC  A 3 ? DC  A 3   . ? 6_555 ? 
50 AC8 7 DC  A 4 ? DC  A 4   . ? 6_555 ? 
51 AC8 7 DC  A 6 ? DC  A 6   . ? 1_555 ? 
52 AC8 7 AG  C . ? AG  A 101 . ? 1_555 ? 
53 AC8 7 DC  B 5 ? DC  B 5   . ? 1_555 ? 
54 AC8 7 DC  B 6 ? DC  B 6   . ? 1_555 ? 
55 AC9 8 DA  A 2 ? DA  A 2   . ? 1_555 ? 
56 AC9 8 DC  A 3 ? DC  A 3   . ? 1_555 ? 
57 AC9 8 DC  A 4 ? DC  A 4   . ? 1_555 ? 
58 AC9 8 AG  D . ? AG  A 102 . ? 1_555 ? 
59 AC9 8 AG  E . ? AG  A 103 . ? 1_555 ? 
60 AC9 8 DC  B 3 ? DC  B 3   . ? 1_555 ? 
61 AC9 8 DC  B 4 ? DC  B 4   . ? 1_555 ? 
62 AC9 8 AG  L . ? AG  B 103 . ? 1_555 ? 
63 AD1 8 DA  A 1 ? DA  A 1   . ? 1_555 ? 
64 AD1 8 DA  A 2 ? DA  A 2   . ? 1_555 ? 
65 AD1 8 AG  E . ? AG  A 103 . ? 1_555 ? 
66 AD1 8 AG  G . ? AG  A 105 . ? 1_555 ? 
67 AD1 8 AG  H . ? AG  A 106 . ? 1_555 ? 
68 AD1 8 DA  B 2 ? DA  B 2   . ? 1_555 ? 
69 AD1 8 DC  B 3 ? DC  B 3   . ? 1_555 ? 
70 AD1 8 AG  K . ? AG  B 102 . ? 1_555 ? 
71 AD2 4 DA  B 1 ? DA  B 1   . ? 8_555 ? 
72 AD2 4 DA  B 1 ? DA  B 1   . ? 1_555 ? 
73 AD2 4 DA  B 2 ? DA  B 2   . ? 1_555 ? 
74 AD2 4 DA  B 2 ? DA  B 2   . ? 8_555 ? 
75 AD3 3 DC  A 4 ? DC  A 4   . ? 1_555 ? 
76 AD3 3 DC  A 5 ? DC  A 5   . ? 1_555 ? 
77 AD3 3 DA  B 1 ? DA  B 1   . ? 1_555 ? 
# 
_pdbx_validate_symm_contact.id                1 
_pdbx_validate_symm_contact.PDB_model_num     1 
_pdbx_validate_symm_contact.auth_atom_id_1    H61 
_pdbx_validate_symm_contact.auth_asym_id_1    B 
_pdbx_validate_symm_contact.auth_comp_id_1    DA 
_pdbx_validate_symm_contact.auth_seq_id_1     1 
_pdbx_validate_symm_contact.PDB_ins_code_1    ? 
_pdbx_validate_symm_contact.label_alt_id_1    ? 
_pdbx_validate_symm_contact.site_symmetry_1   1_555 
_pdbx_validate_symm_contact.auth_atom_id_2    AG 
_pdbx_validate_symm_contact.auth_asym_id_2    A 
_pdbx_validate_symm_contact.auth_comp_id_2    AG 
_pdbx_validate_symm_contact.auth_seq_id_2     105 
_pdbx_validate_symm_contact.PDB_ins_code_2    ? 
_pdbx_validate_symm_contact.label_alt_id_2    ? 
_pdbx_validate_symm_contact.site_symmetry_2   8_555 
_pdbx_validate_symm_contact.dist              1.32 
# 
loop_
_pdbx_validate_rmsd_angle.id 
_pdbx_validate_rmsd_angle.PDB_model_num 
_pdbx_validate_rmsd_angle.auth_atom_id_1 
_pdbx_validate_rmsd_angle.auth_asym_id_1 
_pdbx_validate_rmsd_angle.auth_comp_id_1 
_pdbx_validate_rmsd_angle.auth_seq_id_1 
_pdbx_validate_rmsd_angle.PDB_ins_code_1 
_pdbx_validate_rmsd_angle.label_alt_id_1 
_pdbx_validate_rmsd_angle.auth_atom_id_2 
_pdbx_validate_rmsd_angle.auth_asym_id_2 
_pdbx_validate_rmsd_angle.auth_comp_id_2 
_pdbx_validate_rmsd_angle.auth_seq_id_2 
_pdbx_validate_rmsd_angle.PDB_ins_code_2 
_pdbx_validate_rmsd_angle.label_alt_id_2 
_pdbx_validate_rmsd_angle.auth_atom_id_3 
_pdbx_validate_rmsd_angle.auth_asym_id_3 
_pdbx_validate_rmsd_angle.auth_comp_id_3 
_pdbx_validate_rmsd_angle.auth_seq_id_3 
_pdbx_validate_rmsd_angle.PDB_ins_code_3 
_pdbx_validate_rmsd_angle.label_alt_id_3 
_pdbx_validate_rmsd_angle.angle_value 
_pdbx_validate_rmsd_angle.angle_target_value 
_pdbx_validate_rmsd_angle.angle_deviation 
_pdbx_validate_rmsd_angle.angle_standard_deviation 
_pdbx_validate_rmsd_angle.linker_flag 
1 1 "O4'" A DC 3 ? ? "C1'" A DC 3 ? ? N1  A DC 3 ? ? 111.48 108.30 3.18  0.30 N 
2 1 "O5'" A DC 4 ? ? P     A DC 4 ? ? OP2 A DC 4 ? ? 99.93  105.70 -5.77 0.90 N 
# 
loop_
_pdbx_struct_special_symmetry.id 
_pdbx_struct_special_symmetry.PDB_model_num 
_pdbx_struct_special_symmetry.auth_asym_id 
_pdbx_struct_special_symmetry.auth_comp_id 
_pdbx_struct_special_symmetry.auth_seq_id 
_pdbx_struct_special_symmetry.PDB_ins_code 
_pdbx_struct_special_symmetry.label_asym_id 
_pdbx_struct_special_symmetry.label_comp_id 
_pdbx_struct_special_symmetry.label_seq_id 
1 1 A AG  107 ? I AG  . 
2 1 B AG  104 ? M AG  . 
3 1 A HOH 202 ? O HOH . 
4 1 A HOH 212 ? O HOH . 
# 
loop_
_chem_comp_atom.comp_id 
_chem_comp_atom.atom_id 
_chem_comp_atom.type_symbol 
_chem_comp_atom.pdbx_aromatic_flag 
_chem_comp_atom.pdbx_stereo_config 
_chem_comp_atom.pdbx_ordinal 
AG  AG     AG N N 1  
DA  OP3    O  N N 2  
DA  P      P  N N 3  
DA  OP1    O  N N 4  
DA  OP2    O  N N 5  
DA  "O5'"  O  N N 6  
DA  "C5'"  C  N N 7  
DA  "C4'"  C  N R 8  
DA  "O4'"  O  N N 9  
DA  "C3'"  C  N S 10 
DA  "O3'"  O  N N 11 
DA  "C2'"  C  N N 12 
DA  "C1'"  C  N R 13 
DA  N9     N  Y N 14 
DA  C8     C  Y N 15 
DA  N7     N  Y N 16 
DA  C5     C  Y N 17 
DA  C6     C  Y N 18 
DA  N6     N  N N 19 
DA  N1     N  Y N 20 
DA  C2     C  Y N 21 
DA  N3     N  Y N 22 
DA  C4     C  Y N 23 
DA  HOP3   H  N N 24 
DA  HOP2   H  N N 25 
DA  "H5'"  H  N N 26 
DA  "H5''" H  N N 27 
DA  "H4'"  H  N N 28 
DA  "H3'"  H  N N 29 
DA  "HO3'" H  N N 30 
DA  "H2'"  H  N N 31 
DA  "H2''" H  N N 32 
DA  "H1'"  H  N N 33 
DA  H8     H  N N 34 
DA  H61    H  N N 35 
DA  H62    H  N N 36 
DA  H2     H  N N 37 
DC  OP3    O  N N 38 
DC  P      P  N N 39 
DC  OP1    O  N N 40 
DC  OP2    O  N N 41 
DC  "O5'"  O  N N 42 
DC  "C5'"  C  N N 43 
DC  "C4'"  C  N R 44 
DC  "O4'"  O  N N 45 
DC  "C3'"  C  N S 46 
DC  "O3'"  O  N N 47 
DC  "C2'"  C  N N 48 
DC  "C1'"  C  N R 49 
DC  N1     N  N N 50 
DC  C2     C  N N 51 
DC  O2     O  N N 52 
DC  N3     N  N N 53 
DC  C4     C  N N 54 
DC  N4     N  N N 55 
DC  C5     C  N N 56 
DC  C6     C  N N 57 
DC  HOP3   H  N N 58 
DC  HOP2   H  N N 59 
DC  "H5'"  H  N N 60 
DC  "H5''" H  N N 61 
DC  "H4'"  H  N N 62 
DC  "H3'"  H  N N 63 
DC  "HO3'" H  N N 64 
DC  "H2'"  H  N N 65 
DC  "H2''" H  N N 66 
DC  "H1'"  H  N N 67 
DC  H41    H  N N 68 
DC  H42    H  N N 69 
DC  H5     H  N N 70 
DC  H6     H  N N 71 
HOH O      O  N N 72 
HOH H1     H  N N 73 
HOH H2     H  N N 74 
# 
loop_
_chem_comp_bond.comp_id 
_chem_comp_bond.atom_id_1 
_chem_comp_bond.atom_id_2 
_chem_comp_bond.value_order 
_chem_comp_bond.pdbx_aromatic_flag 
_chem_comp_bond.pdbx_stereo_config 
_chem_comp_bond.pdbx_ordinal 
DA  OP3   P      sing N N 1  
DA  OP3   HOP3   sing N N 2  
DA  P     OP1    doub N N 3  
DA  P     OP2    sing N N 4  
DA  P     "O5'"  sing N N 5  
DA  OP2   HOP2   sing N N 6  
DA  "O5'" "C5'"  sing N N 7  
DA  "C5'" "C4'"  sing N N 8  
DA  "C5'" "H5'"  sing N N 9  
DA  "C5'" "H5''" sing N N 10 
DA  "C4'" "O4'"  sing N N 11 
DA  "C4'" "C3'"  sing N N 12 
DA  "C4'" "H4'"  sing N N 13 
DA  "O4'" "C1'"  sing N N 14 
DA  "C3'" "O3'"  sing N N 15 
DA  "C3'" "C2'"  sing N N 16 
DA  "C3'" "H3'"  sing N N 17 
DA  "O3'" "HO3'" sing N N 18 
DA  "C2'" "C1'"  sing N N 19 
DA  "C2'" "H2'"  sing N N 20 
DA  "C2'" "H2''" sing N N 21 
DA  "C1'" N9     sing N N 22 
DA  "C1'" "H1'"  sing N N 23 
DA  N9    C8     sing Y N 24 
DA  N9    C4     sing Y N 25 
DA  C8    N7     doub Y N 26 
DA  C8    H8     sing N N 27 
DA  N7    C5     sing Y N 28 
DA  C5    C6     sing Y N 29 
DA  C5    C4     doub Y N 30 
DA  C6    N6     sing N N 31 
DA  C6    N1     doub Y N 32 
DA  N6    H61    sing N N 33 
DA  N6    H62    sing N N 34 
DA  N1    C2     sing Y N 35 
DA  C2    N3     doub Y N 36 
DA  C2    H2     sing N N 37 
DA  N3    C4     sing Y N 38 
DC  OP3   P      sing N N 39 
DC  OP3   HOP3   sing N N 40 
DC  P     OP1    doub N N 41 
DC  P     OP2    sing N N 42 
DC  P     "O5'"  sing N N 43 
DC  OP2   HOP2   sing N N 44 
DC  "O5'" "C5'"  sing N N 45 
DC  "C5'" "C4'"  sing N N 46 
DC  "C5'" "H5'"  sing N N 47 
DC  "C5'" "H5''" sing N N 48 
DC  "C4'" "O4'"  sing N N 49 
DC  "C4'" "C3'"  sing N N 50 
DC  "C4'" "H4'"  sing N N 51 
DC  "O4'" "C1'"  sing N N 52 
DC  "C3'" "O3'"  sing N N 53 
DC  "C3'" "C2'"  sing N N 54 
DC  "C3'" "H3'"  sing N N 55 
DC  "O3'" "HO3'" sing N N 56 
DC  "C2'" "C1'"  sing N N 57 
DC  "C2'" "H2'"  sing N N 58 
DC  "C2'" "H2''" sing N N 59 
DC  "C1'" N1     sing N N 60 
DC  "C1'" "H1'"  sing N N 61 
DC  N1    C2     sing N N 62 
DC  N1    C6     sing N N 63 
DC  C2    O2     doub N N 64 
DC  C2    N3     sing N N 65 
DC  N3    C4     doub N N 66 
DC  C4    N4     sing N N 67 
DC  C4    C5     sing N N 68 
DC  N4    H41    sing N N 69 
DC  N4    H42    sing N N 70 
DC  C5    C6     doub N N 71 
DC  C5    H5     sing N N 72 
DC  C6    H6     sing N N 73 
HOH O     H1     sing N N 74 
HOH O     H2     sing N N 75 
# 
_ndb_struct_conf_na.entry_id   6NIZ 
_ndb_struct_conf_na.feature    'double helix' 
# 
_ndb_struct_na_base_pair.model_number      1 
_ndb_struct_na_base_pair.i_label_asym_id   B 
_ndb_struct_na_base_pair.i_label_comp_id   DA 
_ndb_struct_na_base_pair.i_label_seq_id    1 
_ndb_struct_na_base_pair.i_symmetry        8_555 
_ndb_struct_na_base_pair.j_label_asym_id   B 
_ndb_struct_na_base_pair.j_label_comp_id   DA 
_ndb_struct_na_base_pair.j_label_seq_id    2 
_ndb_struct_na_base_pair.j_symmetry        8_555 
_ndb_struct_na_base_pair.shear             6.819 
_ndb_struct_na_base_pair.stretch           0.264 
_ndb_struct_na_base_pair.stagger           -1.809 
_ndb_struct_na_base_pair.buckle            27.887 
_ndb_struct_na_base_pair.propeller         3.547 
_ndb_struct_na_base_pair.opening           2.843 
_ndb_struct_na_base_pair.pair_number       1 
_ndb_struct_na_base_pair.pair_name         B_DA1:DA2_B 
_ndb_struct_na_base_pair.i_auth_asym_id    B 
_ndb_struct_na_base_pair.i_auth_seq_id     1 
_ndb_struct_na_base_pair.i_PDB_ins_code    ? 
_ndb_struct_na_base_pair.j_auth_asym_id    B 
_ndb_struct_na_base_pair.j_auth_seq_id     2 
_ndb_struct_na_base_pair.j_PDB_ins_code    ? 
_ndb_struct_na_base_pair.hbond_type_28     1 
_ndb_struct_na_base_pair.hbond_type_12     1 
# 
_pdbx_audit_support.funding_organization   'National Science Foundation (NSF, United States)' 
_pdbx_audit_support.country                'United States' 
_pdbx_audit_support.grant_number           1817796 
_pdbx_audit_support.ordinal                1 
# 
_atom_sites.entry_id                    6NIZ 
_atom_sites.fract_transf_matrix[1][1]   -0.00418058 
_atom_sites.fract_transf_matrix[1][2]   0.02970375 
_atom_sites.fract_transf_matrix[1][3]   0.00159726 
_atom_sites.fract_transf_matrix[2][1]   -0.02738393 
_atom_sites.fract_transf_matrix[2][2]   -0.00321299 
_atom_sites.fract_transf_matrix[2][3]   -0.01192218 
_atom_sites.fract_transf_matrix[3][1]   -0.00623711 
_atom_sites.fract_transf_matrix[3][2]   -0.00167241 
_atom_sites.fract_transf_matrix[3][3]   0.01477665 
_atom_sites.fract_transf_vector[1]      -0.006890 
_atom_sites.fract_transf_vector[2]      0.270637 
_atom_sites.fract_transf_vector[3]      0.294220 
# 
loop_
_atom_type.symbol 
AG 
C  
H  
N  
O  
P  
# 
loop_
_atom_site.group_PDB 
_atom_site.id 
_atom_site.type_symbol 
_atom_site.label_atom_id 
_atom_site.label_alt_id 
_atom_site.label_comp_id 
_atom_site.label_asym_id 
_atom_site.label_entity_id 
_atom_site.label_seq_id 
_atom_site.pdbx_PDB_ins_code 
_atom_site.Cartn_x 
_atom_site.Cartn_y 
_atom_site.Cartn_z 
_atom_site.occupancy 
_atom_site.B_iso_or_equiv 
_atom_site.pdbx_formal_charge 
_atom_site.auth_seq_id 
_atom_site.auth_comp_id 
_atom_site.auth_asym_id 
_atom_site.auth_atom_id 
_atom_site.pdbx_PDB_model_num 
ATOM   1   O  "O5'"  . DA  A 1 1 ? -5.262  -2.746  -8.485  1.00 20.90 ? 1   DA  A "O5'"  1 
ATOM   2   C  "C5'"  . DA  A 1 1 ? -5.486  -3.937  -9.253  1.00 19.95 ? 1   DA  A "C5'"  1 
ATOM   3   C  "C4'"  . DA  A 1 1 ? -4.439  -4.997  -8.947  1.00 18.38 ? 1   DA  A "C4'"  1 
ATOM   4   O  "O4'"  . DA  A 1 1 ? -3.161  -4.561  -9.455  1.00 17.40 ? 1   DA  A "O4'"  1 
ATOM   5   C  "C3'"  . DA  A 1 1 ? -4.218  -5.276  -7.473  1.00 17.54 ? 1   DA  A "C3'"  1 
ATOM   6   O  "O3'"  . DA  A 1 1 ? -5.055  -6.325  -7.035  1.00 17.39 ? 1   DA  A "O3'"  1 
ATOM   7   C  "C2'"  . DA  A 1 1 ? -2.743  -5.648  -7.394  1.00 17.13 ? 1   DA  A "C2'"  1 
ATOM   8   C  "C1'"  . DA  A 1 1 ? -2.122  -4.886  -8.549  1.00 16.28 ? 1   DA  A "C1'"  1 
ATOM   9   N  N9     . DA  A 1 1 ? -1.464  -3.647  -8.169  1.00 14.23 ? 1   DA  A N9     1 
ATOM   10  C  C8     . DA  A 1 1 ? -2.033  -2.410  -8.090  1.00 14.43 ? 1   DA  A C8     1 
ATOM   11  N  N7     . DA  A 1 1 ? -1.192  -1.460  -7.778  1.00 14.12 ? 1   DA  A N7     1 
ATOM   12  C  C5     . DA  A 1 1 ? 0.020   -2.120  -7.655  1.00 12.92 ? 1   DA  A C5     1 
ATOM   13  C  C6     . DA  A 1 1 ? 1.307   -1.670  -7.338  1.00 12.49 ? 1   DA  A C6     1 
ATOM   14  N  N6     . DA  A 1 1 ? 1.594   -0.388  -7.090  1.00 13.52 ? 1   DA  A N6     1 
ATOM   15  N  N1     . DA  A 1 1 ? 2.297   -2.590  -7.296  1.00 11.73 ? 1   DA  A N1     1 
ATOM   16  C  C2     . DA  A 1 1 ? 2.003   -3.869  -7.547  1.00 11.91 ? 1   DA  A C2     1 
ATOM   17  N  N3     . DA  A 1 1 ? 0.829   -4.408  -7.860  1.00 12.36 ? 1   DA  A N3     1 
ATOM   18  C  C4     . DA  A 1 1 ? -0.132  -3.470  -7.892  1.00 12.67 ? 1   DA  A C4     1 
ATOM   19  H  "H5'"  . DA  A 1 1 ? -5.448  -3.717  -10.197 1.00 23.94 ? 1   DA  A "H5'"  1 
ATOM   20  H  "H5''" . DA  A 1 1 ? -6.366  -4.289  -9.044  1.00 23.94 ? 1   DA  A "H5''" 1 
ATOM   21  H  "H4'"  . DA  A 1 1 ? -4.689  -5.823  -9.389  1.00 22.06 ? 1   DA  A "H4'"  1 
ATOM   22  H  "H3'"  . DA  A 1 1 ? -4.387  -4.474  -6.954  1.00 21.05 ? 1   DA  A "H3'"  1 
ATOM   23  H  "H2'"  . DA  A 1 1 ? -2.364  -5.359  -6.550  1.00 20.55 ? 1   DA  A "H2'"  1 
ATOM   24  H  "H2''" . DA  A 1 1 ? -2.626  -6.603  -7.514  1.00 20.55 ? 1   DA  A "H2''" 1 
ATOM   25  H  "H1'"  . DA  A 1 1 ? -1.480  -5.460  -8.996  1.00 19.53 ? 1   DA  A "H1'"  1 
ATOM   26  H  H8     . DA  A 1 1 ? -2.937  -2.256  -8.249  1.00 17.32 ? 1   DA  A H8     1 
ATOM   27  H  H61    . DA  A 1 1 ? 2.401   -0.156  -6.906  1.00 16.22 ? 1   DA  A H61    1 
ATOM   28  H  H62    . DA  A 1 1 ? 0.971   0.204   -7.114  1.00 16.22 ? 1   DA  A H62    1 
ATOM   29  H  H2     . DA  A 1 1 ? 2.719   -4.461  -7.511  1.00 14.29 ? 1   DA  A H2     1 
ATOM   30  H  "HO5'" . DA  A 1 1 ? -5.764  -2.080  -8.588  1.00 25.08 ? 1   DA  A "HO5'" 1 
ATOM   31  P  P      . DA  A 1 2 ? -5.488  -6.413  -5.497  1.00 17.27 ? 2   DA  A P      1 
ATOM   32  O  OP1    . DA  A 1 2 ? -6.743  -7.196  -5.470  1.00 18.03 ? 2   DA  A OP1    1 
ATOM   33  O  OP2    . DA  A 1 2 ? -5.454  -5.061  -4.895  1.00 18.04 ? 2   DA  A OP2    1 
ATOM   34  O  "O5'"  . DA  A 1 2 ? -4.334  -7.266  -4.811  1.00 15.42 ? 2   DA  A "O5'"  1 
ATOM   35  C  "C5'"  . DA  A 1 2 ? -4.063  -8.578  -5.249  1.00 14.29 ? 2   DA  A "C5'"  1 
ATOM   36  C  "C4'"  . DA  A 1 2 ? -2.893  -9.153  -4.487  1.00 12.96 ? 2   DA  A "C4'"  1 
ATOM   37  O  "O4'"  . DA  A 1 2 ? -1.729  -8.315  -4.708  1.00 12.37 ? 2   DA  A "O4'"  1 
ATOM   38  C  "C3'"  . DA  A 1 2 ? -3.057  -9.230  -2.974  1.00 12.51 ? 2   DA  A "C3'"  1 
ATOM   39  O  "O3'"  . DA  A 1 2 ? -2.383  -10.380 -2.509  1.00 12.44 ? 2   DA  A "O3'"  1 
ATOM   40  C  "C2'"  . DA  A 1 2 ? -2.416  -7.932  -2.497  1.00 12.01 ? 2   DA  A "C2'"  1 
ATOM   41  C  "C1'"  . DA  A 1 2 ? -1.280  -7.754  -3.499  1.00 11.68 ? 2   DA  A "C1'"  1 
ATOM   42  N  N9     . DA  A 1 2 ? -0.913  -6.361  -3.743  1.00 10.76 ? 2   DA  A N9     1 
ATOM   43  C  C8     . DA  A 1 2 ? -1.762  -5.315  -3.953  1.00 11.05 ? 2   DA  A C8     1 
ATOM   44  N  N7     . DA  A 1 2 ? -1.153  -4.170  -4.155  1.00 10.85 ? 2   DA  A N7     1 
ATOM   45  C  C5     . DA  A 1 2 ? 0.188   -4.480  -4.063  1.00 10.32 ? 2   DA  A C5     1 
ATOM   46  C  C6     . DA  A 1 2 ? 1.342   -3.689  -4.146  1.00 9.85  ? 2   DA  A C6     1 
ATOM   47  N  N6     . DA  A 1 2 ? 1.303   -2.366  -4.327  1.00 10.22 ? 2   DA  A N6     1 
ATOM   48  N  N1     . DA  A 1 2 ? 2.543   -4.313  -4.012  1.00 9.82  ? 2   DA  A N1     1 
ATOM   49  C  C2     . DA  A 1 2 ? 2.561   -5.635  -3.791  1.00 10.03 ? 2   DA  A C2     1 
ATOM   50  N  N3     . DA  A 1 2 ? 1.533   -6.480  -3.677  1.00 10.26 ? 2   DA  A N3     1 
ATOM   51  C  C4     . DA  A 1 2 ? 0.362   -5.830  -3.824  1.00 10.18 ? 2   DA  A C4     1 
ATOM   52  H  "H5'"  . DA  A 1 2 ? -3.853  -8.563  -6.196  1.00 17.14 ? 2   DA  A "H5'"  1 
ATOM   53  H  "H5''" . DA  A 1 2 ? -4.845  -9.133  -5.103  1.00 17.14 ? 2   DA  A "H5''" 1 
ATOM   54  H  "H4'"  . DA  A 1 2 ? -2.708  -10.042 -4.825  1.00 15.56 ? 2   DA  A "H4'"  1 
ATOM   55  H  "H3'"  . DA  A 1 2 ? -3.996  -9.258  -2.733  1.00 15.01 ? 2   DA  A "H3'"  1 
ATOM   56  H  "H2'"  . DA  A 1 2 ? -3.043  -7.194  -2.552  1.00 14.42 ? 2   DA  A "H2'"  1 
ATOM   57  H  "H2''" . DA  A 1 2 ? -2.070  -8.027  -1.596  1.00 14.42 ? 2   DA  A "H2''" 1 
ATOM   58  H  "H1'"  . DA  A 1 2 ? -0.501  -8.242  -3.190  1.00 14.02 ? 2   DA  A "H1'"  1 
ATOM   59  H  H8     . DA  A 1 2 ? -2.687  -5.405  -3.959  1.00 13.26 ? 2   DA  A H8     1 
ATOM   60  H  H62    . DA  A 1 2 ? 0.547   -1.965  -4.412  1.00 12.27 ? 2   DA  A H62    1 
ATOM   61  H  H2     . DA  A 1 2 ? 3.406   -6.016  -3.700  1.00 12.03 ? 2   DA  A H2     1 
ATOM   62  P  P      . DC  A 1 3 ? -2.445  -10.851 -0.981  1.00 12.91 ? 3   DC  A P      1 
ATOM   63  O  OP1    . DC  A 1 3 ? -1.972  -12.254 -0.990  1.00 13.35 ? 3   DC  A OP1    1 
ATOM   64  O  OP2    . DC  A 1 3 ? -3.765  -10.536 -0.394  1.00 13.75 ? 3   DC  A OP2    1 
ATOM   65  O  "O5'"  . DC  A 1 3 ? -1.369  -9.940  -0.236  1.00 12.48 ? 3   DC  A "O5'"  1 
ATOM   66  C  "C5'"  . DC  A 1 3 ? -0.002  -10.163 -0.450  1.00 11.90 ? 3   DC  A "C5'"  1 
ATOM   67  C  "C4'"  . DC  A 1 3 ? 0.817   -9.167  0.317   1.00 11.33 ? 3   DC  A "C4'"  1 
ATOM   68  O  "O4'"  . DC  A 1 3 ? 0.831   -7.906  -0.408  1.00 10.90 ? 3   DC  A "O4'"  1 
ATOM   69  C  "C3'"  . DC  A 1 3 ? 0.292   -8.836  1.729   1.00 11.42 ? 3   DC  A "C3'"  1 
ATOM   70  O  "O3'"  . DC  A 1 3 ? 1.349   -8.988  2.680   1.00 12.23 ? 3   DC  A "O3'"  1 
ATOM   71  C  "C2'"  . DC  A 1 3 ? -0.183  -7.395  1.585   1.00 11.35 ? 3   DC  A "C2'"  1 
ATOM   72  C  "C1'"  . DC  A 1 3 ? 0.792   -6.897  0.532   1.00 10.72 ? 3   DC  A "C1'"  1 
ATOM   73  N  N1     . DC  A 1 3 ? 0.442   -5.593  -0.086  1.00 10.34 ? 3   DC  A N1     1 
ATOM   74  C  C2     . DC  A 1 3 ? 1.476   -4.707  -0.404  1.00 9.91  ? 3   DC  A C2     1 
ATOM   75  O  O2     . DC  A 1 3 ? 2.654   -5.071  -0.265  1.00 10.50 ? 3   DC  A O2     1 
ATOM   76  N  N3     . DC  A 1 3 ? 1.161   -3.479  -0.868  1.00 9.84  ? 3   DC  A N3     1 
ATOM   77  C  C4     . DC  A 1 3 ? -0.116  -3.135  -1.067  1.00 10.12 ? 3   DC  A C4     1 
ATOM   78  N  N4     . DC  A 1 3 ? -0.382  -1.903  -1.500  1.00 10.55 ? 3   DC  A N4     1 
ATOM   79  C  C5     . DC  A 1 3 ? -1.179  -4.033  -0.780  1.00 10.43 ? 3   DC  A C5     1 
ATOM   80  C  C6     . DC  A 1 3 ? -0.861  -5.234  -0.288  1.00 10.51 ? 3   DC  A C6     1 
ATOM   81  H  "H5'"  . DC  A 1 3 ? 0.191   -10.075 -1.397  1.00 14.28 ? 3   DC  A "H5'"  1 
ATOM   82  H  "H5''" . DC  A 1 3 ? 0.226   -11.059 -0.159  1.00 14.28 ? 3   DC  A "H5''" 1 
ATOM   83  H  "H4'"  . DC  A 1 3 ? 1.727   -9.497  0.391   1.00 13.59 ? 3   DC  A "H4'"  1 
ATOM   84  H  "H3'"  . DC  A 1 3 ? -0.452  -9.415  1.955   1.00 13.71 ? 3   DC  A "H3'"  1 
ATOM   85  H  "H2'"  . DC  A 1 3 ? -1.096  -7.357  1.262   1.00 13.62 ? 3   DC  A "H2'"  1 
ATOM   86  H  "H2''" . DC  A 1 3 ? -0.079  -6.906  2.417   1.00 13.62 ? 3   DC  A "H2''" 1 
ATOM   87  H  "H1'"  . DC  A 1 3 ? 1.670   -6.818  0.937   1.00 12.86 ? 3   DC  A "H1'"  1 
ATOM   88  H  H41    . DC  A 1 3 ? -1.199  -1.640  -1.573  1.00 12.66 ? 3   DC  A H41    1 
ATOM   89  H  H5     . DC  A 1 3 ? -2.066  -3.769  -0.867  1.00 12.52 ? 3   DC  A H5     1 
ATOM   90  H  H6     . DC  A 1 3 ? -1.539  -5.821  -0.041  1.00 12.61 ? 3   DC  A H6     1 
ATOM   91  P  P      . DC  A 1 4 ? 1.184   -8.540  4.209   1.00 13.15 ? 4   DC  A P      1 
ATOM   92  O  OP1    . DC  A 1 4 ? 2.225   -9.272  4.971   1.00 13.73 ? 4   DC  A OP1    1 
ATOM   93  O  OP2    . DC  A 1 4 ? -0.236  -8.640  4.601   1.00 14.00 ? 4   DC  A OP2    1 
ATOM   94  O  "O5'"  . DC  A 1 4 ? 1.354   -6.952  4.190   1.00 15.41 ? 4   DC  A "O5'"  1 
ATOM   95  C  "C5'"  . DC  A 1 4 ? 2.617   -6.408  4.329   1.00 15.50 ? 4   DC  A "C5'"  1 
ATOM   96  C  "C4'"  . DC  A 1 4 ? 2.695   -4.942  3.917   1.00 13.89 ? 4   DC  A "C4'"  1 
ATOM   97  O  "O4'"  . DC  A 1 4 ? 1.787   -4.636  2.840   1.00 11.95 ? 4   DC  A "O4'"  1 
ATOM   98  C  "C3'"  . DC  A 1 4 ? 2.353   -3.878  4.940   1.00 15.49 ? 4   DC  A "C3'"  1 
ATOM   99  O  "O3'"  . DC  A 1 4 ? 3.363   -3.743  5.908   1.00 17.81 ? 4   DC  A "O3'"  1 
ATOM   100 C  "C2'"  . DC  A 1 4 ? 2.281   -2.658  4.037   1.00 14.39 ? 4   DC  A "C2'"  1 
ATOM   101 C  "C1'"  . DC  A 1 4 ? 1.726   -3.228  2.734   1.00 12.31 ? 4   DC  A "C1'"  1 
ATOM   102 N  N1     . DC  A 1 4 ? 0.346   -2.812  2.496   1.00 11.25 ? 4   DC  A N1     1 
ATOM   103 C  C2     . DC  A 1 4 ? 0.130   -1.580  1.897   1.00 10.96 ? 4   DC  A C2     1 
ATOM   104 O  O2     . DC  A 1 4 ? 1.106   -0.896  1.573   1.00 11.42 ? 4   DC  A O2     1 
ATOM   105 N  N3     . DC  A 1 4 ? -1.140  -1.163  1.690   1.00 11.06 ? 4   DC  A N3     1 
ATOM   106 C  C4     . DC  A 1 4 ? -2.166  -1.935  2.062   1.00 11.71 ? 4   DC  A C4     1 
ATOM   107 N  N4     . DC  A 1 4 ? -3.409  -1.488  1.830   1.00 12.93 ? 4   DC  A N4     1 
ATOM   108 C  C5     . DC  A 1 4 ? -1.962  -3.199  2.696   1.00 11.97 ? 4   DC  A C5     1 
ATOM   109 C  C6     . DC  A 1 4 ? -0.701  -3.590  2.904   1.00 11.56 ? 4   DC  A C6     1 
ATOM   110 H  "H5'"  . DC  A 1 4 ? 3.235   -6.918  3.782   1.00 18.61 ? 4   DC  A "H5'"  1 
ATOM   111 H  "H5''" . DC  A 1 4 ? 2.887   -6.486  5.257   1.00 18.61 ? 4   DC  A "H5''" 1 
ATOM   112 H  "H4'"  . DC  A 1 4 ? 3.597   -4.772  3.605   1.00 16.67 ? 4   DC  A "H4'"  1 
ATOM   113 H  "H3'"  . DC  A 1 4 ? 1.492   -4.057  5.352   1.00 18.59 ? 4   DC  A "H3'"  1 
ATOM   114 H  "H2'"  . DC  A 1 4 ? 1.677   -1.994  4.405   1.00 17.27 ? 4   DC  A "H2'"  1 
ATOM   115 H  "H2''" . DC  A 1 4 ? 3.164   -2.281  3.898   1.00 17.27 ? 4   DC  A "H2''" 1 
ATOM   116 H  "H1'"  . DC  A 1 4 ? 2.282   -2.937  1.994   1.00 14.77 ? 4   DC  A "H1'"  1 
ATOM   117 H  H41    . DC  A 1 4 ? -4.087  -1.965  2.060   1.00 15.52 ? 4   DC  A H41    1 
ATOM   118 H  H42    . DC  A 1 4 ? -3.528  -0.725  1.453   1.00 15.52 ? 4   DC  A H42    1 
ATOM   119 H  H5     . DC  A 1 4 ? -2.679  -3.731  2.953   1.00 14.36 ? 4   DC  A H5     1 
ATOM   120 H  H6     . DC  A 1 4 ? -0.534  -4.412  3.306   1.00 13.87 ? 4   DC  A H6     1 
ATOM   121 P  P      . DC  A 1 5 ? 2.993   -3.503  7.445   1.00 18.09 ? 5   DC  A P      1 
ATOM   122 O  OP1    . DC  A 1 5 ? 4.267   -3.441  8.200   1.00 19.69 ? 5   DC  A OP1    1 
ATOM   123 O  OP2    . DC  A 1 5 ? 1.975   -4.512  7.799   1.00 20.23 ? 5   DC  A OP2    1 
ATOM   124 O  "O5'"  . DC  A 1 5 ? 2.269   -2.090  7.464   1.00 18.34 ? 5   DC  A "O5'"  1 
ATOM   125 C  "C5'"  . DC  A 1 5 ? 2.901   -0.994  8.018   1.00 17.72 ? 5   DC  A "C5'"  1 
ATOM   126 C  "C4'"  . DC  A 1 5 ? 3.496   -0.092  6.955   1.00 15.79 ? 5   DC  A "C4'"  1 
ATOM   127 O  "O4'"  . DC  A 1 5 ? 2.732   -0.173  5.709   1.00 14.61 ? 5   DC  A "O4'"  1 
ATOM   128 C  "C3'"  . DC  A 1 5 ? 3.477   1.357   7.366   1.00 14.63 ? 5   DC  A "C3'"  1 
ATOM   129 O  "O3'"  . DC  A 1 5 ? 4.610   2.053   6.927   1.00 13.69 ? 5   DC  A "O3'"  1 
ATOM   130 C  "C2'"  . DC  A 1 5 ? 2.197   1.884   6.746   1.00 14.15 ? 5   DC  A "C2'"  1 
ATOM   131 C  "C1'"  . DC  A 1 5 ? 1.994   1.013   5.508   1.00 13.62 ? 5   DC  A "C1'"  1 
ATOM   132 N  N1     . DC  A 1 5 ? 0.578   0.661   5.299   1.00 12.83 ? 5   DC  A N1     1 
ATOM   133 C  C2     . DC  A 1 5 ? -0.202  1.401   4.412   1.00 12.30 ? 5   DC  A C2     1 
ATOM   134 O  O2     . DC  A 1 5 ? 0.322   2.321   3.769   1.00 12.70 ? 5   DC  A O2     1 
ATOM   135 N  N3     . DC  A 1 5 ? -1.523  1.091   4.287   1.00 12.14 ? 5   DC  A N3     1 
ATOM   136 C  C4     . DC  A 1 5 ? -2.044  0.084   4.995   1.00 12.80 ? 5   DC  A C4     1 
ATOM   137 N  N4     . DC  A 1 5 ? -3.345  -0.194  4.853   1.00 13.23 ? 5   DC  A N4     1 
ATOM   138 C  C5     . DC  A 1 5 ? -1.256  -0.672  5.904   1.00 13.35 ? 5   DC  A C5     1 
ATOM   139 C  C6     . DC  A 1 5 ? 0.030   -0.346  6.029   1.00 13.27 ? 5   DC  A C6     1 
ATOM   140 H  "H5'"  . DC  A 1 5 ? 3.610   -1.301  8.604   1.00 21.27 ? 5   DC  A "H5'"  1 
ATOM   141 H  "H5''" . DC  A 1 5 ? 2.258   -0.488  8.538   1.00 21.27 ? 5   DC  A "H5''" 1 
ATOM   142 H  "H4'"  . DC  A 1 5 ? 4.412   -0.362  6.784   1.00 18.95 ? 5   DC  A "H4'"  1 
ATOM   143 H  "H3'"  . DC  A 1 5 ? 3.415   1.416   8.332   1.00 17.56 ? 5   DC  A "H3'"  1 
ATOM   144 H  "H2'"  . DC  A 1 5 ? 1.453   1.779   7.361   1.00 16.99 ? 5   DC  A "H2'"  1 
ATOM   145 H  "H2''" . DC  A 1 5 ? 2.299   2.815   6.494   1.00 16.99 ? 5   DC  A "H2''" 1 
ATOM   146 H  "H1'"  . DC  A 1 5 ? 2.332   1.477   4.726   1.00 16.34 ? 5   DC  A "H1'"  1 
ATOM   147 H  H41    . DC  A 1 5 ? -3.699  -0.838  5.301   1.00 15.87 ? 5   DC  A H41    1 
ATOM   148 H  H42    . DC  A 1 5 ? -3.828  0.271   4.316   1.00 15.87 ? 5   DC  A H42    1 
ATOM   149 H  H5     . DC  A 1 5 ? -1.628  -1.360  6.406   1.00 16.02 ? 5   DC  A H5     1 
ATOM   150 H  H6     . DC  A 1 5 ? 0.564   -0.819  6.627   1.00 15.92 ? 5   DC  A H6     1 
ATOM   151 P  P      . DC  A 1 6 ? 5.039   3.384   7.708   1.00 13.72 ? 6   DC  A P      1 
ATOM   152 O  OP1    . DC  A 1 6 ? 6.430   3.654   7.282   1.00 14.59 ? 6   DC  A OP1    1 
ATOM   153 O  OP2    . DC  A 1 6 ? 4.725   3.265   9.151   1.00 14.38 ? 6   DC  A OP2    1 
ATOM   154 O  "O5'"  . DC  A 1 6 ? 4.085   4.513   7.126   1.00 13.68 ? 6   DC  A "O5'"  1 
ATOM   155 C  "C5'"  . DC  A 1 6 ? 4.346   5.055   5.850   1.00 13.91 ? 6   DC  A "C5'"  1 
ATOM   156 C  "C4'"  . DC  A 1 6 ? 3.154   5.842   5.356   1.00 13.83 ? 6   DC  A "C4'"  1 
ATOM   157 O  "O4'"  . DC  A 1 6 ? 2.050   4.949   5.118   1.00 13.04 ? 6   DC  A "O4'"  1 
ATOM   158 C  "C3'"  . DC  A 1 6 ? 2.594   6.864   6.326   1.00 14.85 ? 6   DC  A "C3'"  1 
ATOM   159 O  "O3'"  . DC  A 1 6 ? 3.328   8.079   6.277   1.00 16.58 ? 6   DC  A "O3'"  1 
ATOM   160 C  "C2'"  . DC  A 1 6 ? 1.155   7.025   5.830   1.00 14.51 ? 6   DC  A "C2'"  1 
ATOM   161 C  "C1'"  . DC  A 1 6 ? 0.868   5.701   5.083   1.00 13.60 ? 6   DC  A "C1'"  1 
ATOM   162 N  N1     . DC  A 1 6 ? -0.210  4.924   5.705   1.00 12.49 ? 6   DC  A N1     1 
ATOM   163 C  C2     . DC  A 1 6 ? -1.397  4.700   5.006   1.00 12.23 ? 6   DC  A C2     1 
ATOM   164 O  O2     . DC  A 1 6 ? -1.499  5.109   3.843   1.00 12.81 ? 6   DC  A O2     1 
ATOM   165 N  N3     . DC  A 1 6 ? -2.407  4.034   5.628   1.00 12.44 ? 6   DC  A N3     1 
ATOM   166 C  C4     . DC  A 1 6 ? -2.230  3.580   6.875   1.00 13.10 ? 6   DC  A C4     1 
ATOM   167 N  N4     . DC  A 1 6 ? -3.244  2.936   7.461   1.00 14.56 ? 6   DC  A N4     1 
ATOM   168 C  C5     . DC  A 1 6 ? -1.010  3.782   7.578   1.00 12.82 ? 6   DC  A C5     1 
ATOM   169 C  C6     . DC  A 1 6 ? -0.043  4.457   6.965   1.00 12.26 ? 6   DC  A C6     1 
ATOM   170 H  "H5'"  . DC  A 1 6 ? 4.535   4.334   5.228   1.00 16.70 ? 6   DC  A "H5'"  1 
ATOM   171 H  "H5''" . DC  A 1 6 ? 5.118   5.642   5.902   1.00 16.70 ? 6   DC  A "H5''" 1 
ATOM   172 H  "H4'"  . DC  A 1 6 ? 3.387   6.286   4.526   1.00 16.60 ? 6   DC  A "H4'"  1 
ATOM   173 H  "H3'"  . DC  A 1 6 ? 2.598   6.505   7.228   1.00 17.82 ? 6   DC  A "H3'"  1 
ATOM   174 H  "HO3'" . DC  A 1 6 ? 2.943   8.795   6.068   1.00 19.90 ? 6   DC  A "HO3'" 1 
ATOM   175 H  "H2'"  . DC  A 1 6 ? 0.547   7.132   6.578   1.00 17.41 ? 6   DC  A "H2'"  1 
ATOM   176 H  "H2''" . DC  A 1 6 ? 1.088   7.779   5.223   1.00 17.41 ? 6   DC  A "H2''" 1 
ATOM   177 H  "H1'"  . DC  A 1 6 ? 0.637   5.894   4.162   1.00 16.32 ? 6   DC  A "H1'"  1 
ATOM   178 H  H41    . DC  A 1 6 ? -3.157  2.634   8.261   1.00 17.47 ? 6   DC  A H41    1 
ATOM   179 H  H42    . DC  A 1 6 ? -3.984  2.823   7.036   1.00 17.47 ? 6   DC  A H42    1 
ATOM   180 H  H5     . DC  A 1 6 ? -0.911  3.494   8.457   1.00 15.38 ? 6   DC  A H5     1 
ATOM   181 H  H6     . DC  A 1 6 ? 0.749   4.634   7.418   1.00 14.72 ? 6   DC  A H6     1 
ATOM   182 O  "O5'"  . DA  B 1 1 ? 8.080   1.740   6.410   1.00 15.19 ? 1   DA  B "O5'"  1 
ATOM   183 C  "C5'"  . DA  B 1 1 ? 9.008   2.377   5.534   1.00 14.77 ? 1   DA  B "C5'"  1 
ATOM   184 C  "C4'"  . DA  B 1 1 ? 8.514   2.370   4.092   1.00 14.00 ? 1   DA  B "C4'"  1 
ATOM   185 O  "O4'"  . DA  B 1 1 ? 8.420   1.007   3.599   1.00 13.31 ? 1   DA  B "O4'"  1 
ATOM   186 C  "C3'"  . DA  B 1 1 ? 7.137   2.969   3.866   1.00 13.80 ? 1   DA  B "C3'"  1 
ATOM   187 O  "O3'"  . DA  B 1 1 ? 7.099   3.584   2.602   1.00 14.51 ? 1   DA  B "O3'"  1 
ATOM   188 C  "C2'"  . DA  B 1 1 ? 6.217   1.758   3.940   1.00 13.12 ? 1   DA  B "C2'"  1 
ATOM   189 C  "C1'"  . DA  B 1 1 ? 7.067   0.686   3.278   1.00 12.76 ? 1   DA  B "C1'"  1 
ATOM   190 N  N9     . DA  B 1 1 ? 6.814   -0.672  3.745   1.00 11.81 ? 1   DA  B N9     1 
ATOM   191 C  C8     . DA  B 1 1 ? 6.991   -1.134  5.019   1.00 12.02 ? 1   DA  B C8     1 
ATOM   192 N  N7     . DA  B 1 1 ? 6.737   -2.410  5.162   1.00 11.65 ? 1   DA  B N7     1 
ATOM   193 C  C5     . DA  B 1 1 ? 6.386   -2.826  3.891   1.00 10.78 ? 1   DA  B C5     1 
ATOM   194 C  C6     . DA  B 1 1 ? 6.015   -4.078  3.379   1.00 10.58 ? 1   DA  B C6     1 
ATOM   195 N  N6     . DA  B 1 1 ? 5.946   -5.175  4.123   1.00 11.01 ? 1   DA  B N6     1 
ATOM   196 N  N1     . DA  B 1 1 ? 5.720   -4.153  2.059   1.00 10.20 ? 1   DA  B N1     1 
ATOM   197 C  C2     . DA  B 1 1 ? 5.808   -3.041  1.311   1.00 9.95  ? 1   DA  B C2     1 
ATOM   198 N  N3     . DA  B 1 1 ? 6.157   -1.811  1.679   1.00 10.41 ? 1   DA  B N3     1 
ATOM   199 C  C4     . DA  B 1 1 ? 6.436   -1.769  2.997   1.00 11.05 ? 1   DA  B C4     1 
ATOM   200 H  "H5'"  . DA  B 1 1 ? 9.858   1.911   5.580   1.00 17.73 ? 1   DA  B "H5'"  1 
ATOM   201 H  "H5''" . DA  B 1 1 ? 9.136   3.295   5.820   1.00 17.73 ? 1   DA  B "H5''" 1 
ATOM   202 H  "H4'"  . DA  B 1 1 ? 9.154   2.853   3.546   1.00 16.80 ? 1   DA  B "H4'"  1 
ATOM   203 H  "H3'"  . DA  B 1 1 ? 6.923   3.605   4.565   1.00 16.55 ? 1   DA  B "H3'"  1 
ATOM   204 H  "H2'"  . DA  B 1 1 ? 6.023   1.525   4.862   1.00 15.74 ? 1   DA  B "H2'"  1 
ATOM   205 H  "H2''" . DA  B 1 1 ? 5.401   1.911   3.439   1.00 15.74 ? 1   DA  B "H2''" 1 
ATOM   206 H  "H1'"  . DA  B 1 1 ? 6.945   0.726   2.316   1.00 15.32 ? 1   DA  B "H1'"  1 
ATOM   207 H  H8     . DA  B 1 1 ? 7.260   -0.589  5.723   1.00 14.42 ? 1   DA  B H8     1 
ATOM   208 H  H61    . DA  B 1 1 ? 5.717   -5.923  3.766   1.00 13.21 ? 1   DA  B H61    1 
ATOM   209 H  H62    . DA  B 1 1 ? 6.130   -5.139  4.962   1.00 13.21 ? 1   DA  B H62    1 
ATOM   210 H  H2     . DA  B 1 1 ? 5.604   -3.147  0.409   1.00 11.94 ? 1   DA  B H2     1 
ATOM   211 H  "HO5'" . DA  B 1 1 ? 7.496   2.196   6.806   1.00 18.22 ? 1   DA  B "HO5'" 1 
ATOM   212 P  P      . DA  B 1 2 ? 6.468   5.046   2.445   1.00 15.54 ? 2   DA  B P      1 
ATOM   213 O  OP1    . DA  B 1 2 ? 7.220   5.991   3.302   1.00 16.46 ? 2   DA  B OP1    1 
ATOM   214 O  OP2    . DA  B 1 2 ? 5.008   4.960   2.648   1.00 16.39 ? 2   DA  B OP2    1 
ATOM   215 O  "O5'"  . DA  B 1 2 ? 6.712   5.366   0.903   1.00 15.37 ? 2   DA  B "O5'"  1 
ATOM   216 C  "C5'"  . DA  B 1 2 ? 7.844   6.091   0.478   1.00 15.07 ? 2   DA  B "C5'"  1 
ATOM   217 C  "C4'"  . DA  B 1 2 ? 7.958   6.006   -1.024  1.00 14.78 ? 2   DA  B "C4'"  1 
ATOM   218 O  "O4'"  . DA  B 1 2 ? 8.504   4.711   -1.372  1.00 14.15 ? 2   DA  B "O4'"  1 
ATOM   219 C  "C3'"  . DA  B 1 2 ? 6.633   6.120   -1.772  1.00 15.21 ? 2   DA  B "C3'"  1 
ATOM   220 O  "O3'"  . DA  B 1 2 ? 6.423   7.451   -2.207  1.00 16.39 ? 2   DA  B "O3'"  1 
ATOM   221 C  "C2'"  . DA  B 1 2 ? 6.797   5.151   -2.939  1.00 14.55 ? 2   DA  B "C2'"  1 
ATOM   222 C  "C1'"  . DA  B 1 2 ? 7.730   4.089   -2.379  1.00 13.56 ? 2   DA  B "C1'"  1 
ATOM   223 N  N9     . DA  B 1 2 ? 7.046   2.932   -1.794  1.00 11.87 ? 2   DA  B N9     1 
ATOM   224 C  C8     . DA  B 1 2 ? 7.289   2.364   -0.579  1.00 11.60 ? 2   DA  B C8     1 
ATOM   225 N  N7     . DA  B 1 2 ? 6.576   1.293   -0.342  1.00 11.10 ? 2   DA  B N7     1 
ATOM   226 C  C5     . DA  B 1 2 ? 5.807   1.144   -1.477  1.00 10.77 ? 2   DA  B C5     1 
ATOM   227 C  C6     . DA  B 1 2 ? 4.818   0.207   -1.829  1.00 10.52 ? 2   DA  B C6     1 
ATOM   228 N  N6     . DA  B 1 2 ? 4.422   -0.793  -1.023  1.00 10.32 ? 2   DA  B N6     1 
ATOM   229 N  N1     . DA  B 1 2 ? 4.267   0.329   -3.065  1.00 10.63 ? 2   DA  B N1     1 
ATOM   230 C  C2     . DA  B 1 2 ? 4.659   1.342   -3.865  1.00 11.33 ? 2   DA  B C2     1 
ATOM   231 N  N3     . DA  B 1 2 ? 5.565   2.289   -3.626  1.00 11.51 ? 2   DA  B N3     1 
ATOM   232 C  C4     . DA  B 1 2 ? 6.093   2.142   -2.394  1.00 11.17 ? 2   DA  B C4     1 
ATOM   233 H  "H5'"  . DA  B 1 2 ? 8.639   5.715   0.885   1.00 18.08 ? 2   DA  B "H5'"  1 
ATOM   234 H  "H5''" . DA  B 1 2 ? 7.751   7.019   0.744   1.00 18.08 ? 2   DA  B "H5''" 1 
ATOM   235 H  "H4'"  . DA  B 1 2 ? 8.560   6.699   -1.336  1.00 17.73 ? 2   DA  B "H4'"  1 
ATOM   236 H  "H3'"  . DA  B 1 2 ? 5.903   5.834   -1.201  1.00 18.25 ? 2   DA  B "H3'"  1 
ATOM   237 H  "H2'"  . DA  B 1 2 ? 5.942   4.762   -3.182  1.00 17.46 ? 2   DA  B "H2'"  1 
ATOM   238 H  "H2''" . DA  B 1 2 ? 7.202   5.596   -3.700  1.00 17.46 ? 2   DA  B "H2''" 1 
ATOM   239 H  "H1'"  . DA  B 1 2 ? 8.319   3.782   -3.086  1.00 16.27 ? 2   DA  B "H1'"  1 
ATOM   240 H  H8     . DA  B 1 2 ? 7.903   2.710   0.028   1.00 13.92 ? 2   DA  B H8     1 
ATOM   241 H  H62    . DA  B 1 2 ? 4.767   -0.875  -0.239  1.00 12.38 ? 2   DA  B H62    1 
ATOM   242 H  H2     . DA  B 1 2 ? 4.235   1.390   -4.691  1.00 13.60 ? 2   DA  B H2     1 
ATOM   243 P  P      . DC  B 1 3 ? 5.021   8.188   -1.942  1.00 17.66 ? 3   DC  B P      1 
ATOM   244 O  OP1    . DC  B 1 3 ? 5.138   9.527   -2.563  1.00 18.45 ? 3   DC  B OP1    1 
ATOM   245 O  OP2    . DC  B 1 3 ? 4.659   8.074   -0.514  1.00 18.40 ? 3   DC  B OP2    1 
ATOM   246 O  "O5'"  . DC  B 1 3 ? 3.969   7.337   -2.783  1.00 17.40 ? 3   DC  B "O5'"  1 
ATOM   247 C  "C5'"  . DC  B 1 3 ? 3.977   7.395   -4.190  1.00 17.30 ? 3   DC  B "C5'"  1 
ATOM   248 C  "C4'"  . DC  B 1 3 ? 3.124   6.290   -4.767  1.00 16.75 ? 3   DC  B "C4'"  1 
ATOM   249 O  "O4'"  . DC  B 1 3 ? 3.592   5.020   -4.267  1.00 15.59 ? 3   DC  B "O4'"  1 
ATOM   250 C  "C3'"  . DC  B 1 3 ? 1.659   6.319   -4.363  1.00 17.59 ? 3   DC  B "C3'"  1 
ATOM   251 O  "O3'"  . DC  B 1 3 ? 0.918   7.165   -5.179  1.00 18.80 ? 3   DC  B "O3'"  1 
ATOM   252 C  "C2'"  . DC  B 1 3 ? 1.245   4.877   -4.537  1.00 16.73 ? 3   DC  B "C2'"  1 
ATOM   253 C  "C1'"  . DC  B 1 3 ? 2.504   4.116   -4.188  1.00 15.42 ? 3   DC  B "C1'"  1 
ATOM   254 N  N1     . DC  B 1 3 ? 2.455   3.517   -2.850  1.00 13.54 ? 3   DC  B N1     1 
ATOM   255 C  C2     . DC  B 1 3 ? 1.850   2.282   -2.724  1.00 12.23 ? 3   DC  B C2     1 
ATOM   256 O  O2     . DC  B 1 3 ? 1.368   1.750   -3.737  1.00 12.78 ? 3   DC  B O2     1 
ATOM   257 N  N3     . DC  B 1 3 ? 1.807   1.691   -1.509  1.00 11.32 ? 3   DC  B N3     1 
ATOM   258 C  C4     . DC  B 1 3 ? 2.340   2.300   -0.445  1.00 11.64 ? 3   DC  B C4     1 
ATOM   259 N  N4     . DC  B 1 3 ? 2.274   1.670   0.735   1.00 11.77 ? 3   DC  B N4     1 
ATOM   260 C  C5     . DC  B 1 3 ? 2.965   3.578   -0.551  1.00 12.24 ? 3   DC  B C5     1 
ATOM   261 C  C6     . DC  B 1 3 ? 3.002   4.147   -1.766  1.00 12.96 ? 3   DC  B C6     1 
ATOM   262 H  "H5'"  . DC  B 1 3 ? 4.888   7.298   -4.509  1.00 20.76 ? 3   DC  B "H5'"  1 
ATOM   263 H  "H5''" . DC  B 1 3 ? 3.627   8.253   -4.476  1.00 20.76 ? 3   DC  B "H5''" 1 
ATOM   264 H  "H4'"  . DC  B 1 3 ? 3.192   6.301   -5.735  1.00 20.10 ? 3   DC  B "H4'"  1 
ATOM   265 H  "H3'"  . DC  B 1 3 ? 1.572   6.583   -3.434  1.00 21.11 ? 3   DC  B "H3'"  1 
ATOM   266 H  "H2'"  . DC  B 1 3 ? 0.527   4.650   -3.926  1.00 20.07 ? 3   DC  B "H2'"  1 
ATOM   267 H  "H2''" . DC  B 1 3 ? 0.983   4.705   -5.455  1.00 20.07 ? 3   DC  B "H2''" 1 
ATOM   268 H  "H1'"  . DC  B 1 3 ? 2.634   3.411   -4.842  1.00 18.51 ? 3   DC  B "H1'"  1 
ATOM   269 H  H41    . DC  B 1 3 ? 2.607   2.038   1.438   1.00 14.12 ? 3   DC  B H41    1 
ATOM   270 H  H42    . DC  B 1 3 ? 1.898   0.898   0.790   1.00 14.12 ? 3   DC  B H42    1 
ATOM   271 H  H5     . DC  B 1 3 ? 3.339   3.997   0.190   1.00 14.68 ? 3   DC  B H5     1 
ATOM   272 H  H6     . DC  B 1 3 ? 3.409   4.977   -1.873  1.00 15.55 ? 3   DC  B H6     1 
ATOM   273 P  P      . DC  B 1 4 ? -0.527  7.698   -4.715  1.00 19.87 ? 4   DC  B P      1 
ATOM   274 O  OP1    . DC  B 1 4 ? -0.876  8.663   -5.774  1.00 20.67 ? 4   DC  B OP1    1 
ATOM   275 O  OP2    . DC  B 1 4 ? -0.495  8.114   -3.294  1.00 20.72 ? 4   DC  B OP2    1 
ATOM   276 O  "O5'"  . DC  B 1 4 ? -1.498  6.431   -4.845  1.00 19.04 ? 4   DC  B "O5'"  1 
ATOM   277 C  "C5'"  . DC  B 1 4 ? -1.644  5.748   -6.084  1.00 17.76 ? 4   DC  B "C5'"  1 
ATOM   278 C  "C4'"  . DC  B 1 4 ? -2.347  4.420   -5.861  1.00 16.62 ? 4   DC  B "C4'"  1 
ATOM   279 O  "O4'"  . DC  B 1 4 ? -1.666  3.694   -4.791  1.00 15.03 ? 4   DC  B "O4'"  1 
ATOM   280 C  "C3'"  . DC  B 1 4 ? -3.814  4.521   -5.440  1.00 16.63 ? 4   DC  B "C3'"  1 
ATOM   281 O  "O3'"  . DC  B 1 4 ? -4.584  3.533   -6.124  1.00 17.78 ? 4   DC  B "O3'"  1 
ATOM   282 C  "C2'"  . DC  B 1 4 ? -3.769  4.292   -3.930  1.00 15.18 ? 4   DC  B "C2'"  1 
ATOM   283 C  "C1'"  . DC  B 1 4 ? -2.573  3.355   -3.772  1.00 14.14 ? 4   DC  B "C1'"  1 
ATOM   284 N  N1     . DC  B 1 4 ? -1.892  3.482   -2.454  1.00 12.88 ? 4   DC  B N1     1 
ATOM   285 C  C2     . DC  B 1 4 ? -1.692  2.349   -1.657  1.00 12.38 ? 4   DC  B C2     1 
ATOM   286 O  O2     . DC  B 1 4 ? -2.040  1.236   -2.079  1.00 12.78 ? 4   DC  B O2     1 
ATOM   287 N  N3     . DC  B 1 4 ? -1.107  2.504   -0.437  1.00 11.71 ? 4   DC  B N3     1 
ATOM   288 C  C4     . DC  B 1 4 ? -0.722  3.720   -0.025  1.00 12.12 ? 4   DC  B C4     1 
ATOM   289 N  N4     . DC  B 1 4 ? -0.158  3.833   1.191   1.00 12.30 ? 4   DC  B N4     1 
ATOM   290 C  C5     . DC  B 1 4 ? -0.916  4.875   -0.830  1.00 12.85 ? 4   DC  B C5     1 
ATOM   291 C  C6     . DC  B 1 4 ? -1.499  4.712   -2.019  1.00 12.91 ? 4   DC  B C6     1 
ATOM   292 H  "H5'"  . DC  B 1 4 ? -0.768  5.589   -6.469  1.00 21.32 ? 4   DC  B "H5'"  1 
ATOM   293 H  "H5''" . DC  B 1 4 ? -2.168  6.293   -6.692  1.00 21.32 ? 4   DC  B "H5''" 1 
ATOM   294 H  "H4'"  . DC  B 1 4 ? -2.293  3.897   -6.676  1.00 19.94 ? 4   DC  B "H4'"  1 
ATOM   295 H  "H3'"  . DC  B 1 4 ? -4.157  5.409   -5.632  1.00 19.96 ? 4   DC  B "H3'"  1 
ATOM   296 H  "H2'"  . DC  B 1 4 ? -3.617  5.126   -3.460  1.00 18.21 ? 4   DC  B "H2'"  1 
ATOM   297 H  "H2''" . DC  B 1 4 ? -4.584  3.863   -3.623  1.00 18.21 ? 4   DC  B "H2''" 1 
ATOM   298 H  "H1'"  . DC  B 1 4 ? -2.865  2.439   -3.894  1.00 16.97 ? 4   DC  B "H1'"  1 
ATOM   299 H  H41    . DC  B 1 4 ? 0.096   4.603   1.477   1.00 14.76 ? 4   DC  B H41    1 
ATOM   300 H  H42    . DC  B 1 4 ? -0.051  3.135   1.682   1.00 14.76 ? 4   DC  B H42    1 
ATOM   301 H  H5     . DC  B 1 4 ? -0.666  5.719   -0.530  1.00 15.42 ? 4   DC  B H5     1 
ATOM   302 H  H6     . DC  B 1 4 ? -1.655  5.455   -2.554  1.00 15.49 ? 4   DC  B H6     1 
ATOM   303 P  P      . DC  B 1 5 ? -6.183  3.481   -5.995  1.00 19.30 ? 5   DC  B P      1 
ATOM   304 O  OP1    . DC  B 1 5 ? -6.679  2.770   -7.194  1.00 19.86 ? 5   DC  B OP1    1 
ATOM   305 O  OP2    . DC  B 1 5 ? -6.700  4.831   -5.678  1.00 19.96 ? 5   DC  B OP2    1 
ATOM   306 O  "O5'"  . DC  B 1 5 ? -6.434  2.598   -4.704  1.00 18.40 ? 5   DC  B "O5'"  1 
ATOM   307 C  "C5'"  . DC  B 1 5 ? -5.980  1.282   -4.679  1.00 17.65 ? 5   DC  B "C5'"  1 
ATOM   308 C  "C4'"  . DC  B 1 5 ? -6.190  0.685   -3.312  1.00 17.03 ? 5   DC  B "C4'"  1 
ATOM   309 O  "O4'"  . DC  B 1 5 ? -5.286  1.318   -2.372  1.00 15.62 ? 5   DC  B "O4'"  1 
ATOM   310 C  "C3'"  . DC  B 1 5 ? -7.602  0.872   -2.737  1.00 18.01 ? 5   DC  B "C3'"  1 
ATOM   311 O  "O3'"  . DC  B 1 5 ? -8.124  -0.377  -2.309  1.00 20.55 ? 5   DC  B "O3'"  1 
ATOM   312 C  "C2'"  . DC  B 1 5 ? -7.396  1.847   -1.579  1.00 16.46 ? 5   DC  B "C2'"  1 
ATOM   313 C  "C1'"  . DC  B 1 5 ? -5.970  1.537   -1.174  1.00 15.07 ? 5   DC  B "C1'"  1 
ATOM   314 N  N1     . DC  B 1 5 ? -5.274  2.604   -0.424  1.00 13.90 ? 5   DC  B N1     1 
ATOM   315 C  C2     . DC  B 1 5 ? -4.388  2.236   0.583   1.00 13.47 ? 5   DC  B C2     1 
ATOM   316 O  O2     . DC  B 1 5 ? -4.220  1.034   0.816   1.00 13.85 ? 5   DC  B O2     1 
ATOM   317 N  N3     . DC  B 1 5 ? -3.744  3.200   1.282   1.00 12.72 ? 5   DC  B N3     1 
ATOM   318 C  C4     . DC  B 1 5 ? -3.939  4.482   0.974   1.00 12.97 ? 5   DC  B C4     1 
ATOM   319 N  N4     . DC  B 1 5 ? -3.284  5.402   1.688   1.00 13.02 ? 5   DC  B N4     1 
ATOM   320 C  C5     . DC  B 1 5 ? -4.828  4.880   -0.071  1.00 13.62 ? 5   DC  B C5     1 
ATOM   321 C  C6     . DC  B 1 5 ? -5.462  3.916   -0.741  1.00 13.81 ? 5   DC  B C6     1 
ATOM   322 H  "H5'"  . DC  B 1 5 ? -5.035  1.265   -4.895  1.00 21.18 ? 5   DC  B "H5'"  1 
ATOM   323 H  "H5''" . DC  B 1 5 ? -6.469  0.761   -5.335  1.00 21.18 ? 5   DC  B "H5''" 1 
ATOM   324 H  "H4'"  . DC  B 1 5 ? -5.990  -0.264  -3.351  1.00 20.43 ? 5   DC  B "H4'"  1 
ATOM   325 H  "H3'"  . DC  B 1 5 ? -8.184  1.267   -3.405  1.00 21.61 ? 5   DC  B "H3'"  1 
ATOM   326 H  "H2'"  . DC  B 1 5 ? -7.479  2.764   -1.879  1.00 19.76 ? 5   DC  B "H2'"  1 
ATOM   327 H  "H2''" . DC  B 1 5 ? -8.011  1.657   -0.853  1.00 19.76 ? 5   DC  B "H2''" 1 
ATOM   328 H  "H1'"  . DC  B 1 5 ? -5.959  0.721   -0.649  1.00 18.08 ? 5   DC  B "H1'"  1 
ATOM   329 H  H41    . DC  B 1 5 ? -3.388  6.237   1.514   1.00 15.63 ? 5   DC  B H41    1 
ATOM   330 H  H42    . DC  B 1 5 ? -2.756  5.158   2.323   1.00 15.63 ? 5   DC  B H42    1 
ATOM   331 H  H5     . DC  B 1 5 ? -4.972  5.777   -0.266  1.00 16.35 ? 5   DC  B H5     1 
ATOM   332 H  H6     . DC  B 1 5 ? -6.057  4.144   -1.419  1.00 16.57 ? 5   DC  B H6     1 
ATOM   333 P  P      . DC  B 1 6 ? -9.694  -0.569  -2.040  1.00 22.88 ? 6   DC  B P      1 
ATOM   334 O  OP1    . DC  B 1 6 ? -9.887  -2.031  -1.901  1.00 23.84 ? 6   DC  B OP1    1 
ATOM   335 O  OP2    . DC  B 1 6 ? -10.442 0.186   -3.074  1.00 23.82 ? 6   DC  B OP2    1 
ATOM   336 O  "O5'"  . DC  B 1 6 ? -9.925  0.161   -0.641  1.00 22.68 ? 6   DC  B "O5'"  1 
ATOM   337 C  "C5'"  . DC  B 1 6 ? -10.133 -0.598  0.526   1.00 21.71 ? 6   DC  B "C5'"  1 
ATOM   338 C  "C4'"  . DC  B 1 6 ? -8.822  -1.031  1.162   1.00 20.40 ? 6   DC  B "C4'"  1 
ATOM   339 O  "O4'"  . DC  B 1 6 ? -7.885  0.084   1.189   1.00 19.19 ? 6   DC  B "O4'"  1 
ATOM   340 C  "C3'"  . DC  B 1 6 ? -8.962  -1.491  2.608   1.00 20.24 ? 6   DC  B "C3'"  1 
ATOM   341 O  "O3'"  . DC  B 1 6 ? -8.141  -2.613  2.858   1.00 21.01 ? 6   DC  B "O3'"  1 
ATOM   342 C  "C2'"  . DC  B 1 6 ? -8.536  -0.269  3.410   1.00 19.29 ? 6   DC  B "C2'"  1 
ATOM   343 C  "C1'"  . DC  B 1 6 ? -7.473  0.336   2.519   1.00 18.19 ? 6   DC  B "C1'"  1 
ATOM   344 N  N1     . DC  B 1 6 ? -7.301  1.795   2.675   1.00 16.06 ? 6   DC  B N1     1 
ATOM   345 C  C2     . DC  B 1 6 ? -6.228  2.289   3.425   1.00 14.59 ? 6   DC  B C2     1 
ATOM   346 O  O2     . DC  B 1 6 ? -5.455  1.491   3.975   1.00 14.81 ? 6   DC  B O2     1 
ATOM   347 N  N3     . DC  B 1 6 ? -6.071  3.629   3.535   1.00 13.88 ? 6   DC  B N3     1 
ATOM   348 C  C4     . DC  B 1 6 ? -6.933  4.453   2.934   1.00 14.48 ? 6   DC  B C4     1 
ATOM   349 N  N4     . DC  B 1 6 ? -6.735  5.765   3.066   1.00 14.67 ? 6   DC  B N4     1 
ATOM   350 C  C5     . DC  B 1 6 ? -8.032  3.967   2.168   1.00 15.32 ? 6   DC  B C5     1 
ATOM   351 C  C6     . DC  B 1 6 ? -8.171  2.646   2.060   1.00 15.99 ? 6   DC  B C6     1 
ATOM   352 H  "H5'"  . DC  B 1 6 ? -10.649 -1.388  0.301   1.00 26.05 ? 6   DC  B "H5'"  1 
ATOM   353 H  "H5''" . DC  B 1 6 ? -10.632 -0.066  1.164   1.00 26.05 ? 6   DC  B "H5''" 1 
ATOM   354 H  "H4'"  . DC  B 1 6 ? -8.439  -1.752  0.638   1.00 24.48 ? 6   DC  B "H4'"  1 
ATOM   355 H  "H3'"  . DC  B 1 6 ? -9.889  -1.708  2.799   1.00 24.28 ? 6   DC  B "H3'"  1 
ATOM   356 H  "HO3'" . DC  B 1 6 ? -7.541  -2.572  3.445   1.00 25.21 ? 6   DC  B "HO3'" 1 
ATOM   357 H  "H2'"  . DC  B 1 6 ? -9.279  0.344   3.527   1.00 23.15 ? 6   DC  B "H2'"  1 
ATOM   358 H  "H2''" . DC  B 1 6 ? -8.162  -0.530  4.266   1.00 23.15 ? 6   DC  B "H2''" 1 
ATOM   359 H  "H1'"  . DC  B 1 6 ? -6.625  -0.107  2.683   1.00 21.82 ? 6   DC  B "H1'"  1 
ATOM   360 H  H41    . DC  B 1 6 ? -7.273  6.321   2.690   1.00 17.60 ? 6   DC  B H41    1 
ATOM   361 H  H42    . DC  B 1 6 ? -6.070  6.056   3.526   1.00 17.60 ? 6   DC  B H42    1 
ATOM   362 H  H5     . DC  B 1 6 ? -8.621  4.550   1.746   1.00 18.39 ? 6   DC  B H5     1 
ATOM   363 H  H6     . DC  B 1 6 ? -8.875  2.298   1.559   1.00 19.19 ? 6   DC  B H6     1 
HETATM 364 AG AG     . AG  C 2 . ? -2.617  2.290   2.871   0.99 12.84 ? 101 AG  A AG     1 
HETATM 365 AG AG     . AG  D 2 . ? -1.188  0.690   0.659   0.99 11.55 ? 102 AG  A AG     1 
HETATM 366 AG AG     . AG  E 2 . ? 2.815   -2.146  -1.089  1.00 10.05 ? 103 AG  A AG     1 
HETATM 367 AG AG     . AG  F 2 . ? -2.298  -2.298  -4.316  0.50 13.90 ? 104 AG  A AG     1 
HETATM 368 AG AG     . AG  G 2 . ? 4.164   -1.959  -6.475  0.94 11.26 ? 105 AG  A AG     1 
HETATM 369 AG AG     . AG  H 2 . ? 4.421   -3.282  -3.856  0.99 10.15 ? 106 AG  A AG     1 
HETATM 370 AG AG     . AG  I 2 . ? 2.164   -8.599  -3.064  0.45 11.12 ? 107 AG  A AG     1 
HETATM 371 AG AG     . AG  J 2 . ? -4.285  4.124   4.612   1.00 12.89 ? 101 AG  B AG     1 
HETATM 372 AG AG     . AG  K 2 . ? 0.763   -0.143  -1.545  1.00 10.90 ? 102 AG  B AG     1 
HETATM 373 AG AG     . AG  L 2 . ? 2.737   -0.942  -3.773  0.99 10.64 ? 103 AG  B AG     1 
HETATM 374 AG AG     . AG  M 2 . ? 7.683   -0.613  0.048   0.48 10.09 ? 104 AG  B AG     1 
HETATM 375 AG AG     . AG  N 2 . ? 6.730   -3.509  7.112   0.46 20.37 ? 105 AG  B AG     1 
HETATM 376 O  O      . HOH O 3 . ? -4.571  -8.395  0.515   1.00 34.18 ? 201 HOH A O      1 
HETATM 377 O  O      . HOH O 3 . ? 5.009   -4.530  -1.391  0.50 10.23 ? 202 HOH A O      1 
HETATM 378 O  O      . HOH O 3 . ? -2.392  0.886   -7.145  1.00 28.96 ? 203 HOH A O      1 
HETATM 379 O  O      . HOH O 3 . ? 0.065   -12.871 -2.681  1.00 17.43 ? 204 HOH A O      1 
HETATM 380 O  O      . HOH O 3 . ? 2.457   2.697   10.589  1.00 23.04 ? 205 HOH A O      1 
HETATM 381 O  O      . HOH O 3 . ? -2.033  -6.493  4.392   1.00 19.66 ? 206 HOH A O      1 
HETATM 382 O  O      . HOH O 3 . ? 4.127   5.796   10.265  1.00 21.96 ? 207 HOH A O      1 
HETATM 383 O  O      . HOH O 3 . ? 4.031   1.259   -7.342  1.00 21.89 ? 208 HOH A O      1 
HETATM 384 O  O      . HOH O 3 . ? -4.003  -2.889  5.889   1.00 20.45 ? 209 HOH A O      1 
HETATM 385 O  O      . HOH O 3 . ? -1.440  -8.965  -7.732  1.00 20.96 ? 210 HOH A O      1 
HETATM 386 O  O      . HOH O 3 . ? -1.370  8.036   2.650   1.00 23.33 ? 211 HOH A O      1 
HETATM 387 O  O      . HOH O 3 . ? 0.862   -10.412 -3.807  0.50 13.33 ? 212 HOH A O      1 
HETATM 388 O  O      . HOH P 3 . ? 0.093   7.648   -7.484  1.00 34.73 ? 201 HOH B O      1 
HETATM 389 O  O      . HOH P 3 . ? 3.115   3.171   2.949   1.00 14.25 ? 202 HOH B O      1 
HETATM 390 O  O      . HOH P 3 . ? 3.464   6.880   1.588   1.00 21.13 ? 203 HOH B O      1 
HETATM 391 O  O      . HOH P 3 . ? -6.957  5.530   -3.076  1.00 28.92 ? 204 HOH B O      1 
HETATM 392 O  O      . HOH P 3 . ? -5.397  -2.796  3.351   1.00 25.93 ? 205 HOH B O      1 
HETATM 393 O  O      . HOH P 3 . ? 6.101   3.524   -6.108  1.00 25.53 ? 206 HOH B O      1 
HETATM 394 O  O      . HOH P 3 . ? 0.779   6.467   1.648   1.00 17.37 ? 207 HOH B O      1 
HETATM 395 O  O      . HOH P 3 . ? -3.362  -1.270  -1.920  1.00 15.17 ? 208 HOH B O      1 
HETATM 396 O  O      . HOH P 3 . ? -4.638  1.269   -8.577  1.00 28.36 ? 209 HOH B O      1 
HETATM 397 O  O      . HOH P 3 . ? -0.990  -0.094  -4.508  1.00 18.44 ? 210 HOH B O      1 
HETATM 398 O  O      . HOH P 3 . ? -3.542  8.315   0.786   1.00 27.54 ? 211 HOH B O      1 
# 
loop_
_atom_site_anisotrop.id 
_atom_site_anisotrop.type_symbol 
_atom_site_anisotrop.pdbx_label_atom_id 
_atom_site_anisotrop.pdbx_label_alt_id 
_atom_site_anisotrop.pdbx_label_comp_id 
_atom_site_anisotrop.pdbx_label_asym_id 
_atom_site_anisotrop.pdbx_label_seq_id 
_atom_site_anisotrop.pdbx_PDB_ins_code 
_atom_site_anisotrop.U[1][1] 
_atom_site_anisotrop.U[2][2] 
_atom_site_anisotrop.U[3][3] 
_atom_site_anisotrop.U[1][2] 
_atom_site_anisotrop.U[1][3] 
_atom_site_anisotrop.U[2][3] 
_atom_site_anisotrop.pdbx_auth_seq_id 
_atom_site_anisotrop.pdbx_auth_comp_id 
_atom_site_anisotrop.pdbx_auth_asym_id 
_atom_site_anisotrop.pdbx_auth_atom_id 
1   O  "O5'"  . DA  A 1 ? 0.2488 0.3565 0.1888 0.0402  0.0300  0.0207  1   DA  A "O5'"  
2   C  "C5'"  . DA  A 1 ? 0.2425 0.3382 0.1774 0.0281  0.0247  0.0175  1   DA  A "C5'"  
3   C  "C4'"  . DA  A 1 ? 0.2239 0.3135 0.1611 0.0154  0.0173  0.0179  1   DA  A "C4'"  
4   O  "O4'"  . DA  A 1 ? 0.2157 0.2990 0.1465 0.0018  0.0129  0.0026  1   DA  A "O4'"  
5   C  "C3'"  . DA  A 1 ? 0.2083 0.2955 0.1627 0.0207  0.0172  0.0284  1   DA  A "C3'"  
6   O  "O3'"  . DA  A 1 ? 0.1978 0.2952 0.1676 0.0195  0.0207  0.0423  1   DA  A "O3'"  
7   C  "C2'"  . DA  A 1 ? 0.2074 0.2822 0.1611 0.0146  0.0099  0.0121  1   DA  A "C2'"  
8   C  "C1'"  . DA  A 1 ? 0.1960 0.2712 0.1512 0.0120  0.0127  -0.0015 1   DA  A "C1'"  
9   N  N9     . DA  A 1 ? 0.1790 0.2312 0.1304 0.0121  0.0096  -0.0076 1   DA  A N9     
10  C  C8     . DA  A 1 ? 0.1794 0.2316 0.1373 0.0190  0.0107  -0.0043 1   DA  A C8     
11  N  N7     . DA  A 1 ? 0.1762 0.2200 0.1403 0.0244  0.0118  0.0060  1   DA  A N7     
12  C  C5     . DA  A 1 ? 0.1703 0.2016 0.1190 0.0239  0.0119  0.0026  1   DA  A C5     
13  C  C6     . DA  A 1 ? 0.1700 0.1844 0.1201 0.0196  0.0158  0.0047  1   DA  A C6     
14  N  N6     . DA  A 1 ? 0.1803 0.1944 0.1391 0.0188  0.0165  0.0149  1   DA  A N6     
15  N  N1     . DA  A 1 ? 0.1694 0.1719 0.1046 0.0154  0.0134  -0.0007 1   DA  A N1     
16  C  C2     . DA  A 1 ? 0.1654 0.1849 0.1020 0.0133  0.0097  -0.0050 1   DA  A C2     
17  N  N3     . DA  A 1 ? 0.1673 0.1954 0.1071 0.0134  0.0067  -0.0057 1   DA  A N3     
18  C  C4     . DA  A 1 ? 0.1684 0.2056 0.1075 0.0157  0.0059  -0.0088 1   DA  A C4     
19  H  "H5'"  . DA  A 1 ? 0.3032 0.3032 0.3032 0.0000  0.0000  0.0000  1   DA  A "H5'"  
20  H  "H5''" . DA  A 1 ? 0.3032 0.3032 0.3032 0.0000  0.0000  0.0000  1   DA  A "H5''" 
21  H  "H4'"  . DA  A 1 ? 0.2794 0.2794 0.2794 0.0000  0.0000  0.0000  1   DA  A "H4'"  
22  H  "H3'"  . DA  A 1 ? 0.2666 0.2666 0.2666 0.0000  0.0000  0.0000  1   DA  A "H3'"  
23  H  "H2'"  . DA  A 1 ? 0.2603 0.2603 0.2603 0.0000  0.0000  0.0000  1   DA  A "H2'"  
24  H  "H2''" . DA  A 1 ? 0.2603 0.2603 0.2603 0.0000  0.0000  0.0000  1   DA  A "H2''" 
25  H  "H1'"  . DA  A 1 ? 0.2474 0.2474 0.2474 0.0000  0.0000  0.0000  1   DA  A "H1'"  
26  H  H8     . DA  A 1 ? 0.2193 0.2193 0.2193 0.0000  0.0000  0.0000  1   DA  A H8     
27  H  H61    . DA  A 1 ? 0.2055 0.2055 0.2055 0.0000  0.0000  0.0000  1   DA  A H61    
28  H  H62    . DA  A 1 ? 0.2055 0.2055 0.2055 0.0000  0.0000  0.0000  1   DA  A H62    
29  H  H2     . DA  A 1 ? 0.1810 0.1810 0.1810 0.0000  0.0000  0.0000  1   DA  A H2     
30  H  "HO5'" . DA  A 1 ? 0.3176 0.3176 0.3176 0.0000  0.0000  0.0000  1   DA  A "HO5'" 
31  P  P      . DA  A 2 ? 0.1936 0.2922 0.1703 0.0228  0.0256  0.0471  2   DA  A P      
32  O  OP1    . DA  A 2 ? 0.1940 0.3075 0.1835 0.0205  0.0230  0.0511  2   DA  A OP1    
33  O  OP2    . DA  A 2 ? 0.2055 0.2958 0.1840 0.0347  0.0366  0.0493  2   DA  A OP2    
34  O  "O5'"  . DA  A 2 ? 0.1833 0.2527 0.1501 0.0106  0.0151  0.0326  2   DA  A "O5'"  
35  C  "C5'"  . DA  A 2 ? 0.1770 0.2280 0.1379 -0.0153 0.0100  0.0135  2   DA  A "C5'"  
36  C  "C4'"  . DA  A 2 ? 0.1605 0.2008 0.1313 -0.0236 0.0129  0.0062  2   DA  A "C4'"  
37  O  "O4'"  . DA  A 2 ? 0.1617 0.1877 0.1207 -0.0238 0.0175  -0.0013 2   DA  A "O4'"  
38  C  "C3'"  . DA  A 2 ? 0.1524 0.1910 0.1320 -0.0246 0.0132  0.0083  2   DA  A "C3'"  
39  O  "O3'"  . DA  A 2 ? 0.1566 0.1825 0.1337 -0.0282 0.0129  0.0138  2   DA  A "O3'"  
40  C  "C2'"  . DA  A 2 ? 0.1540 0.1817 0.1207 -0.0216 0.0124  0.0040  2   DA  A "C2'"  
41  C  "C1'"  . DA  A 2 ? 0.1516 0.1786 0.1138 -0.0182 0.0107  0.0028  2   DA  A "C1'"  
42  N  N9     . DA  A 2 ? 0.1372 0.1684 0.1032 -0.0112 0.0112  0.0014  2   DA  A N9     
43  C  C8     . DA  A 2 ? 0.1419 0.1743 0.1035 -0.0098 0.0107  -0.0001 2   DA  A C8     
44  N  N7     . DA  A 2 ? 0.1373 0.1730 0.1020 0.0016  0.0176  -0.0027 2   DA  A N7     
45  C  C5     . DA  A 2 ? 0.1382 0.1621 0.0920 -0.0021 0.0136  -0.0030 2   DA  A C5     
46  C  C6     . DA  A 2 ? 0.1404 0.1488 0.0849 0.0082  0.0183  0.0026  2   DA  A C6     
47  N  N6     . DA  A 2 ? 0.1323 0.1582 0.0980 0.0076  0.0224  0.0074  2   DA  A N6     
48  N  N1     . DA  A 2 ? 0.1346 0.1445 0.0941 0.0042  0.0247  0.0017  2   DA  A N1     
49  C  C2     . DA  A 2 ? 0.1378 0.1498 0.0933 -0.0003 0.0208  0.0001  2   DA  A C2     
50  N  N3     . DA  A 2 ? 0.1375 0.1574 0.0950 0.0002  0.0170  -0.0011 2   DA  A N3     
51  C  C4     . DA  A 2 ? 0.1357 0.1571 0.0939 0.0003  0.0151  -0.0002 2   DA  A C4     
52  H  "H5'"  . DA  A 2 ? 0.2171 0.2171 0.2171 0.0000  0.0000  0.0000  2   DA  A "H5'"  
53  H  "H5''" . DA  A 2 ? 0.2171 0.2171 0.2171 0.0000  0.0000  0.0000  2   DA  A "H5''" 
54  H  "H4'"  . DA  A 2 ? 0.1970 0.1970 0.1970 0.0000  0.0000  0.0000  2   DA  A "H4'"  
55  H  "H3'"  . DA  A 2 ? 0.1901 0.1901 0.1901 0.0000  0.0000  0.0000  2   DA  A "H3'"  
56  H  "H2'"  . DA  A 2 ? 0.1826 0.1826 0.1826 0.0000  0.0000  0.0000  2   DA  A "H2'"  
57  H  "H2''" . DA  A 2 ? 0.1826 0.1826 0.1826 0.0000  0.0000  0.0000  2   DA  A "H2''" 
58  H  "H1'"  . DA  A 2 ? 0.1776 0.1776 0.1776 0.0000  0.0000  0.0000  2   DA  A "H1'"  
59  H  H8     . DA  A 2 ? 0.1679 0.1679 0.1679 0.0000  0.0000  0.0000  2   DA  A H8     
60  H  H62    . DA  A 2 ? 0.1554 0.1554 0.1554 0.0000  0.0000  0.0000  2   DA  A H62    
61  H  H2     . DA  A 2 ? 0.1524 0.1524 0.1524 0.0000  0.0000  0.0000  2   DA  A H2     
62  P  P      . DC  A 3 ? 0.1664 0.1872 0.1370 -0.0291 0.0152  0.0181  3   DC  A P      
63  O  OP1    . DC  A 3 ? 0.1766 0.1814 0.1491 -0.0262 0.0118  0.0221  3   DC  A OP1    
64  O  OP2    . DC  A 3 ? 0.1680 0.2093 0.1451 -0.0291 0.0219  0.0178  3   DC  A OP2    
65  O  "O5'"  . DC  A 3 ? 0.1664 0.1805 0.1274 -0.0159 0.0185  0.0138  3   DC  A "O5'"  
66  C  "C5'"  . DC  A 3 ? 0.1665 0.1631 0.1226 -0.0160 0.0228  0.0126  3   DC  A "C5'"  
67  C  "C4'"  . DC  A 3 ? 0.1654 0.1527 0.1122 -0.0155 0.0262  0.0100  3   DC  A "C4'"  
68  O  "O4'"  . DC  A 3 ? 0.1597 0.1525 0.1019 -0.0116 0.0268  0.0061  3   DC  A "O4'"  
69  C  "C3'"  . DC  A 3 ? 0.1657 0.1568 0.1116 -0.0170 0.0251  0.0155  3   DC  A "C3'"  
70  O  "O3'"  . DC  A 3 ? 0.1964 0.1594 0.1087 -0.0183 0.0191  0.0166  3   DC  A "O3'"  
71  C  "C2'"  . DC  A 3 ? 0.1564 0.1615 0.1131 -0.0172 0.0279  0.0160  3   DC  A "C2'"  
72  C  "C1'"  . DC  A 3 ? 0.1457 0.1541 0.1074 -0.0095 0.0267  0.0126  3   DC  A "C1'"  
73  N  N1     . DC  A 3 ? 0.1336 0.1556 0.1039 -0.0046 0.0292  0.0112  3   DC  A N1     
74  C  C2     . DC  A 3 ? 0.1317 0.1504 0.0946 0.0020  0.0291  0.0073  3   DC  A C2     
75  O  O2     . DC  A 3 ? 0.1405 0.1530 0.1053 0.0050  0.0291  0.0106  3   DC  A O2     
76  N  N3     . DC  A 3 ? 0.1315 0.1547 0.0877 0.0073  0.0225  -0.0009 3   DC  A N3     
77  C  C4     . DC  A 3 ? 0.1434 0.1569 0.0843 0.0112  0.0204  -0.0027 3   DC  A C4     
78  N  N4     . DC  A 3 ? 0.1450 0.1633 0.0925 0.0188  0.0164  -0.0040 3   DC  A N4     
79  C  C5     . DC  A 3 ? 0.1312 0.1608 0.1046 -0.0013 0.0281  0.0014  3   DC  A C5     
80  C  C6     . DC  A 3 ? 0.1328 0.1568 0.1096 -0.0089 0.0271  0.0074  3   DC  A C6     
81  H  "H5'"  . DC  A 3 ? 0.1809 0.1809 0.1809 0.0000  0.0000  0.0000  3   DC  A "H5'"  
82  H  "H5''" . DC  A 3 ? 0.1809 0.1809 0.1809 0.0000  0.0000  0.0000  3   DC  A "H5''" 
83  H  "H4'"  . DC  A 3 ? 0.1721 0.1721 0.1721 0.0000  0.0000  0.0000  3   DC  A "H4'"  
84  H  "H3'"  . DC  A 3 ? 0.1736 0.1736 0.1736 0.0000  0.0000  0.0000  3   DC  A "H3'"  
85  H  "H2'"  . DC  A 3 ? 0.1725 0.1725 0.1725 0.0000  0.0000  0.0000  3   DC  A "H2'"  
86  H  "H2''" . DC  A 3 ? 0.1725 0.1725 0.1725 0.0000  0.0000  0.0000  3   DC  A "H2''" 
87  H  "H1'"  . DC  A 3 ? 0.1629 0.1629 0.1629 0.0000  0.0000  0.0000  3   DC  A "H1'"  
88  H  H41    . DC  A 3 ? 0.1604 0.1604 0.1604 0.0000  0.0000  0.0000  3   DC  A H41    
89  H  H5     . DC  A 3 ? 0.1586 0.1586 0.1586 0.0000  0.0000  0.0000  3   DC  A H5     
90  H  H6     . DC  A 3 ? 0.1597 0.1597 0.1597 0.0000  0.0000  0.0000  3   DC  A H6     
91  P  P      . DC  A 4 ? 0.2365 0.1507 0.1124 -0.0258 0.0126  0.0193  4   DC  A P      
92  O  OP1    . DC  A 4 ? 0.2406 0.1610 0.1200 -0.0233 0.0130  0.0153  4   DC  A OP1    
93  O  OP2    . DC  A 4 ? 0.2385 0.1743 0.1191 -0.0082 0.0255  0.0179  4   DC  A OP2    
94  O  "O5'"  . DC  A 4 ? 0.2547 0.1809 0.1498 -0.0194 -0.0005 0.0320  4   DC  A "O5'"  
95  C  "C5'"  . DC  A 4 ? 0.2273 0.1969 0.1649 -0.0003 0.0027  0.0351  4   DC  A "C5'"  
96  C  "C4'"  . DC  A 4 ? 0.2056 0.1775 0.1449 -0.0035 -0.0070 0.0208  4   DC  A "C4'"  
97  O  "O4'"  . DC  A 4 ? 0.1800 0.1438 0.1300 -0.0011 0.0044  0.0126  4   DC  A "O4'"  
98  C  "C3'"  . DC  A 4 ? 0.2253 0.2171 0.1462 0.0039  -0.0145 0.0053  4   DC  A "C3'"  
99  O  "O3'"  . DC  A 4 ? 0.2712 0.2549 0.1506 0.0010  -0.0263 0.0008  4   DC  A "O3'"  
100 C  "C2'"  . DC  A 4 ? 0.2051 0.1913 0.1504 0.0079  -0.0015 0.0003  4   DC  A "C2'"  
101 C  "C1'"  . DC  A 4 ? 0.1803 0.1530 0.1342 0.0020  0.0063  0.0090  4   DC  A "C1'"  
102 N  N1     . DC  A 4 ? 0.1676 0.1403 0.1194 0.0021  0.0174  0.0058  4   DC  A N1     
103 C  C2     . DC  A 4 ? 0.1662 0.1386 0.1116 0.0006  0.0164  -0.0025 4   DC  A C2     
104 O  O2     . DC  A 4 ? 0.1681 0.1386 0.1272 -0.0025 0.0183  0.0058  4   DC  A O2     
105 N  N3     . DC  A 4 ? 0.1565 0.1564 0.1072 0.0102  0.0229  -0.0122 4   DC  A N3     
106 C  C4     . DC  A 4 ? 0.1592 0.1676 0.1182 0.0080  0.0259  -0.0048 4   DC  A C4     
107 N  N4     . DC  A 4 ? 0.1675 0.1844 0.1395 0.0116  0.0276  0.0024  4   DC  A N4     
108 C  C5     . DC  A 4 ? 0.1711 0.1602 0.1235 -0.0043 0.0290  0.0095  4   DC  A C5     
109 C  C6     . DC  A 4 ? 0.1719 0.1484 0.1187 -0.0041 0.0262  0.0082  4   DC  A C6     
110 H  "H5'"  . DC  A 4 ? 0.2356 0.2356 0.2356 0.0000  0.0000  0.0000  4   DC  A "H5'"  
111 H  "H5''" . DC  A 4 ? 0.2356 0.2356 0.2356 0.0000  0.0000  0.0000  4   DC  A "H5''" 
112 H  "H4'"  . DC  A 4 ? 0.2112 0.2112 0.2112 0.0000  0.0000  0.0000  4   DC  A "H4'"  
113 H  "H3'"  . DC  A 4 ? 0.2354 0.2354 0.2354 0.0000  0.0000  0.0000  4   DC  A "H3'"  
114 H  "H2'"  . DC  A 4 ? 0.2187 0.2187 0.2187 0.0000  0.0000  0.0000  4   DC  A "H2'"  
115 H  "H2''" . DC  A 4 ? 0.2187 0.2187 0.2187 0.0000  0.0000  0.0000  4   DC  A "H2''" 
116 H  "H1'"  . DC  A 4 ? 0.1870 0.1870 0.1870 0.0000  0.0000  0.0000  4   DC  A "H1'"  
117 H  H41    . DC  A 4 ? 0.1966 0.1966 0.1966 0.0000  0.0000  0.0000  4   DC  A H41    
118 H  H42    . DC  A 4 ? 0.1966 0.1966 0.1966 0.0000  0.0000  0.0000  4   DC  A H42    
119 H  H5     . DC  A 4 ? 0.1819 0.1819 0.1819 0.0000  0.0000  0.0000  4   DC  A H5     
120 H  H6     . DC  A 4 ? 0.1756 0.1756 0.1756 0.0000  0.0000  0.0000  4   DC  A H6     
121 P  P      . DC  A 5 ? 0.3187 0.2268 0.1418 -0.0234 -0.0399 0.0158  5   DC  A P      
122 O  OP1    . DC  A 5 ? 0.3237 0.2708 0.1536 -0.0124 -0.0361 0.0047  5   DC  A OP1    
123 O  OP2    . DC  A 5 ? 0.3300 0.2752 0.1633 -0.0374 -0.0220 0.0128  5   DC  A OP2    
124 O  "O5'"  . DC  A 5 ? 0.2880 0.2475 0.1613 0.0062  -0.0218 -0.0107 5   DC  A "O5'"  
125 C  "C5'"  . DC  A 5 ? 0.2632 0.2395 0.1707 0.0080  -0.0112 -0.0107 5   DC  A "C5'"  
126 C  "C4'"  . DC  A 5 ? 0.2218 0.2135 0.1647 0.0183  -0.0030 -0.0230 5   DC  A "C4'"  
127 O  "O4'"  . DC  A 5 ? 0.1968 0.1971 0.1611 0.0360  0.0038  -0.0350 5   DC  A "O4'"  
128 C  "C3'"  . DC  A 5 ? 0.1976 0.2011 0.1572 0.0110  0.0065  -0.0273 5   DC  A "C3'"  
129 O  "O3'"  . DC  A 5 ? 0.1728 0.1978 0.1496 0.0143  0.0153  -0.0398 5   DC  A "O3'"  
130 C  "C2'"  . DC  A 5 ? 0.1880 0.1916 0.1581 0.0173  0.0131  -0.0269 5   DC  A "C2'"  
131 C  "C1'"  . DC  A 5 ? 0.1803 0.1869 0.1500 0.0325  0.0095  -0.0208 5   DC  A "C1'"  
132 N  N1     . DC  A 5 ? 0.1719 0.1782 0.1376 0.0259  0.0113  -0.0075 5   DC  A N1     
133 C  C2     . DC  A 5 ? 0.1752 0.1633 0.1289 0.0276  0.0081  -0.0143 5   DC  A C2     
134 O  O2     . DC  A 5 ? 0.1813 0.1594 0.1419 0.0257  0.0130  -0.0050 5   DC  A O2     
135 N  N3     . DC  A 5 ? 0.1762 0.1642 0.1210 0.0255  0.0002  -0.0217 5   DC  A N3     
136 C  C4     . DC  A 5 ? 0.1798 0.1764 0.1300 0.0184  0.0075  -0.0129 5   DC  A C4     
137 N  N4     . DC  A 5 ? 0.1847 0.1851 0.1329 0.0104  0.0054  -0.0068 5   DC  A N4     
138 C  C5     . DC  A 5 ? 0.1834 0.1868 0.1370 0.0168  0.0109  0.0016  5   DC  A C5     
139 C  C6     . DC  A 5 ? 0.1813 0.1857 0.1371 0.0214  0.0107  0.0055  5   DC  A C6     
140 H  "H5'"  . DC  A 5 ? 0.2693 0.2693 0.2693 0.0000  0.0000  0.0000  5   DC  A "H5'"  
141 H  "H5''" . DC  A 5 ? 0.2693 0.2693 0.2693 0.0000  0.0000  0.0000  5   DC  A "H5''" 
142 H  "H4'"  . DC  A 5 ? 0.2400 0.2400 0.2400 0.0000  0.0000  0.0000  5   DC  A "H4'"  
143 H  "H3'"  . DC  A 5 ? 0.2224 0.2224 0.2224 0.0000  0.0000  0.0000  5   DC  A "H3'"  
144 H  "H2'"  . DC  A 5 ? 0.2151 0.2151 0.2151 0.0000  0.0000  0.0000  5   DC  A "H2'"  
145 H  "H2''" . DC  A 5 ? 0.2151 0.2151 0.2151 0.0000  0.0000  0.0000  5   DC  A "H2''" 
146 H  "H1'"  . DC  A 5 ? 0.2069 0.2069 0.2069 0.0000  0.0000  0.0000  5   DC  A "H1'"  
147 H  H41    . DC  A 5 ? 0.2011 0.2011 0.2011 0.0000  0.0000  0.0000  5   DC  A H41    
148 H  H42    . DC  A 5 ? 0.2011 0.2011 0.2011 0.0000  0.0000  0.0000  5   DC  A H42    
149 H  H5     . DC  A 5 ? 0.2029 0.2029 0.2029 0.0000  0.0000  0.0000  5   DC  A H5     
150 H  H6     . DC  A 5 ? 0.2016 0.2016 0.2016 0.0000  0.0000  0.0000  5   DC  A H6     
151 P  P      . DC  A 6 ? 0.1652 0.2052 0.1508 0.0115  0.0190  -0.0455 6   DC  A P      
152 O  OP1    . DC  A 6 ? 0.1698 0.2175 0.1672 0.0051  0.0220  -0.0416 6   DC  A OP1    
153 O  OP2    . DC  A 6 ? 0.1748 0.2138 0.1580 0.0152  0.0135  -0.0424 6   DC  A OP2    
154 O  "O5'"  . DC  A 6 ? 0.1722 0.1938 0.1537 -0.0003 0.0248  -0.0382 6   DC  A "O5'"  
155 C  "C5'"  . DC  A 6 ? 0.1725 0.1907 0.1655 -0.0023 0.0274  -0.0304 6   DC  A "C5'"  
156 C  "C4'"  . DC  A 6 ? 0.1731 0.1793 0.1732 0.0025  0.0305  -0.0270 6   DC  A "C4'"  
157 O  "O4'"  . DC  A 6 ? 0.1639 0.1686 0.1631 0.0093  0.0297  -0.0318 6   DC  A "O4'"  
158 C  "C3'"  . DC  A 6 ? 0.1904 0.1827 0.1913 -0.0058 0.0290  -0.0255 6   DC  A "C3'"  
159 O  "O3'"  . DC  A 6 ? 0.2121 0.2010 0.2170 -0.0084 0.0299  -0.0234 6   DC  A "O3'"  
160 C  "C2'"  . DC  A 6 ? 0.1827 0.1830 0.1857 0.0013  0.0298  -0.0195 6   DC  A "C2'"  
161 C  "C1'"  . DC  A 6 ? 0.1709 0.1782 0.1678 0.0103  0.0283  -0.0186 6   DC  A "C1'"  
162 N  N1     . DC  A 6 ? 0.1637 0.1691 0.1419 0.0166  0.0188  -0.0245 6   DC  A N1     
163 C  C2     . DC  A 6 ? 0.1648 0.1711 0.1289 0.0288  0.0147  -0.0239 6   DC  A C2     
164 O  O2     . DC  A 6 ? 0.1743 0.1835 0.1291 0.0342  0.0137  -0.0172 6   DC  A O2     
165 N  N3     . DC  A 6 ? 0.1622 0.1773 0.1333 0.0190  0.0127  -0.0180 6   DC  A N3     
166 C  C4     . DC  A 6 ? 0.1651 0.1864 0.1463 0.0129  0.0119  -0.0114 6   DC  A C4     
167 N  N4     . DC  A 6 ? 0.1804 0.2070 0.1656 -0.0035 0.0088  0.0017  6   DC  A N4     
168 C  C5     . DC  A 6 ? 0.1606 0.1810 0.1454 0.0062  0.0126  -0.0152 6   DC  A C5     
169 C  C6     . DC  A 6 ? 0.1623 0.1689 0.1347 0.0120  0.0104  -0.0257 6   DC  A C6     
170 H  "H5'"  . DC  A 6 ? 0.2115 0.2115 0.2115 0.0000  0.0000  0.0000  6   DC  A "H5'"  
171 H  "H5''" . DC  A 6 ? 0.2115 0.2115 0.2115 0.0000  0.0000  0.0000  6   DC  A "H5''" 
172 H  "H4'"  . DC  A 6 ? 0.2103 0.2103 0.2103 0.0000  0.0000  0.0000  6   DC  A "H4'"  
173 H  "H3'"  . DC  A 6 ? 0.2257 0.2257 0.2257 0.0000  0.0000  0.0000  6   DC  A "H3'"  
174 H  "HO3'" . DC  A 6 ? 0.2520 0.2520 0.2520 0.0000  0.0000  0.0000  6   DC  A "HO3'" 
175 H  "H2'"  . DC  A 6 ? 0.2205 0.2205 0.2205 0.0000  0.0000  0.0000  6   DC  A "H2'"  
176 H  "H2''" . DC  A 6 ? 0.2205 0.2205 0.2205 0.0000  0.0000  0.0000  6   DC  A "H2''" 
177 H  "H1'"  . DC  A 6 ? 0.2068 0.2068 0.2068 0.0000  0.0000  0.0000  6   DC  A "H1'"  
178 H  H41    . DC  A 6 ? 0.2212 0.2212 0.2212 0.0000  0.0000  0.0000  6   DC  A H41    
179 H  H42    . DC  A 6 ? 0.2212 0.2212 0.2212 0.0000  0.0000  0.0000  6   DC  A H42    
180 H  H5     . DC  A 6 ? 0.1948 0.1948 0.1948 0.0000  0.0000  0.0000  6   DC  A H5     
181 H  H6     . DC  A 6 ? 0.1864 0.1864 0.1864 0.0000  0.0000  0.0000  6   DC  A H6     
182 O  "O5'"  . DA  B 1 ? 0.1841 0.2144 0.1785 0.0024  0.0255  -0.0388 1   DA  B "O5'"  
183 C  "C5'"  . DA  B 1 ? 0.1817 0.2029 0.1768 0.0039  0.0275  -0.0335 1   DA  B "C5'"  
184 C  "C4'"  . DA  B 1 ? 0.1796 0.1833 0.1690 0.0027  0.0337  -0.0323 1   DA  B "C4'"  
185 O  "O4'"  . DA  B 1 ? 0.1697 0.1712 0.1649 -0.0005 0.0351  -0.0365 1   DA  B "O4'"  
186 C  "C3'"  . DA  B 1 ? 0.1894 0.1746 0.1601 0.0010  0.0338  -0.0308 1   DA  B "C3'"  
187 O  "O3'"  . DA  B 1 ? 0.2091 0.1743 0.1680 0.0056  0.0487  -0.0313 1   DA  B "O3'"  
188 C  "C2'"  . DA  B 1 ? 0.1760 0.1723 0.1501 0.0014  0.0274  -0.0321 1   DA  B "C2'"  
189 C  "C1'"  . DA  B 1 ? 0.1665 0.1715 0.1469 -0.0014 0.0308  -0.0304 1   DA  B "C1'"  
190 N  N9     . DA  B 1 ? 0.1534 0.1716 0.1238 0.0010  0.0269  -0.0236 1   DA  B N9     
191 C  C8     . DA  B 1 ? 0.1550 0.1843 0.1172 0.0085  0.0263  -0.0250 1   DA  B C8     
192 N  N7     . DA  B 1 ? 0.1491 0.1842 0.1094 0.0040  0.0240  -0.0187 1   DA  B N7     
193 C  C5     . DA  B 1 ? 0.1364 0.1661 0.1071 0.0055  0.0225  -0.0137 1   DA  B C5     
194 C  C6     . DA  B 1 ? 0.1364 0.1582 0.1072 -0.0006 0.0191  -0.0081 1   DA  B C6     
195 N  N6     . DA  B 1 ? 0.1474 0.1628 0.1081 -0.0064 0.0210  -0.0092 1   DA  B N6     
196 N  N1     . DA  B 1 ? 0.1294 0.1542 0.1040 -0.0039 0.0213  -0.0115 1   DA  B N1     
197 C  C2     . DA  B 1 ? 0.1219 0.1530 0.1033 -0.0002 0.0214  -0.0074 1   DA  B C2     
198 N  N3     . DA  B 1 ? 0.1300 0.1587 0.1069 0.0044  0.0253  -0.0091 1   DA  B N3     
199 C  C4     . DA  B 1 ? 0.1366 0.1668 0.1166 0.0018  0.0269  -0.0141 1   DA  B C4     
200 H  "H5'"  . DA  B 1 ? 0.2246 0.2246 0.2246 0.0000  0.0000  0.0000  1   DA  B "H5'"  
201 H  "H5''" . DA  B 1 ? 0.2246 0.2246 0.2246 0.0000  0.0000  0.0000  1   DA  B "H5''" 
202 H  "H4'"  . DA  B 1 ? 0.2128 0.2128 0.2128 0.0000  0.0000  0.0000  1   DA  B "H4'"  
203 H  "H3'"  . DA  B 1 ? 0.2097 0.2097 0.2097 0.0000  0.0000  0.0000  1   DA  B "H3'"  
204 H  "H2'"  . DA  B 1 ? 0.1994 0.1994 0.1994 0.0000  0.0000  0.0000  1   DA  B "H2'"  
205 H  "H2''" . DA  B 1 ? 0.1994 0.1994 0.1994 0.0000  0.0000  0.0000  1   DA  B "H2''" 
206 H  "H1'"  . DA  B 1 ? 0.1940 0.1940 0.1940 0.0000  0.0000  0.0000  1   DA  B "H1'"  
207 H  H8     . DA  B 1 ? 0.1827 0.1827 0.1827 0.0000  0.0000  0.0000  1   DA  B H8     
208 H  H61    . DA  B 1 ? 0.1673 0.1673 0.1673 0.0000  0.0000  0.0000  1   DA  B H61    
209 H  H62    . DA  B 1 ? 0.1673 0.1673 0.1673 0.0000  0.0000  0.0000  1   DA  B H62    
210 H  H2     . DA  B 1 ? 0.1513 0.1513 0.1513 0.0000  0.0000  0.0000  1   DA  B H2     
211 H  "HO5'" . DA  B 1 ? 0.2308 0.2308 0.2308 0.0000  0.0000  0.0000  1   DA  B "HO5'" 
212 P  P      . DA  B 2 ? 0.2281 0.1795 0.1828 -0.0025 0.0563  -0.0295 2   DA  B P      
213 O  OP1    . DA  B 2 ? 0.2527 0.1842 0.1886 -0.0096 0.0477  -0.0281 2   DA  B OP1    
214 O  OP2    . DA  B 2 ? 0.2327 0.1975 0.1924 0.0023  0.0596  -0.0170 2   DA  B OP2    
215 O  "O5'"  . DA  B 2 ? 0.2205 0.1731 0.1904 -0.0137 0.0566  -0.0152 2   DA  B "O5'"  
216 C  "C5'"  . DA  B 2 ? 0.2136 0.1634 0.1953 -0.0172 0.0554  -0.0147 2   DA  B "C5'"  
217 C  "C4'"  . DA  B 2 ? 0.2078 0.1563 0.1974 -0.0169 0.0557  -0.0065 2   DA  B "C4'"  
218 O  "O4'"  . DA  B 2 ? 0.1910 0.1556 0.1910 -0.0173 0.0576  -0.0040 2   DA  B "O4'"  
219 C  "C3'"  . DA  B 2 ? 0.2150 0.1563 0.2067 -0.0099 0.0557  0.0036  2   DA  B "C3'"  
220 O  "O3'"  . DA  B 2 ? 0.2390 0.1558 0.2279 -0.0050 0.0553  0.0098  2   DA  B "O3'"  
221 C  "C2'"  . DA  B 2 ? 0.1983 0.1617 0.1928 -0.0086 0.0558  0.0031  2   DA  B "C2'"  
222 C  "C1'"  . DA  B 2 ? 0.1827 0.1556 0.1771 -0.0115 0.0526  -0.0003 2   DA  B "C1'"  
223 N  N9     . DA  B 2 ? 0.1566 0.1457 0.1489 0.0010  0.0469  -0.0006 2   DA  B N9     
224 C  C8     . DA  B 2 ? 0.1567 0.1450 0.1391 0.0011  0.0344  -0.0007 2   DA  B C8     
225 N  N7     . DA  B 2 ? 0.1482 0.1403 0.1330 -0.0073 0.0339  -0.0065 2   DA  B N7     
226 C  C5     . DA  B 2 ? 0.1445 0.1396 0.1250 0.0033  0.0390  -0.0049 2   DA  B C5     
227 C  C6     . DA  B 2 ? 0.1406 0.1408 0.1182 -0.0032 0.0328  -0.0027 2   DA  B C6     
228 N  N6     . DA  B 2 ? 0.1351 0.1412 0.1157 -0.0060 0.0326  -0.0025 2   DA  B N6     
229 N  N1     . DA  B 2 ? 0.1400 0.1438 0.1201 -0.0065 0.0300  -0.0018 2   DA  B N1     
230 C  C2     . DA  B 2 ? 0.1541 0.1462 0.1303 -0.0015 0.0313  0.0040  2   DA  B C2     
231 N  N3     . DA  B 2 ? 0.1581 0.1453 0.1337 0.0077  0.0354  0.0066  2   DA  B N3     
232 C  C4     . DA  B 2 ? 0.1497 0.1406 0.1342 0.0047  0.0409  -0.0009 2   DA  B C4     
233 H  "H5'"  . DA  B 2 ? 0.2290 0.2290 0.2290 0.0000  0.0000  0.0000  2   DA  B "H5'"  
234 H  "H5''" . DA  B 2 ? 0.2290 0.2290 0.2290 0.0000  0.0000  0.0000  2   DA  B "H5''" 
235 H  "H4'"  . DA  B 2 ? 0.2246 0.2246 0.2246 0.0000  0.0000  0.0000  2   DA  B "H4'"  
236 H  "H3'"  . DA  B 2 ? 0.2311 0.2311 0.2311 0.0000  0.0000  0.0000  2   DA  B "H3'"  
237 H  "H2'"  . DA  B 2 ? 0.2212 0.2212 0.2212 0.0000  0.0000  0.0000  2   DA  B "H2'"  
238 H  "H2''" . DA  B 2 ? 0.2212 0.2212 0.2212 0.0000  0.0000  0.0000  2   DA  B "H2''" 
239 H  "H1'"  . DA  B 2 ? 0.2061 0.2061 0.2061 0.0000  0.0000  0.0000  2   DA  B "H1'"  
240 H  H8     . DA  B 2 ? 0.1763 0.1763 0.1763 0.0000  0.0000  0.0000  2   DA  B H8     
241 H  H62    . DA  B 2 ? 0.1568 0.1568 0.1568 0.0000  0.0000  0.0000  2   DA  B H62    
242 H  H2     . DA  B 2 ? 0.1722 0.1722 0.1722 0.0000  0.0000  0.0000  2   DA  B H2     
243 P  P      . DC  B 3 ? 0.2618 0.1682 0.2409 0.0104  0.0566  0.0153  3   DC  B P      
244 O  OP1    . DC  B 3 ? 0.2763 0.1771 0.2476 0.0100  0.0550  0.0155  3   DC  B OP1    
245 O  OP2    . DC  B 3 ? 0.2717 0.1835 0.2438 0.0177  0.0604  0.0104  3   DC  B OP2    
246 O  "O5'"  . DC  B 3 ? 0.2516 0.1753 0.2341 0.0107  0.0453  0.0246  3   DC  B "O5'"  
247 C  "C5'"  . DC  B 3 ? 0.2460 0.1864 0.2250 0.0077  0.0402  0.0300  3   DC  B "C5'"  
248 C  "C4'"  . DC  B 3 ? 0.2364 0.1877 0.2123 0.0123  0.0368  0.0338  3   DC  B "C4'"  
249 O  "O4'"  . DC  B 3 ? 0.2203 0.1737 0.1985 0.0106  0.0420  0.0345  3   DC  B "O4'"  
250 C  "C3'"  . DC  B 3 ? 0.2457 0.2098 0.2129 0.0221  0.0334  0.0271  3   DC  B "C3'"  
251 O  "O3'"  . DC  B 3 ? 0.2658 0.2269 0.2215 0.0339  0.0288  0.0379  3   DC  B "O3'"  
252 C  "C2'"  . DC  B 3 ? 0.2349 0.2027 0.1981 0.0091  0.0332  0.0283  3   DC  B "C2'"  
253 C  "C1'"  . DC  B 3 ? 0.2190 0.1814 0.1855 0.0024  0.0371  0.0278  3   DC  B "C1'"  
254 N  N1     . DC  B 3 ? 0.1961 0.1596 0.1589 0.0036  0.0370  0.0165  3   DC  B N1     
255 C  C2     . DC  B 3 ? 0.1786 0.1448 0.1413 0.0080  0.0362  0.0075  3   DC  B C2     
256 O  O2     . DC  B 3 ? 0.1932 0.1603 0.1321 0.0096  0.0269  0.0109  3   DC  B O2     
257 N  N3     . DC  B 3 ? 0.1613 0.1314 0.1372 0.0036  0.0409  0.0019  3   DC  B N3     
258 C  C4     . DC  B 3 ? 0.1652 0.1370 0.1402 0.0105  0.0383  0.0002  3   DC  B C4     
259 N  N4     . DC  B 3 ? 0.1746 0.1358 0.1369 0.0076  0.0372  -0.0045 3   DC  B N4     
260 C  C5     . DC  B 3 ? 0.1727 0.1466 0.1456 0.0094  0.0390  0.0007  3   DC  B C5     
261 C  C6     . DC  B 3 ? 0.1827 0.1559 0.1539 0.0047  0.0403  0.0093  3   DC  B C6     
262 H  "H5'"  . DC  B 3 ? 0.2630 0.2630 0.2630 0.0000  0.0000  0.0000  3   DC  B "H5'"  
263 H  "H5''" . DC  B 3 ? 0.2630 0.2630 0.2630 0.0000  0.0000  0.0000  3   DC  B "H5''" 
264 H  "H4'"  . DC  B 3 ? 0.2545 0.2545 0.2545 0.0000  0.0000  0.0000  3   DC  B "H4'"  
265 H  "H3'"  . DC  B 3 ? 0.2673 0.2673 0.2673 0.0000  0.0000  0.0000  3   DC  B "H3'"  
266 H  "H2'"  . DC  B 3 ? 0.2542 0.2542 0.2542 0.0000  0.0000  0.0000  3   DC  B "H2'"  
267 H  "H2''" . DC  B 3 ? 0.2542 0.2542 0.2542 0.0000  0.0000  0.0000  3   DC  B "H2''" 
268 H  "H1'"  . DC  B 3 ? 0.2344 0.2344 0.2344 0.0000  0.0000  0.0000  3   DC  B "H1'"  
269 H  H41    . DC  B 3 ? 0.1789 0.1789 0.1789 0.0000  0.0000  0.0000  3   DC  B H41    
270 H  H42    . DC  B 3 ? 0.1789 0.1789 0.1789 0.0000  0.0000  0.0000  3   DC  B H42    
271 H  H5     . DC  B 3 ? 0.1860 0.1860 0.1860 0.0000  0.0000  0.0000  3   DC  B H5     
272 H  H6     . DC  B 3 ? 0.1970 0.1970 0.1970 0.0000  0.0000  0.0000  3   DC  B H6     
273 P  P      . DC  B 4 ? 0.2823 0.2440 0.2288 0.0418  0.0296  0.0395  4   DC  B P      
274 O  OP1    . DC  B 4 ? 0.2943 0.2549 0.2362 0.0379  0.0319  0.0449  4   DC  B OP1    
275 O  OP2    . DC  B 4 ? 0.2936 0.2580 0.2356 0.0399  0.0318  0.0336  4   DC  B OP2    
276 O  "O5'"  . DC  B 4 ? 0.2673 0.2450 0.2114 0.0313  0.0207  0.0344  4   DC  B "O5'"  
277 C  "C5'"  . DC  B 4 ? 0.2470 0.2408 0.1871 0.0314  0.0110  0.0331  4   DC  B "C5'"  
278 C  "C4'"  . DC  B 4 ? 0.2298 0.2347 0.1670 0.0240  0.0074  0.0212  4   DC  B "C4'"  
279 O  "O4'"  . DC  B 4 ? 0.2061 0.2140 0.1509 0.0318  0.0129  0.0136  4   DC  B "O4'"  
280 C  "C3'"  . DC  B 4 ? 0.2262 0.2398 0.1659 0.0232  0.0008  0.0207  4   DC  B "C3'"  
281 O  "O3'"  . DC  B 4 ? 0.2350 0.2692 0.1713 0.0198  -0.0087 0.0243  4   DC  B "O3'"  
282 C  "C2'"  . DC  B 4 ? 0.2038 0.2172 0.1556 0.0323  0.0070  0.0153  4   DC  B "C2'"  
283 C  "C1'"  . DC  B 4 ? 0.1946 0.1985 0.1441 0.0333  0.0131  0.0126  4   DC  B "C1'"  
284 N  N1     . DC  B 4 ? 0.1814 0.1726 0.1355 0.0311  0.0192  0.0115  4   DC  B N1     
285 C  C2     . DC  B 4 ? 0.1711 0.1631 0.1363 0.0253  0.0217  0.0090  4   DC  B C2     
286 O  O2     . DC  B 4 ? 0.1715 0.1734 0.1407 0.0268  0.0192  0.0083  4   DC  B O2     
287 N  N3     . DC  B 4 ? 0.1620 0.1505 0.1323 0.0280  0.0267  0.0073  4   DC  B N3     
288 C  C4     . DC  B 4 ? 0.1708 0.1556 0.1342 0.0240  0.0283  0.0083  4   DC  B C4     
289 N  N4     . DC  B 4 ? 0.1783 0.1557 0.1331 0.0168  0.0292  0.0018  4   DC  B N4     
290 C  C5     . DC  B 4 ? 0.1856 0.1639 0.1388 0.0233  0.0239  0.0083  4   DC  B C5     
291 C  C6     . DC  B 4 ? 0.1834 0.1679 0.1392 0.0288  0.0211  0.0143  4   DC  B C6     
292 H  "H5'"  . DC  B 4 ? 0.2700 0.2700 0.2700 0.0000  0.0000  0.0000  4   DC  B "H5'"  
293 H  "H5''" . DC  B 4 ? 0.2700 0.2700 0.2700 0.0000  0.0000  0.0000  4   DC  B "H5''" 
294 H  "H4'"  . DC  B 4 ? 0.2526 0.2526 0.2526 0.0000  0.0000  0.0000  4   DC  B "H4'"  
295 H  "H3'"  . DC  B 4 ? 0.2528 0.2528 0.2528 0.0000  0.0000  0.0000  4   DC  B "H3'"  
296 H  "H2'"  . DC  B 4 ? 0.2306 0.2306 0.2306 0.0000  0.0000  0.0000  4   DC  B "H2'"  
297 H  "H2''" . DC  B 4 ? 0.2306 0.2306 0.2306 0.0000  0.0000  0.0000  4   DC  B "H2''" 
298 H  "H1'"  . DC  B 4 ? 0.2149 0.2149 0.2149 0.0000  0.0000  0.0000  4   DC  B "H1'"  
299 H  H41    . DC  B 4 ? 0.1869 0.1869 0.1869 0.0000  0.0000  0.0000  4   DC  B H41    
300 H  H42    . DC  B 4 ? 0.1869 0.1869 0.1869 0.0000  0.0000  0.0000  4   DC  B H42    
301 H  H5     . DC  B 4 ? 0.1953 0.1953 0.1953 0.0000  0.0000  0.0000  4   DC  B H5     
302 H  H6     . DC  B 4 ? 0.1962 0.1962 0.1962 0.0000  0.0000  0.0000  4   DC  B H6     
303 P  P      . DC  B 5 ? 0.2452 0.3026 0.1857 0.0169  -0.0113 0.0225  5   DC  B P      
304 O  OP1    . DC  B 5 ? 0.2572 0.3138 0.1838 0.0093  -0.0113 0.0209  5   DC  B OP1    
305 O  OP2    . DC  B 5 ? 0.2549 0.3016 0.2019 0.0186  -0.0050 0.0232  5   DC  B OP2    
306 O  "O5'"  . DC  B 5 ? 0.2325 0.2896 0.1768 0.0133  -0.0100 0.0113  5   DC  B "O5'"  
307 C  "C5'"  . DC  B 5 ? 0.2272 0.2794 0.1641 0.0050  -0.0076 -0.0056 5   DC  B "C5'"  
308 C  "C4'"  . DC  B 5 ? 0.2180 0.2705 0.1584 -0.0001 -0.0033 -0.0125 5   DC  B "C4'"  
309 O  "O4'"  . DC  B 5 ? 0.1990 0.2488 0.1458 0.0072  0.0018  -0.0217 5   DC  B "O4'"  
310 C  "C3'"  . DC  B 5 ? 0.2287 0.2843 0.1713 -0.0071 0.0007  -0.0073 5   DC  B "C3'"  
311 O  "O3'"  . DC  B 5 ? 0.2635 0.3215 0.1956 -0.0282 0.0062  -0.0024 5   DC  B "O3'"  
312 C  "C2'"  . DC  B 5 ? 0.2057 0.2588 0.1611 0.0033  0.0028  -0.0149 5   DC  B "C2'"  
313 C  "C1'"  . DC  B 5 ? 0.1911 0.2372 0.1441 0.0126  0.0029  -0.0190 5   DC  B "C1'"  
314 N  N1     . DC  B 5 ? 0.1746 0.2147 0.1390 0.0286  0.0069  -0.0139 5   DC  B N1     
315 C  C2     . DC  B 5 ? 0.1697 0.2044 0.1376 0.0273  0.0076  -0.0066 5   DC  B C2     
316 O  O2     . DC  B 5 ? 0.1802 0.2005 0.1453 0.0141  0.0068  -0.0035 5   DC  B O2     
317 N  N3     . DC  B 5 ? 0.1626 0.1957 0.1248 0.0368  0.0068  -0.0075 5   DC  B N3     
318 C  C4     . DC  B 5 ? 0.1709 0.1960 0.1259 0.0365  0.0119  -0.0092 5   DC  B C4     
319 N  N4     . DC  B 5 ? 0.1763 0.1910 0.1276 0.0303  0.0137  -0.0093 5   DC  B N4     
320 C  C5     . DC  B 5 ? 0.1729 0.2084 0.1363 0.0340  0.0125  -0.0100 5   DC  B C5     
321 C  C6     . DC  B 5 ? 0.1709 0.2160 0.1377 0.0343  0.0109  -0.0107 5   DC  B C6     
322 H  "H5'"  . DC  B 5 ? 0.2683 0.2683 0.2683 0.0000  0.0000  0.0000  5   DC  B "H5'"  
323 H  "H5''" . DC  B 5 ? 0.2683 0.2683 0.2683 0.0000  0.0000  0.0000  5   DC  B "H5''" 
324 H  "H4'"  . DC  B 5 ? 0.2588 0.2588 0.2588 0.0000  0.0000  0.0000  5   DC  B "H4'"  
325 H  "H3'"  . DC  B 5 ? 0.2737 0.2737 0.2737 0.0000  0.0000  0.0000  5   DC  B "H3'"  
326 H  "H2'"  . DC  B 5 ? 0.2502 0.2502 0.2502 0.0000  0.0000  0.0000  5   DC  B "H2'"  
327 H  "H2''" . DC  B 5 ? 0.2502 0.2502 0.2502 0.0000  0.0000  0.0000  5   DC  B "H2''" 
328 H  "H1'"  . DC  B 5 ? 0.2290 0.2290 0.2290 0.0000  0.0000  0.0000  5   DC  B "H1'"  
329 H  H41    . DC  B 5 ? 0.1979 0.1979 0.1979 0.0000  0.0000  0.0000  5   DC  B H41    
330 H  H42    . DC  B 5 ? 0.1979 0.1979 0.1979 0.0000  0.0000  0.0000  5   DC  B H42    
331 H  H5     . DC  B 5 ? 0.2070 0.2070 0.2070 0.0000  0.0000  0.0000  5   DC  B H5     
332 H  H6     . DC  B 5 ? 0.2099 0.2099 0.2099 0.0000  0.0000  0.0000  5   DC  B H6     
333 P  P      . DC  B 6 ? 0.2894 0.3590 0.2209 -0.0479 0.0080  0.0060  6   DC  B P      
334 O  OP1    . DC  B 6 ? 0.3088 0.3669 0.2299 -0.0415 0.0142  0.0093  6   DC  B OP1    
335 O  OP2    . DC  B 6 ? 0.2974 0.3739 0.2338 -0.0424 0.0109  0.0151  6   DC  B OP2    
336 O  "O5'"  . DC  B 6 ? 0.2776 0.3532 0.2309 -0.0436 0.0203  0.0041  6   DC  B "O5'"  
337 C  "C5'"  . DC  B 6 ? 0.2624 0.3365 0.2260 -0.0421 0.0238  -0.0051 6   DC  B "C5'"  
338 C  "C4'"  . DC  B 6 ? 0.2425 0.3145 0.2179 -0.0383 0.0282  -0.0144 6   DC  B "C4'"  
339 O  "O4'"  . DC  B 6 ? 0.2258 0.2975 0.2057 -0.0369 0.0281  -0.0240 6   DC  B "O4'"  
340 C  "C3'"  . DC  B 6 ? 0.2401 0.3104 0.2183 -0.0317 0.0304  -0.0160 6   DC  B "C3'"  
341 O  "O3'"  . DC  B 6 ? 0.2517 0.3181 0.2284 -0.0298 0.0332  -0.0136 6   DC  B "O3'"  
342 C  "C2'"  . DC  B 6 ? 0.2264 0.2982 0.2084 -0.0260 0.0282  -0.0198 6   DC  B "C2'"  
343 C  "C1'"  . DC  B 6 ? 0.2095 0.2856 0.1958 -0.0191 0.0236  -0.0216 6   DC  B "C1'"  
344 N  N1     . DC  B 6 ? 0.1771 0.2607 0.1724 -0.0001 0.0189  -0.0218 6   DC  B N1     
345 C  C2     . DC  B 6 ? 0.1577 0.2411 0.1555 0.0108  0.0200  -0.0236 6   DC  B C2     
346 O  O2     . DC  B 6 ? 0.1703 0.2346 0.1576 0.0112  0.0200  -0.0181 6   DC  B O2     
347 N  N3     . DC  B 6 ? 0.1481 0.2359 0.1432 0.0187  0.0219  -0.0227 6   DC  B N3     
348 C  C4     . DC  B 6 ? 0.1611 0.2456 0.1436 0.0267  0.0168  -0.0187 6   DC  B C4     
349 N  N4     . DC  B 6 ? 0.1705 0.2458 0.1410 0.0336  0.0142  -0.0134 6   DC  B N4     
350 C  C5     . DC  B 6 ? 0.1710 0.2541 0.1573 0.0237  0.0143  -0.0147 6   DC  B C5     
351 C  C6     . DC  B 6 ? 0.1774 0.2620 0.1682 0.0077  0.0161  -0.0169 6   DC  B C6     
352 H  "H5'"  . DC  B 6 ? 0.3299 0.3299 0.3299 0.0000  0.0000  0.0000  6   DC  B "H5'"  
353 H  "H5''" . DC  B 6 ? 0.3299 0.3299 0.3299 0.0000  0.0000  0.0000  6   DC  B "H5''" 
354 H  "H4'"  . DC  B 6 ? 0.3100 0.3100 0.3100 0.0000  0.0000  0.0000  6   DC  B "H4'"  
355 H  "H3'"  . DC  B 6 ? 0.3075 0.3075 0.3075 0.0000  0.0000  0.0000  6   DC  B "H3'"  
356 H  "HO3'" . DC  B 6 ? 0.3193 0.3193 0.3193 0.0000  0.0000  0.0000  6   DC  B "HO3'" 
357 H  "H2'"  . DC  B 6 ? 0.2932 0.2932 0.2932 0.0000  0.0000  0.0000  6   DC  B "H2'"  
358 H  "H2''" . DC  B 6 ? 0.2932 0.2932 0.2932 0.0000  0.0000  0.0000  6   DC  B "H2''" 
359 H  "H1'"  . DC  B 6 ? 0.2764 0.2764 0.2764 0.0000  0.0000  0.0000  6   DC  B "H1'"  
360 H  H41    . DC  B 6 ? 0.2229 0.2229 0.2229 0.0000  0.0000  0.0000  6   DC  B H41    
361 H  H42    . DC  B 6 ? 0.2229 0.2229 0.2229 0.0000  0.0000  0.0000  6   DC  B H42    
362 H  H5     . DC  B 6 ? 0.2329 0.2329 0.2329 0.0000  0.0000  0.0000  6   DC  B H5     
363 H  H6     . DC  B 6 ? 0.2430 0.2430 0.2430 0.0000  0.0000  0.0000  6   DC  B H6     
364 AG AG     . AG  C . ? 0.1827 0.1869 0.1183 0.0383  0.0124  -0.0182 101 AG  A AG     
365 AG AG     . AG  D . ? 0.1698 0.1553 0.1136 0.0243  0.0326  0.0010  102 AG  A AG     
366 AG AG     . AG  E . ? 0.1375 0.1425 0.1017 0.0024  0.0280  0.0034  103 AG  A AG     
367 AG AG     . AG  F . ? 0.1808 0.2067 0.1405 0.0246  0.0000  -0.0156 104 AG  A AG     
368 AG AG     . AG  G . ? 0.1571 0.1657 0.1051 0.0047  0.0261  0.0073  105 AG  A AG     
369 AG AG     . AG  H . ? 0.1386 0.1443 0.1027 -0.0004 0.0279  0.0025  106 AG  A AG     
370 AG AG     . AG  I . ? 0.1699 0.1453 0.1072 0.0107  0.0064  -0.0084 107 AG  A AG     
371 AG AG     . AG  J . ? 0.1619 0.2018 0.1259 0.0271  0.0173  -0.0268 101 AG  B AG     
372 AG AG     . AG  K . ? 0.1579 0.1470 0.1091 0.0165  0.0320  -0.0005 102 AG  B AG     
373 AG AG     . AG  L . ? 0.1568 0.1443 0.1031 0.0066  0.0313  0.0031  103 AG  B AG     
374 AG AG     . AG  M . ? 0.1335 0.1537 0.0962 0.0028  0.0237  0.0030  104 AG  B AG     
375 AG AG     . AG  N . ? 0.3669 0.2733 0.1337 -0.0252 -0.0133 0.0083  105 AG  B AG     
376 O  O      . HOH O . ? 0.6285 0.4429 0.2271 0.2827  0.0258  0.0237  201 HOH A O      
377 O  O      . HOH O . ? 0.1330 0.1459 0.1099 -0.0025 0.0233  -0.0028 202 HOH A O      
378 O  O      . HOH O . ? 0.4219 0.3348 0.3436 0.0065  -0.0629 -0.0075 203 HOH A O      
379 O  O      . HOH O . ? 0.2336 0.1852 0.2433 -0.0084 0.0181  -0.0235 204 HOH A O      
380 O  O      . HOH O . ? 0.2641 0.3479 0.2634 0.1430  0.0809  0.0619  205 HOH A O      
381 O  O      . HOH O . ? 0.2455 0.2633 0.2382 0.0463  0.0862  0.0537  206 HOH A O      
382 O  O      . HOH O . ? 0.1823 0.3624 0.2897 0.0313  0.0021  -0.1499 207 HOH A O      
383 O  O      . HOH O . ? 0.2854 0.3278 0.2187 -0.0649 -0.0221 0.0407  208 HOH A O      
384 O  O      . HOH O . ? 0.2809 0.2868 0.2094 -0.0235 0.0548  0.0296  209 HOH A O      
385 O  O      . HOH O . ? 0.2315 0.3172 0.2474 0.0036  0.0914  0.0006  210 HOH A O      
386 O  O      . HOH O . ? 0.4802 0.2237 0.1824 0.0892  0.1234  0.0308  211 HOH A O      
387 O  O      . HOH O . ? 0.1710 0.1791 0.1565 -0.0198 0.0258  -0.0176 212 HOH A O      
388 O  O      . HOH P . ? 0.4149 0.4263 0.4783 -0.0040 -0.0029 -0.0547 201 HOH B O      
389 O  O      . HOH P . ? 0.1916 0.2099 0.1400 0.0172  0.0329  -0.0283 202 HOH B O      
390 O  O      . HOH P . ? 0.2097 0.2653 0.3280 -0.0004 0.0699  -0.0051 203 HOH B O      
391 O  O      . HOH P . ? 0.3792 0.3746 0.3451 0.0493  -0.0204 0.0486  204 HOH B O      
392 O  O      . HOH P . ? 0.2522 0.3638 0.3691 -0.0233 0.0918  -0.0214 205 HOH B O      
393 O  O      . HOH P . ? 0.4094 0.3430 0.2176 0.0608  0.1197  0.0873  206 HOH B O      
394 O  O      . HOH P . ? 0.2536 0.1895 0.2169 -0.0084 0.0483  -0.0291 207 HOH B O      
395 O  O      . HOH P . ? 0.1804 0.1986 0.1975 0.0196  -0.0182 -0.0067 208 HOH B O      
396 O  O      . HOH P . ? 0.3378 0.4093 0.3304 0.0432  0.0173  -0.0431 209 HOH B O      
397 O  O      . HOH P . ? 0.2293 0.2644 0.2072 0.0435  -0.0161 -0.0521 210 HOH B O      
398 O  O      . HOH P . ? 0.4993 0.2781 0.2692 0.1140  0.0023  0.0641  211 HOH B O      
# 
